data_1EZV
#
_entry.id   1EZV
#
_cell.length_a   214.47
_cell.length_b   163.92
_cell.length_c   147.27
_cell.angle_alpha   90
_cell.angle_beta   117.50
_cell.angle_gamma   90
#
_symmetry.space_group_name_H-M   'C 1 2 1'
#
loop_
_entity.id
_entity.type
_entity.pdbx_description
1 polymer 'UBIQUINOL-CYTOCHROME C REDUCTASE COMPLEX CORE PROTEIN I'
2 polymer 'UBIQUINOL-CYTOCHROME C REDUCTASE COMPLEX CORE PROTEIN 2'
3 polymer 'CYTOCHROME B'
4 polymer 'CYTOCHROME C1'
5 polymer 'UBIQUINOL-CYTOCHROME C REDUCTASE IRON-SULFUR SUBUNIT'
6 polymer 'UBIQUINOL-CYTOCHROME C REDUCTASE COMPLEX 17 KD PROTEIN'
7 polymer 'UBIQUINOL-CYTOCHROME C REDUCTASE COMPLEX 14 KD PROTEIN'
8 polymer 'UBIQUINOL-CYTOCHROME C REDUCTASE COMPLEX UBIQUINONE-BINDING PROTEIN QP-C'
9 polymer 'UBIQUINOL-CYTOCHROME C REDUCTASE COMPLEX 7.3 KD PROTEIN'
10 polymer 'HEAVY CHAIN (VH) OF FV-FRAGMENT'
11 polymer 'LIGHT CHAIN (VL) OF FV-FRAGMENT'
12 non-polymer 'PROTOPORPHYRIN IX CONTAINING FE'
13 non-polymer 'STIGMATELLIN A'
14 non-polymer 5-(3,7,11,15,19,23-HEXAMETHYL-TETRACOSA-2,6,10,14,18,22-HEXAENYL)-2,3-DIMETHOXY-6-METHYL-BENZENE-1,4-DIOL
15 non-polymer 'HEME C'
16 non-polymer 'FE2/S2 (INORGANIC) CLUSTER'
17 water water
#
loop_
_entity_poly.entity_id
_entity_poly.type
_entity_poly.pdbx_seq_one_letter_code
_entity_poly.pdbx_strand_id
1 'polypeptide(L)'
;AEVTQLSNGIVVATEHNPAHTASVGVVFGSGAANENPYNNGVSNLWKNIFLSKENSAVAAKEGLALSSNISRDFQSYIVS
SLPGSTDKSLDFLNQSFIQQKANLLSSSNFEATKKSVLKQVQDFEDNDHPNRVLEHLHSTAFQNTPLSLPTRGTLESLEN
LVVADLESFANNHFLNSNAVVVGTGNIKHEDLVNSIESKNLSLQTGTKPVLKKKAAFLGSEVRLRDDTLPKAWISLAVEG
EPVNSPNYFVAKLAAQIFGSYNAFEPASRLQGIKLLDNIQEYQLCDNFNHFSLSYKDSGLWGFSTATRNVTMIDDLIHFT
LKQWNRLTISVTDTEVERAKSLLKLQLGQLYESGNPVNDANLLGAEVLIKGSKLSLGEAFKKIDAITVKDVKAWAGKRLW
DQDIAIAGTGQIEGLLDYMRIRSDMSMMRW
;
A
2 'polypeptide(L)'
;LTVSARDAPTKISTLAVKVHGGSRYATKDGVAHLLNRFNFQNTNTRSALKLVRESELLGGTFKSTLDREYITLKATFLKD
DLPYYVNALADVLYKTAFKPHELTESVLPAARYDYAVAEQCPVKSAEDQLYAITFRKGLGNPLLYDGVERVSLQDIKDFA
DKVYTKENLEVSGENVVEADLKRFVDESLLSTLPAGKSLVSKSEPKFFLGEENRVRFIGDSVAAIGIPVNKASLAQYEVL
ANYLTSALSELSGLISSAKLDKFTDGGLFTLFVRDQDSAVVSSNIKKIVADLKKGKDLSPAINYTKLKNAVQNESVSSPI
ELNFDAVKDFKLGKFNYVAVGDVSNLPYLDEL
;
B
3 'polypeptide(L)'
;MAFRKSNVYLSLVNSYIIDSPQPSSINYWWNMGSLLGLCLVIQIVTGIFMAMHYSSNIELAFSSVEHIMRDVHNGYILRY
LHANGASFFFMVMFMHMAKGLYYGSYRSPRVTLWNVGVIIFTLTIATAFLGYCCVYGQMSHWGATVITNLFSAIPFVGND
IVSWLWGGFSVSNPTIQRFFALHYLVPFIIAAMVIMHLMALHIHGSSNPLGITGNLDRIPMHSYFIFKDLVTVFLFMLIL
ALFVFYSPNTLGHPDNYIPGNPLVTPASIVPEWYLLPFYAILRSIPDKLLGVITMFAAILVLLVLPFTDRSVVRGNTFKV
LSKFFFFIFVFNFVLLGQIGACHVEVPYVLMGQIATFIYFAYFLIIVPVISTIENVLFYIGRVNK
;
C
4 'polypeptide(L)'
;MTAAEHGLHAPAYAWSHNGPFETFDHASIRRGYQVYREVCAACHSLDRVAWRTLVGVSHTNEEVRNMAEEFEYDDEPDEQ
GNPKKRPGKLSDYIPGPYPNEQAARAANQGALPPDLSLIVKARHGGCDYIFSLLTGYPDEPPAGVALPPGSNYNPYFPGG
SIAMARVLFDDMVEYEDGTPATTSQMAKDVTTFLNWCAEPEHDERKRLGLKTVIILSSLYLLSIWVKKFKWAGIKTRKFV
FNPPK
;
D
5 'polypeptide(L)'
;KSTYRTPNFDDVLKENNDADKGRSYAYFMVGAMGLLSSAGAKSTVETFISSMTATADVLAMAKVEVNLAAIPLGKNVVVK
WQGKPVFIRHRTPHEIQEANSVDMSALKDPQTDADRVKDPQWLIMLGICTHLGCVPIGEAGDFGGWFCPCHGSHYDISGR
IRKGPAPLNLEIPAYEFDGDKVIVG
;
E
6 'polypeptide(L)' VTDQLEDLREHFKNTEEGKALVHHYEECAERVKIQQQQPGYADLEHKEDCVEEFFHLQHYLDTATAPRLFDKLK H
7 'polypeptide(L)'
;QSFTSIARIGDYILKSPVLSKLCVPVANQFINLAGYKKLGLKFDDLIAEENPIMQTALRRLPEDESYARAYRIIRAHQTE
LTHHLLPRNEWIKAQEDVPYLLPYILEAEAAAKEKDELDNIEVSK
;
F
8 'polypeptide(L)'
;GPPSGKTYMGWWGHMGGPKQKGITSYAVSPYAQKPLQGIFHNAVFNSFRRFKSQFLYVLIPAGIYWYWWKNGNEYNEFLY
SKAGREELERVNV
;
G
9 'polypeptide(L)' SSLYKTFFKRNAVFVGTIFAGAFVFQTVFDTAITSWYENHNKGKLWKDVKARIAA I
10 'polypeptide(L)'
;EVKLQESGAGLVQPSQSLSLTCSVTGYSITSGYYWNWIRLFPGNKLEWVGYISNVGDNNYNPSLKDRLSITRDTSKNQFF
LKLNSVTTEDTATYYCARSEYYSVTGYAMDYWGQGTTVTVSSAWRHP
;
X
11 'polypeptide(L)'
;DIELTQTPVSLAASLGDRVTISCRASQDINNFLNWYQQKPDGTIKLLIYYTSRLHAGVPSRFSGSGSGTDYSLTISNLEP
EDIATYFCQHHIKFPWTFGAGTKLEIK
;
Y
#
# COMPACT_ATOMS: atom_id res chain seq x y z
N ALA A 1 -28.21 6.67 -52.50
CA ALA A 1 -26.85 7.00 -52.01
C ALA A 1 -26.10 7.87 -52.97
N GLU A 2 -26.10 9.17 -52.75
CA GLU A 2 -25.35 10.09 -53.61
C GLU A 2 -24.62 11.15 -52.81
N VAL A 3 -23.60 11.75 -53.41
CA VAL A 3 -22.90 12.89 -52.83
C VAL A 3 -22.38 13.83 -53.91
N THR A 4 -23.22 14.75 -54.38
CA THR A 4 -22.83 15.72 -55.41
C THR A 4 -22.62 17.14 -54.86
N GLN A 5 -21.35 17.53 -54.75
CA GLN A 5 -20.96 18.83 -54.24
C GLN A 5 -20.08 19.56 -55.27
N LEU A 6 -20.52 20.76 -55.68
CA LEU A 6 -19.82 21.58 -56.66
C LEU A 6 -19.93 23.06 -56.31
N SER A 7 -18.84 23.79 -56.55
CA SER A 7 -18.70 25.20 -56.14
C SER A 7 -18.83 26.16 -57.33
N ASN A 8 -19.80 27.06 -57.25
CA ASN A 8 -20.00 28.07 -58.29
C ASN A 8 -19.27 29.35 -57.89
N GLY A 9 -20.02 30.28 -57.28
CA GLY A 9 -19.41 31.29 -56.43
C GLY A 9 -19.54 30.86 -54.98
N ILE A 10 -20.71 30.27 -54.65
CA ILE A 10 -20.91 29.61 -53.35
C ILE A 10 -20.63 28.12 -53.50
N VAL A 11 -20.60 27.38 -52.37
CA VAL A 11 -20.44 25.92 -52.45
C VAL A 11 -21.75 25.20 -52.16
N VAL A 12 -22.21 24.44 -53.16
CA VAL A 12 -23.52 23.77 -53.14
C VAL A 12 -23.37 22.26 -52.99
N ALA A 13 -24.05 21.69 -52.00
CA ALA A 13 -23.99 20.26 -51.71
C ALA A 13 -25.39 19.64 -51.62
N THR A 14 -25.58 18.54 -52.33
CA THR A 14 -26.87 17.85 -52.35
C THR A 14 -26.72 16.33 -52.24
N GLU A 15 -27.81 15.69 -51.84
CA GLU A 15 -27.91 14.23 -51.77
C GLU A 15 -29.38 13.88 -51.94
N HIS A 16 -29.72 13.35 -53.12
CA HIS A 16 -31.12 13.12 -53.44
C HIS A 16 -31.50 11.65 -53.49
N ASN A 17 -32.70 11.36 -52.97
CA ASN A 17 -33.29 10.04 -53.00
C ASN A 17 -34.82 10.23 -53.00
N PRO A 18 -35.52 9.70 -54.01
CA PRO A 18 -36.99 9.75 -54.06
C PRO A 18 -37.65 9.31 -52.76
N ALA A 19 -38.06 10.29 -51.96
CA ALA A 19 -38.71 10.03 -50.67
C ALA A 19 -40.10 10.65 -50.66
N HIS A 20 -40.18 11.94 -50.32
CA HIS A 20 -41.46 12.63 -50.24
C HIS A 20 -41.29 14.15 -50.29
N THR A 21 -40.55 14.68 -49.32
CA THR A 21 -40.34 16.11 -49.21
C THR A 21 -38.88 16.47 -49.49
N ALA A 22 -38.61 17.76 -49.62
CA ALA A 22 -37.26 18.25 -49.86
C ALA A 22 -36.88 19.33 -48.85
N SER A 23 -35.62 19.31 -48.42
CA SER A 23 -35.15 20.27 -47.43
C SER A 23 -33.98 21.07 -47.96
N VAL A 24 -34.11 22.39 -47.89
CA VAL A 24 -33.08 23.31 -48.36
C VAL A 24 -32.63 24.18 -47.19
N GLY A 25 -31.33 24.42 -47.12
CA GLY A 25 -30.80 25.26 -46.06
C GLY A 25 -29.36 25.68 -46.26
N VAL A 26 -28.97 26.75 -45.56
CA VAL A 26 -27.58 27.17 -45.51
C VAL A 26 -26.98 26.76 -44.17
N VAL A 27 -25.76 26.23 -44.24
CA VAL A 27 -25.05 25.73 -43.08
C VAL A 27 -23.71 26.48 -42.99
N PHE A 28 -23.57 27.29 -41.94
CA PHE A 28 -22.37 28.11 -41.75
C PHE A 28 -21.30 27.38 -40.94
N GLY A 29 -20.03 27.60 -41.30
CA GLY A 29 -18.92 26.93 -40.65
C GLY A 29 -18.46 27.59 -39.35
N SER A 30 -19.42 28.07 -38.58
CA SER A 30 -19.12 28.71 -37.30
C SER A 30 -20.28 28.54 -36.32
N GLY A 31 -19.95 28.05 -35.13
CA GLY A 31 -20.96 27.83 -34.11
C GLY A 31 -20.56 28.43 -32.78
N ALA A 32 -21.00 27.80 -31.69
CA ALA A 32 -20.72 28.27 -30.34
C ALA A 32 -19.23 28.24 -30.01
N ALA A 33 -18.47 27.47 -30.76
CA ALA A 33 -17.03 27.44 -30.63
C ALA A 33 -16.37 28.71 -31.17
N ASN A 34 -17.16 29.59 -31.78
CA ASN A 34 -16.63 30.81 -32.38
C ASN A 34 -17.03 32.04 -31.58
N GLU A 35 -17.92 31.85 -30.62
CA GLU A 35 -18.34 32.92 -29.73
C GLU A 35 -17.30 33.25 -28.64
N ASN A 36 -17.59 34.27 -27.85
CA ASN A 36 -16.77 34.64 -26.69
C ASN A 36 -17.46 34.17 -25.43
N PRO A 37 -16.79 34.29 -24.28
CA PRO A 37 -17.48 34.15 -22.98
C PRO A 37 -18.60 35.16 -22.81
N TYR A 38 -18.49 36.30 -23.49
CA TYR A 38 -19.35 37.44 -23.20
C TYR A 38 -20.48 37.68 -24.20
N ASN A 39 -20.32 37.18 -25.43
CA ASN A 39 -21.45 37.15 -26.36
C ASN A 39 -21.97 35.73 -26.60
N ASN A 40 -21.62 34.84 -25.67
CA ASN A 40 -22.04 33.44 -25.68
C ASN A 40 -23.55 33.31 -25.66
N GLY A 41 -24.10 32.73 -26.72
CA GLY A 41 -25.54 32.61 -26.83
C GLY A 41 -26.12 33.42 -27.98
N VAL A 42 -25.25 34.06 -28.75
CA VAL A 42 -25.68 34.87 -29.89
C VAL A 42 -26.19 34.00 -31.03
N SER A 43 -25.56 32.85 -31.25
CA SER A 43 -26.00 31.92 -32.28
C SER A 43 -27.36 31.34 -31.94
N ASN A 44 -27.57 30.98 -30.68
CA ASN A 44 -28.83 30.40 -30.26
C ASN A 44 -29.94 31.42 -30.41
N LEU A 45 -29.58 32.69 -30.22
CA LEU A 45 -30.55 33.78 -30.32
C LEU A 45 -30.92 34.03 -31.79
N TRP A 46 -29.92 33.99 -32.67
CA TRP A 46 -30.14 34.01 -34.11
C TRP A 46 -31.12 32.95 -34.54
N LYS A 47 -30.86 31.70 -34.12
CA LYS A 47 -31.75 30.59 -34.40
C LYS A 47 -33.19 30.90 -34.03
N ASN A 48 -33.37 31.57 -32.89
CA ASN A 48 -34.68 31.72 -32.29
C ASN A 48 -35.55 32.82 -32.91
N ILE A 49 -34.92 33.82 -33.51
CA ILE A 49 -35.67 34.81 -34.27
C ILE A 49 -35.98 34.30 -35.68
N PHE A 50 -35.06 33.51 -36.23
CA PHE A 50 -35.29 32.83 -37.51
C PHE A 50 -36.54 31.95 -37.44
N LEU A 51 -36.90 31.52 -36.24
CA LEU A 51 -38.08 30.69 -36.03
C LEU A 51 -39.19 31.44 -35.31
N SER A 52 -39.05 32.76 -35.22
CA SER A 52 -40.03 33.60 -34.52
C SER A 52 -41.39 33.58 -35.21
N LYS A 53 -42.44 33.89 -34.45
CA LYS A 53 -43.82 33.84 -34.95
C LYS A 53 -44.00 34.68 -36.21
N GLU A 54 -43.26 35.78 -36.32
CA GLU A 54 -43.32 36.65 -37.49
C GLU A 54 -42.78 35.97 -38.74
N ASN A 55 -41.54 35.47 -38.65
CA ASN A 55 -40.90 34.83 -39.79
C ASN A 55 -41.52 33.48 -40.09
N SER A 56 -42.09 32.85 -39.06
CA SER A 56 -42.61 31.49 -39.17
C SER A 56 -44.00 31.46 -39.79
N ALA A 57 -44.73 32.56 -39.65
CA ALA A 57 -46.06 32.69 -40.28
C ALA A 57 -45.94 32.99 -41.78
N VAL A 58 -44.91 33.76 -42.14
CA VAL A 58 -44.63 34.09 -43.53
C VAL A 58 -44.26 32.84 -44.32
N ALA A 59 -43.67 31.86 -43.64
CA ALA A 59 -43.30 30.59 -44.25
C ALA A 59 -44.48 29.60 -44.30
N ALA A 60 -45.35 29.68 -43.30
CA ALA A 60 -46.47 28.75 -43.19
C ALA A 60 -47.61 29.09 -44.15
N LYS A 61 -47.71 30.37 -44.53
CA LYS A 61 -48.61 30.79 -45.59
C LYS A 61 -48.22 30.11 -46.89
N GLU A 62 -46.92 30.14 -47.19
CA GLU A 62 -46.37 29.58 -48.41
C GLU A 62 -46.30 28.05 -48.35
N GLY A 63 -46.66 27.48 -47.20
CA GLY A 63 -46.60 26.04 -47.02
C GLY A 63 -45.20 25.52 -46.80
N LEU A 64 -44.37 26.30 -46.10
CA LEU A 64 -42.99 25.94 -45.81
C LEU A 64 -42.81 25.70 -44.30
N ALA A 65 -41.91 24.79 -43.94
CA ALA A 65 -41.63 24.50 -42.54
C ALA A 65 -40.19 24.83 -42.16
N LEU A 66 -40.00 25.42 -40.98
CA LEU A 66 -38.71 25.95 -40.57
C LEU A 66 -38.01 25.11 -39.51
N SER A 67 -36.68 25.02 -39.64
CA SER A 67 -35.86 24.23 -38.74
C SER A 67 -34.46 24.84 -38.62
N SER A 68 -33.93 24.89 -37.39
CA SER A 68 -32.57 25.36 -37.17
C SER A 68 -31.86 24.59 -36.06
N ASN A 69 -30.54 24.54 -36.15
CA ASN A 69 -29.72 23.81 -35.18
C ASN A 69 -28.38 24.52 -34.94
N ILE A 70 -28.12 24.84 -33.67
CA ILE A 70 -26.85 25.39 -33.25
C ILE A 70 -25.96 24.30 -32.65
N SER A 71 -24.76 24.16 -33.19
CA SER A 71 -23.79 23.18 -32.70
C SER A 71 -22.52 23.91 -32.28
N ARG A 72 -21.44 23.17 -32.11
CA ARG A 72 -20.19 23.77 -31.68
C ARG A 72 -19.39 24.28 -32.86
N ASP A 73 -19.19 23.42 -33.86
CA ASP A 73 -18.36 23.77 -35.02
C ASP A 73 -19.13 24.52 -36.10
N PHE A 74 -20.45 24.39 -36.09
CA PHE A 74 -21.26 24.86 -37.20
C PHE A 74 -22.63 25.35 -36.76
N GLN A 75 -23.44 25.73 -37.77
CA GLN A 75 -24.71 26.40 -37.54
C GLN A 75 -25.55 26.25 -38.82
N SER A 76 -26.84 25.97 -38.67
CA SER A 76 -27.66 25.64 -39.83
C SER A 76 -29.06 26.23 -39.77
N TYR A 77 -29.51 26.76 -40.91
CA TYR A 77 -30.85 27.31 -41.06
C TYR A 77 -31.53 26.63 -42.25
N ILE A 78 -32.66 25.98 -41.99
CA ILE A 78 -33.22 24.99 -42.89
C ILE A 78 -34.72 25.18 -43.12
N VAL A 79 -35.13 25.10 -44.38
CA VAL A 79 -36.53 25.14 -44.74
C VAL A 79 -36.90 23.86 -45.48
N SER A 80 -37.98 23.22 -45.05
CA SER A 80 -38.48 22.01 -45.69
C SER A 80 -39.68 22.33 -46.58
N SER A 81 -39.63 21.87 -47.82
CA SER A 81 -40.68 22.14 -48.81
C SER A 81 -41.38 20.86 -49.26
N LEU A 82 -42.33 21.02 -50.17
CA LEU A 82 -43.07 19.90 -50.73
C LEU A 82 -42.83 19.83 -52.23
N PRO A 83 -42.15 18.78 -52.71
CA PRO A 83 -40.83 18.82 -53.33
C PRO A 83 -40.74 19.65 -54.63
N GLY A 84 -41.91 19.95 -55.20
CA GLY A 84 -41.96 20.84 -56.35
C GLY A 84 -41.75 22.31 -55.99
N SER A 85 -41.93 22.63 -54.71
CA SER A 85 -41.71 23.99 -54.22
C SER A 85 -40.26 24.23 -53.80
N THR A 86 -39.35 23.51 -54.44
CA THR A 86 -37.92 23.64 -54.16
C THR A 86 -37.36 25.02 -54.50
N ASP A 87 -38.15 25.80 -55.25
CA ASP A 87 -37.77 27.15 -55.65
C ASP A 87 -38.26 28.17 -54.62
N LYS A 88 -39.45 27.92 -54.08
CA LYS A 88 -40.06 28.83 -53.11
C LYS A 88 -39.42 28.73 -51.73
N SER A 89 -38.54 27.74 -51.54
CA SER A 89 -37.73 27.65 -50.33
C SER A 89 -36.50 28.54 -50.44
N LEU A 90 -35.93 28.59 -51.63
CA LEU A 90 -34.80 29.47 -51.92
C LEU A 90 -35.20 30.94 -51.90
N ASP A 91 -36.48 31.20 -52.17
CA ASP A 91 -37.03 32.55 -52.05
C ASP A 91 -37.05 32.99 -50.59
N PHE A 92 -37.49 32.09 -49.72
CA PHE A 92 -37.61 32.37 -48.30
C PHE A 92 -36.25 32.47 -47.63
N LEU A 93 -35.26 31.75 -48.16
CA LEU A 93 -33.91 31.80 -47.65
C LEU A 93 -33.27 33.16 -47.90
N ASN A 94 -33.43 33.67 -49.13
CA ASN A 94 -32.83 34.94 -49.52
C ASN A 94 -33.64 36.15 -49.05
N GLN A 95 -34.96 36.01 -49.01
CA GLN A 95 -35.84 37.04 -48.47
C GLN A 95 -35.60 37.23 -46.97
N SER A 96 -34.93 36.26 -46.35
CA SER A 96 -34.56 36.35 -44.94
C SER A 96 -33.12 36.78 -44.75
N PHE A 97 -32.19 36.17 -45.48
CA PHE A 97 -30.76 36.41 -45.28
C PHE A 97 -30.16 37.51 -46.15
N ILE A 98 -31.02 38.36 -46.73
CA ILE A 98 -30.59 39.59 -47.39
C ILE A 98 -31.57 40.71 -47.09
N GLN A 99 -32.85 40.46 -47.35
CA GLN A 99 -33.89 41.46 -47.16
C GLN A 99 -34.26 41.58 -45.68
N GLN A 100 -34.76 40.49 -45.10
CA GLN A 100 -35.33 40.52 -43.75
C GLN A 100 -34.29 40.42 -42.63
N LYS A 101 -33.02 40.27 -42.99
CA LYS A 101 -31.94 40.27 -42.01
C LYS A 101 -31.64 41.70 -41.52
N ALA A 102 -32.61 42.59 -41.74
CA ALA A 102 -32.62 43.94 -41.17
C ALA A 102 -34.03 44.26 -40.67
N ASN A 103 -34.94 43.30 -40.82
CA ASN A 103 -36.33 43.47 -40.42
C ASN A 103 -36.74 42.47 -39.33
N LEU A 104 -35.96 41.41 -39.19
CA LEU A 104 -36.19 40.41 -38.14
C LEU A 104 -35.78 40.95 -36.78
N LEU A 105 -34.81 41.86 -36.79
CA LEU A 105 -34.28 42.44 -35.56
C LEU A 105 -35.01 43.74 -35.20
N SER A 106 -36.34 43.68 -35.20
CA SER A 106 -37.17 44.81 -34.76
C SER A 106 -37.32 44.76 -33.24
N SER A 107 -37.40 45.93 -32.62
CA SER A 107 -37.36 46.07 -31.16
C SER A 107 -38.32 45.16 -30.41
N SER A 108 -39.55 45.04 -30.90
CA SER A 108 -40.58 44.24 -30.23
C SER A 108 -40.40 42.74 -30.46
N ASN A 109 -39.80 42.38 -31.59
CA ASN A 109 -39.53 40.99 -31.93
C ASN A 109 -38.36 40.46 -31.12
N PHE A 110 -37.30 41.27 -31.03
CA PHE A 110 -36.08 40.89 -30.32
C PHE A 110 -36.33 40.70 -28.82
N GLU A 111 -37.11 41.60 -28.23
CA GLU A 111 -37.38 41.57 -26.79
C GLU A 111 -38.28 40.40 -26.39
N ALA A 112 -39.16 39.98 -27.29
CA ALA A 112 -40.06 38.86 -27.03
C ALA A 112 -39.38 37.53 -27.32
N THR A 113 -38.31 37.57 -28.11
CA THR A 113 -37.50 36.39 -28.39
C THR A 113 -36.45 36.17 -27.31
N LYS A 114 -35.79 37.26 -26.90
CA LYS A 114 -34.83 37.22 -25.82
C LYS A 114 -35.49 36.77 -24.52
N LYS A 115 -36.73 37.17 -24.30
CA LYS A 115 -37.49 36.75 -23.13
C LYS A 115 -37.84 35.25 -23.20
N SER A 116 -37.84 34.70 -24.41
CA SER A 116 -38.22 33.30 -24.62
C SER A 116 -37.04 32.33 -24.59
N VAL A 117 -35.85 32.79 -24.97
CA VAL A 117 -34.65 31.99 -24.83
C VAL A 117 -34.09 32.07 -23.42
N LEU A 118 -34.59 33.03 -22.65
CA LEU A 118 -34.20 33.15 -21.25
C LEU A 118 -34.99 32.17 -20.40
N LYS A 119 -36.29 32.05 -20.67
CA LYS A 119 -37.11 31.03 -20.03
C LYS A 119 -36.68 29.64 -20.52
N GLN A 120 -36.06 29.62 -21.68
CA GLN A 120 -35.66 28.38 -22.36
C GLN A 120 -34.38 27.83 -21.75
N VAL A 121 -33.36 28.67 -21.66
CA VAL A 121 -32.06 28.25 -21.13
C VAL A 121 -32.11 28.06 -19.62
N GLN A 122 -32.99 28.81 -18.95
CA GLN A 122 -33.22 28.64 -17.52
C GLN A 122 -33.86 27.30 -17.23
N ASP A 123 -34.85 26.93 -18.03
CA ASP A 123 -35.58 25.66 -17.89
C ASP A 123 -34.63 24.48 -18.04
N PHE A 124 -33.66 24.64 -18.94
CA PHE A 124 -32.64 23.65 -19.22
C PHE A 124 -31.78 23.38 -17.98
N GLU A 125 -31.26 24.46 -17.40
CA GLU A 125 -30.39 24.39 -16.24
C GLU A 125 -31.11 23.89 -15.00
N ASP A 126 -32.40 24.17 -14.90
CA ASP A 126 -33.21 23.76 -13.75
C ASP A 126 -33.58 22.27 -13.78
N ASN A 127 -33.73 21.70 -14.98
CA ASN A 127 -34.41 20.42 -15.12
C ASN A 127 -33.73 19.35 -15.97
N ASP A 128 -33.00 19.74 -17.01
CA ASP A 128 -32.39 18.75 -17.89
C ASP A 128 -31.00 18.38 -17.40
N HIS A 129 -30.96 17.50 -16.42
CA HIS A 129 -29.74 17.19 -15.68
C HIS A 129 -28.71 16.36 -16.47
N PRO A 130 -29.18 15.41 -17.30
CA PRO A 130 -28.20 14.68 -18.14
C PRO A 130 -27.46 15.54 -19.16
N ASN A 131 -28.19 16.42 -19.86
CA ASN A 131 -27.57 17.26 -20.88
C ASN A 131 -26.84 18.44 -20.24
N ARG A 132 -27.39 18.92 -19.14
CA ARG A 132 -26.74 19.90 -18.27
C ARG A 132 -25.36 19.41 -17.83
N VAL A 133 -25.29 18.16 -17.36
CA VAL A 133 -24.03 17.57 -16.96
C VAL A 133 -23.08 17.40 -18.15
N LEU A 134 -23.61 16.93 -19.28
CA LEU A 134 -22.78 16.72 -20.47
C LEU A 134 -22.24 18.03 -21.02
N GLU A 135 -23.03 19.10 -20.88
CA GLU A 135 -22.59 20.43 -21.31
C GLU A 135 -21.48 20.97 -20.41
N HIS A 136 -21.61 20.77 -19.10
CA HIS A 136 -20.53 21.11 -18.16
C HIS A 136 -19.27 20.25 -18.32
N LEU A 137 -19.44 19.02 -18.82
CA LEU A 137 -18.30 18.18 -19.15
C LEU A 137 -17.41 18.85 -20.18
N HIS A 138 -18.02 19.38 -21.25
CA HIS A 138 -17.30 20.13 -22.29
C HIS A 138 -16.70 21.40 -21.69
N SER A 139 -17.46 22.01 -20.79
CA SER A 139 -17.01 23.22 -20.14
C SER A 139 -15.71 23.06 -19.36
N THR A 140 -15.58 21.98 -18.58
CA THR A 140 -14.36 21.79 -17.81
C THR A 140 -13.27 21.09 -18.61
N ALA A 141 -13.66 20.15 -19.46
CA ALA A 141 -12.71 19.40 -20.27
C ALA A 141 -11.91 20.32 -21.18
N PHE A 142 -12.59 21.37 -21.68
CA PHE A 142 -12.02 22.25 -22.69
C PHE A 142 -11.95 23.70 -22.19
N GLN A 143 -11.82 23.88 -20.88
CA GLN A 143 -11.89 25.21 -20.26
C GLN A 143 -10.93 26.23 -20.89
N ASN A 144 -11.41 27.47 -21.01
CA ASN A 144 -10.64 28.59 -21.56
C ASN A 144 -10.15 28.31 -22.98
N THR A 145 -11.09 27.81 -23.79
CA THR A 145 -10.80 27.22 -25.08
C THR A 145 -12.17 27.08 -25.75
N PRO A 146 -12.22 27.19 -27.09
CA PRO A 146 -13.49 27.40 -27.81
C PRO A 146 -14.58 26.36 -27.55
N LEU A 147 -14.18 25.11 -27.36
CA LEU A 147 -15.13 24.01 -27.16
C LEU A 147 -15.82 24.04 -25.78
N SER A 148 -15.39 24.93 -24.91
CA SER A 148 -15.95 25.00 -23.55
C SER A 148 -17.27 25.77 -23.49
N LEU A 149 -17.51 26.60 -24.49
CA LEU A 149 -18.73 27.42 -24.53
C LEU A 149 -19.95 26.55 -24.82
N PRO A 150 -20.99 26.67 -23.98
CA PRO A 150 -22.24 25.93 -24.22
C PRO A 150 -23.04 26.50 -25.38
N THR A 151 -23.78 25.63 -26.07
CA THR A 151 -24.43 25.96 -27.33
C THR A 151 -25.62 26.90 -27.16
N ARG A 152 -26.31 26.75 -26.03
CA ARG A 152 -27.47 27.58 -25.72
C ARG A 152 -27.03 28.92 -25.09
N GLY A 153 -25.73 29.05 -24.84
CA GLY A 153 -25.23 30.20 -24.12
C GLY A 153 -25.58 30.20 -22.63
N THR A 154 -24.97 31.11 -21.87
CA THR A 154 -25.22 31.20 -20.44
C THR A 154 -26.22 32.30 -20.13
N LEU A 155 -26.95 32.16 -19.03
CA LEU A 155 -27.99 33.12 -18.66
C LEU A 155 -27.48 34.56 -18.56
N GLU A 156 -26.20 34.71 -18.24
CA GLU A 156 -25.64 36.03 -17.97
C GLU A 156 -25.12 36.75 -19.20
N SER A 157 -24.59 35.98 -20.15
CA SER A 157 -24.19 36.55 -21.43
C SER A 157 -25.42 36.79 -22.30
N LEU A 158 -26.47 36.02 -22.05
CA LEU A 158 -27.71 36.10 -22.82
C LEU A 158 -28.49 37.37 -22.50
N GLU A 159 -28.71 37.63 -21.22
CA GLU A 159 -29.53 38.77 -20.81
C GLU A 159 -28.84 40.12 -21.03
N ASN A 160 -27.55 40.08 -21.35
CA ASN A 160 -26.78 41.29 -21.62
C ASN A 160 -26.49 41.42 -23.11
N LEU A 161 -27.22 40.68 -23.92
CA LEU A 161 -27.02 40.70 -25.38
C LEU A 161 -27.94 41.73 -26.03
N VAL A 162 -27.40 42.47 -27.00
CA VAL A 162 -28.18 43.45 -27.75
C VAL A 162 -28.19 43.16 -29.25
N VAL A 163 -29.01 43.90 -29.98
CA VAL A 163 -29.17 43.77 -31.44
C VAL A 163 -27.84 43.90 -32.18
N ALA A 164 -26.96 44.75 -31.67
CA ALA A 164 -25.66 44.99 -32.29
C ALA A 164 -24.71 43.79 -32.21
N ASP A 165 -24.92 42.93 -31.20
CA ASP A 165 -24.13 41.72 -31.02
C ASP A 165 -24.52 40.66 -32.04
N LEU A 166 -25.83 40.50 -32.25
CA LEU A 166 -26.35 39.71 -33.35
C LEU A 166 -25.73 40.17 -34.66
N GLU A 167 -25.79 41.49 -34.87
CA GLU A 167 -25.28 42.13 -36.08
C GLU A 167 -23.81 41.85 -36.32
N SER A 168 -22.99 42.16 -35.32
CA SER A 168 -21.54 41.98 -35.41
C SER A 168 -21.15 40.53 -35.68
N PHE A 169 -21.86 39.60 -35.07
CA PHE A 169 -21.63 38.18 -35.30
C PHE A 169 -22.03 37.79 -36.74
N ALA A 170 -23.23 38.18 -37.13
CA ALA A 170 -23.73 37.93 -38.48
C ALA A 170 -22.83 38.51 -39.57
N ASN A 171 -22.18 39.63 -39.27
CA ASN A 171 -21.30 40.30 -40.22
C ASN A 171 -19.91 39.69 -40.31
N ASN A 172 -19.60 38.79 -39.38
CA ASN A 172 -18.28 38.17 -39.32
C ASN A 172 -18.28 36.69 -39.64
N HIS A 173 -19.46 36.07 -39.63
CA HIS A 173 -19.56 34.62 -39.74
C HIS A 173 -20.56 34.14 -40.79
N PHE A 174 -21.61 34.93 -41.02
CA PHE A 174 -22.59 34.62 -42.07
C PHE A 174 -22.05 35.04 -43.44
N LEU A 175 -20.76 34.79 -43.66
CA LEU A 175 -20.11 35.16 -44.91
C LEU A 175 -20.20 34.04 -45.94
N ASN A 176 -19.67 34.32 -47.13
CA ASN A 176 -19.74 33.38 -48.25
C ASN A 176 -18.73 32.26 -48.10
N SER A 177 -17.51 32.62 -47.69
CA SER A 177 -16.43 31.65 -47.53
C SER A 177 -16.63 30.77 -46.27
N ASN A 178 -17.62 31.14 -45.46
CA ASN A 178 -17.96 30.36 -44.27
C ASN A 178 -19.38 29.80 -44.40
N ALA A 179 -19.77 29.47 -45.64
CA ALA A 179 -21.11 28.98 -45.90
C ALA A 179 -21.11 27.79 -46.84
N VAL A 180 -22.12 26.95 -46.70
CA VAL A 180 -22.45 25.89 -47.64
C VAL A 180 -23.96 25.83 -47.74
N VAL A 181 -24.47 25.79 -48.97
CA VAL A 181 -25.91 25.60 -49.18
C VAL A 181 -26.19 24.12 -49.46
N VAL A 182 -27.14 23.57 -48.70
CA VAL A 182 -27.38 22.15 -48.67
C VAL A 182 -28.81 21.83 -49.07
N GLY A 183 -28.96 20.81 -49.91
CA GLY A 183 -30.28 20.34 -50.29
C GLY A 183 -30.38 18.84 -50.18
N THR A 184 -31.32 18.38 -49.36
CA THR A 184 -31.63 16.96 -49.26
C THR A 184 -33.12 16.77 -49.51
N GLY A 185 -33.52 15.51 -49.72
CA GLY A 185 -34.91 15.24 -50.04
C GLY A 185 -35.02 14.33 -51.24
N ASN A 186 -35.42 14.88 -52.38
CA ASN A 186 -35.46 14.11 -53.63
C ASN A 186 -34.99 14.94 -54.83
N ILE A 187 -34.79 16.24 -54.59
CA ILE A 187 -34.45 17.18 -55.64
C ILE A 187 -33.02 17.01 -56.17
N LYS A 188 -32.87 17.11 -57.49
CA LYS A 188 -31.58 16.90 -58.15
C LYS A 188 -30.56 17.98 -57.80
N HIS A 189 -29.30 17.72 -58.12
CA HIS A 189 -28.23 18.69 -57.95
C HIS A 189 -28.40 19.85 -58.93
N GLU A 190 -28.65 19.50 -60.20
CA GLU A 190 -28.83 20.49 -61.25
C GLU A 190 -30.19 21.16 -61.19
N ASP A 191 -31.08 20.63 -60.36
CA ASP A 191 -32.38 21.25 -60.12
C ASP A 191 -32.23 22.43 -59.16
N LEU A 192 -31.22 22.36 -58.30
CA LEU A 192 -31.01 23.36 -57.26
C LEU A 192 -29.91 24.36 -57.65
N VAL A 193 -28.81 23.83 -58.19
CA VAL A 193 -27.64 24.63 -58.50
C VAL A 193 -27.91 25.67 -59.60
N ASN A 194 -28.92 25.41 -60.42
CA ASN A 194 -29.33 26.33 -61.47
C ASN A 194 -30.19 27.45 -60.90
N SER A 195 -31.04 27.11 -59.94
CA SER A 195 -31.88 28.10 -59.25
C SER A 195 -31.02 29.01 -58.36
N ILE A 196 -29.81 28.56 -58.06
CA ILE A 196 -28.86 29.34 -57.29
C ILE A 196 -28.01 30.24 -58.20
N GLU A 197 -27.54 29.68 -59.30
CA GLU A 197 -26.76 30.43 -60.28
C GLU A 197 -27.68 31.29 -61.17
N SER A 198 -28.99 31.17 -60.95
CA SER A 198 -29.99 32.06 -61.56
C SER A 198 -29.73 33.50 -61.13
N LYS A 199 -29.90 33.75 -59.83
CA LYS A 199 -29.59 35.06 -59.26
C LYS A 199 -28.10 35.13 -58.90
N ASN A 200 -27.46 36.23 -59.29
CA ASN A 200 -26.08 36.47 -58.90
C ASN A 200 -26.02 37.22 -57.57
N LEU A 201 -25.27 38.31 -57.53
CA LEU A 201 -25.12 39.13 -56.32
C LEU A 201 -24.47 38.34 -55.18
N SER A 202 -23.22 38.66 -54.88
CA SER A 202 -22.40 37.84 -53.97
C SER A 202 -22.64 38.13 -52.49
N LEU A 203 -22.75 39.42 -52.14
CA LEU A 203 -22.95 39.88 -50.76
C LEU A 203 -21.78 39.52 -49.83
N GLN A 204 -20.91 40.50 -49.59
CA GLN A 204 -19.78 40.37 -48.68
C GLN A 204 -18.81 39.25 -49.03
N THR A 205 -18.60 39.05 -50.33
CA THR A 205 -17.64 38.05 -50.79
C THR A 205 -16.22 38.60 -50.74
N GLY A 206 -15.27 37.74 -50.35
CA GLY A 206 -13.90 38.18 -50.15
C GLY A 206 -13.56 38.37 -48.68
N THR A 207 -14.59 38.41 -47.85
CA THR A 207 -14.40 38.59 -46.41
C THR A 207 -14.24 37.25 -45.70
N LYS A 208 -13.15 37.11 -44.95
CA LYS A 208 -12.91 35.93 -44.12
C LYS A 208 -13.47 36.19 -42.72
N PRO A 209 -13.68 35.12 -41.92
CA PRO A 209 -14.02 35.29 -40.50
C PRO A 209 -12.84 35.82 -39.68
N VAL A 210 -12.85 35.55 -38.39
CA VAL A 210 -11.70 35.89 -37.55
C VAL A 210 -11.09 34.61 -36.98
N LEU A 211 -9.77 34.52 -37.03
CA LEU A 211 -9.03 33.37 -36.53
C LEU A 211 -8.98 33.40 -34.99
N LYS A 212 -8.45 32.34 -34.39
CA LYS A 212 -8.52 32.17 -32.93
C LYS A 212 -7.30 31.46 -32.33
N LYS A 213 -7.54 30.65 -31.30
CA LYS A 213 -6.51 29.81 -30.67
C LYS A 213 -7.08 28.39 -30.44
N LYS A 214 -6.23 27.37 -30.63
CA LYS A 214 -6.68 25.99 -30.74
C LYS A 214 -7.24 25.37 -29.45
N ALA A 215 -8.20 24.46 -29.61
CA ALA A 215 -8.84 23.78 -28.49
C ALA A 215 -7.93 22.73 -27.85
N ALA A 216 -7.98 22.62 -26.52
CA ALA A 216 -7.15 21.69 -25.78
C ALA A 216 -7.89 21.05 -24.61
N PHE A 217 -7.63 19.75 -24.42
CA PHE A 217 -8.20 18.99 -23.31
C PHE A 217 -7.39 19.23 -22.04
N LEU A 218 -8.08 19.56 -20.96
CA LEU A 218 -7.44 19.66 -19.66
C LEU A 218 -8.15 18.73 -18.67
N GLY A 219 -7.39 17.78 -18.12
CA GLY A 219 -7.94 16.86 -17.13
C GLY A 219 -8.38 17.57 -15.87
N SER A 220 -9.66 17.45 -15.53
CA SER A 220 -10.27 18.29 -14.51
C SER A 220 -11.68 17.84 -14.20
N GLU A 221 -12.35 18.54 -13.30
CA GLU A 221 -13.71 18.17 -12.91
C GLU A 221 -14.50 19.39 -12.47
N VAL A 222 -15.83 19.32 -12.64
CA VAL A 222 -16.74 20.28 -12.03
C VAL A 222 -17.85 19.49 -11.33
N ARG A 223 -18.04 19.77 -10.05
CA ARG A 223 -18.98 18.96 -9.27
C ARG A 223 -20.15 19.84 -8.81
N LEU A 224 -21.32 19.57 -9.36
CA LEU A 224 -22.50 20.39 -9.13
C LEU A 224 -23.43 19.73 -8.11
N ARG A 225 -22.90 19.46 -6.92
CA ARG A 225 -23.64 18.72 -5.89
C ARG A 225 -24.99 19.36 -5.62
N ASP A 226 -26.03 18.55 -5.62
CA ASP A 226 -27.35 18.99 -5.22
C ASP A 226 -28.08 17.82 -4.55
N ASP A 227 -28.14 17.84 -3.22
CA ASP A 227 -28.71 16.73 -2.46
C ASP A 227 -30.24 16.65 -2.55
N THR A 228 -30.86 17.65 -3.17
CA THR A 228 -32.33 17.66 -3.26
C THR A 228 -32.83 16.91 -4.51
N LEU A 229 -31.95 16.70 -5.47
CA LEU A 229 -32.27 15.88 -6.63
C LEU A 229 -32.33 14.40 -6.26
N PRO A 230 -33.25 13.62 -6.87
CA PRO A 230 -33.45 12.24 -6.43
C PRO A 230 -32.42 11.24 -6.96
N LYS A 231 -31.52 11.71 -7.82
CA LYS A 231 -30.50 10.84 -8.44
C LYS A 231 -29.11 11.49 -8.47
N ALA A 232 -28.12 10.73 -8.94
CA ALA A 232 -26.85 11.32 -9.38
C ALA A 232 -26.68 11.10 -10.87
N TRP A 233 -26.22 12.13 -11.56
CA TRP A 233 -25.97 12.08 -13.00
C TRP A 233 -24.51 12.43 -13.21
N ILE A 234 -23.75 11.54 -13.83
CA ILE A 234 -22.35 11.82 -14.02
C ILE A 234 -21.92 11.53 -15.46
N SER A 235 -20.93 12.27 -15.93
CA SER A 235 -20.31 12.02 -17.21
C SER A 235 -18.80 12.06 -17.00
N LEU A 236 -18.09 11.20 -17.72
CA LEU A 236 -16.66 11.04 -17.51
C LEU A 236 -16.06 10.70 -18.87
N ALA A 237 -14.97 11.37 -19.22
CA ALA A 237 -14.41 11.21 -20.56
C ALA A 237 -12.91 11.46 -20.62
N VAL A 238 -12.26 10.85 -21.59
CA VAL A 238 -10.90 11.22 -21.97
C VAL A 238 -10.93 12.06 -23.25
N GLU A 239 -9.79 12.63 -23.64
CA GLU A 239 -9.71 13.28 -24.95
C GLU A 239 -9.91 12.25 -26.05
N GLY A 240 -10.97 12.44 -26.83
CA GLY A 240 -11.25 11.54 -27.94
C GLY A 240 -10.67 12.01 -29.28
N GLU A 241 -11.39 11.71 -30.35
CA GLU A 241 -10.90 11.98 -31.71
C GLU A 241 -11.63 13.13 -32.39
N PRO A 242 -10.89 13.99 -33.10
CA PRO A 242 -11.53 14.93 -34.04
C PRO A 242 -12.06 14.20 -35.27
N VAL A 243 -13.04 14.80 -35.94
CA VAL A 243 -13.45 14.30 -37.27
C VAL A 243 -12.26 14.37 -38.21
N ASN A 244 -12.13 13.37 -39.07
CA ASN A 244 -10.96 13.24 -39.95
C ASN A 244 -9.71 12.85 -39.16
N SER A 245 -9.93 12.11 -38.07
CA SER A 245 -8.87 11.35 -37.42
C SER A 245 -8.83 9.97 -38.09
N PRO A 246 -7.62 9.42 -38.27
CA PRO A 246 -7.44 8.01 -38.63
C PRO A 246 -8.20 7.04 -37.72
N ASN A 247 -8.28 7.39 -36.43
CA ASN A 247 -8.95 6.54 -35.47
C ASN A 247 -10.38 6.98 -35.17
N TYR A 248 -10.96 7.77 -36.08
CA TYR A 248 -12.34 8.21 -35.94
C TYR A 248 -13.27 7.03 -35.72
N PHE A 249 -13.05 5.95 -36.45
CA PHE A 249 -13.94 4.79 -36.40
C PHE A 249 -13.56 3.80 -35.31
N VAL A 250 -12.26 3.65 -35.05
CA VAL A 250 -11.79 2.83 -33.95
C VAL A 250 -12.38 3.32 -32.61
N ALA A 251 -12.42 4.64 -32.44
CA ALA A 251 -12.98 5.26 -31.25
C ALA A 251 -14.47 4.98 -31.14
N LYS A 252 -15.20 5.17 -32.23
CA LYS A 252 -16.64 4.96 -32.26
C LYS A 252 -17.00 3.50 -31.99
N LEU A 253 -16.15 2.59 -32.45
CA LEU A 253 -16.34 1.16 -32.25
C LEU A 253 -16.11 0.80 -30.78
N ALA A 254 -15.02 1.32 -30.21
CA ALA A 254 -14.69 1.16 -28.80
C ALA A 254 -15.85 1.57 -27.88
N ALA A 255 -16.58 2.60 -28.26
CA ALA A 255 -17.71 3.06 -27.47
C ALA A 255 -18.89 2.11 -27.60
N GLN A 256 -18.96 1.41 -28.73
CA GLN A 256 -20.07 0.51 -29.00
C GLN A 256 -19.89 -0.80 -28.24
N ILE A 257 -18.64 -1.14 -27.93
CA ILE A 257 -18.32 -2.32 -27.13
C ILE A 257 -19.04 -2.27 -25.78
N PHE A 258 -19.06 -1.10 -25.15
CA PHE A 258 -19.70 -0.94 -23.85
C PHE A 258 -21.12 -0.39 -24.01
N GLY A 259 -21.34 0.32 -25.11
CA GLY A 259 -22.69 0.61 -25.56
C GLY A 259 -23.51 1.42 -24.58
N SER A 260 -24.80 1.16 -24.56
CA SER A 260 -25.69 1.89 -23.67
C SER A 260 -26.65 0.93 -23.01
N TYR A 261 -27.27 1.36 -21.92
CA TYR A 261 -28.00 0.46 -21.06
C TYR A 261 -29.17 1.14 -20.37
N ASN A 262 -30.21 0.36 -20.11
CA ASN A 262 -31.42 0.85 -19.45
C ASN A 262 -31.92 -0.33 -18.60
N ALA A 263 -31.81 -0.17 -17.29
CA ALA A 263 -32.11 -1.23 -16.34
C ALA A 263 -33.55 -1.72 -16.39
N PHE A 264 -34.46 -0.90 -16.90
CA PHE A 264 -35.87 -1.25 -16.87
C PHE A 264 -36.37 -1.96 -18.14
N GLU A 265 -35.55 -1.91 -19.19
CA GLU A 265 -35.84 -2.60 -20.45
C GLU A 265 -35.25 -4.02 -20.44
N PRO A 266 -36.11 -5.05 -20.34
CA PRO A 266 -35.71 -6.46 -20.28
C PRO A 266 -34.63 -6.84 -21.30
N ALA A 267 -34.80 -6.38 -22.53
CA ALA A 267 -33.85 -6.67 -23.60
C ALA A 267 -32.48 -6.10 -23.32
N SER A 268 -32.44 -4.94 -22.67
CA SER A 268 -31.18 -4.23 -22.43
C SER A 268 -30.29 -5.00 -21.44
N ARG A 269 -30.94 -5.68 -20.50
CA ARG A 269 -30.23 -6.45 -19.49
C ARG A 269 -29.55 -7.69 -20.08
N LEU A 270 -29.83 -7.98 -21.35
CA LEU A 270 -29.38 -9.22 -21.95
C LEU A 270 -28.26 -9.04 -22.98
N GLN A 271 -27.87 -7.79 -23.22
CA GLN A 271 -26.82 -7.53 -24.20
C GLN A 271 -25.49 -8.22 -23.90
N GLY A 272 -24.71 -8.43 -24.96
CA GLY A 272 -23.41 -9.05 -24.85
C GLY A 272 -22.35 -8.07 -24.38
N ILE A 273 -22.56 -7.53 -23.18
CA ILE A 273 -21.62 -6.58 -22.59
C ILE A 273 -21.19 -7.10 -21.22
N LYS A 274 -19.88 -7.33 -21.07
CA LYS A 274 -19.34 -7.93 -19.85
C LYS A 274 -19.55 -7.07 -18.61
N LEU A 275 -19.58 -5.76 -18.80
CA LEU A 275 -19.83 -4.82 -17.72
C LEU A 275 -21.15 -5.07 -17.00
N LEU A 276 -22.11 -5.67 -17.71
CA LEU A 276 -23.46 -5.85 -17.17
C LEU A 276 -23.54 -6.93 -16.10
N ASP A 277 -22.60 -7.88 -16.13
CA ASP A 277 -22.49 -8.88 -15.07
C ASP A 277 -22.17 -8.19 -13.73
N ASN A 278 -21.32 -7.18 -13.77
CA ASN A 278 -20.91 -6.45 -12.58
C ASN A 278 -22.02 -5.56 -12.03
N ILE A 279 -22.64 -4.79 -12.92
CA ILE A 279 -23.47 -3.69 -12.44
C ILE A 279 -24.90 -4.10 -12.10
N GLN A 280 -25.31 -5.29 -12.50
CA GLN A 280 -26.70 -5.72 -12.27
C GLN A 280 -26.93 -6.41 -10.95
N GLU A 281 -25.87 -6.97 -10.37
CA GLU A 281 -25.97 -7.67 -9.08
C GLU A 281 -26.58 -6.79 -7.98
N TYR A 282 -26.04 -5.59 -7.80
CA TYR A 282 -26.57 -4.64 -6.80
C TYR A 282 -27.28 -3.46 -7.46
N GLN A 283 -27.49 -3.55 -8.77
CA GLN A 283 -28.13 -2.49 -9.54
C GLN A 283 -27.45 -1.14 -9.32
N LEU A 284 -26.30 -0.98 -9.95
CA LEU A 284 -25.41 0.13 -9.74
C LEU A 284 -25.84 1.40 -10.46
N CYS A 285 -26.82 1.26 -11.36
CA CYS A 285 -27.34 2.42 -12.09
C CYS A 285 -28.63 2.13 -12.80
N ASP A 286 -29.39 3.18 -13.10
CA ASP A 286 -30.58 3.08 -13.93
C ASP A 286 -30.24 3.07 -15.41
N ASN A 287 -29.22 3.84 -15.79
CA ASN A 287 -28.75 3.82 -17.17
C ASN A 287 -27.36 4.40 -17.35
N PHE A 288 -26.69 3.93 -18.38
CA PHE A 288 -25.48 4.57 -18.87
C PHE A 288 -25.48 4.54 -20.39
N ASN A 289 -24.62 5.35 -20.98
CA ASN A 289 -24.40 5.30 -22.42
C ASN A 289 -23.01 5.85 -22.70
N HIS A 290 -22.26 5.10 -23.51
CA HIS A 290 -20.96 5.57 -23.99
C HIS A 290 -21.08 6.37 -25.29
N PHE A 291 -20.11 7.25 -25.53
CA PHE A 291 -20.12 8.11 -26.69
C PHE A 291 -18.71 8.35 -27.18
N SER A 292 -18.57 8.56 -28.48
CA SER A 292 -17.38 9.17 -29.04
C SER A 292 -17.77 10.43 -29.78
N LEU A 293 -17.71 11.55 -29.06
CA LEU A 293 -18.02 12.86 -29.60
C LEU A 293 -16.81 13.39 -30.36
N SER A 294 -17.04 13.78 -31.61
CA SER A 294 -15.96 14.31 -32.45
C SER A 294 -16.30 15.70 -32.97
N TYR A 295 -15.33 16.61 -32.86
CA TYR A 295 -15.45 17.97 -33.39
C TYR A 295 -14.26 18.26 -34.30
N LYS A 296 -14.14 19.51 -34.75
CA LYS A 296 -13.09 19.89 -35.68
C LYS A 296 -11.70 19.72 -35.08
N ASP A 297 -11.50 20.23 -33.86
CA ASP A 297 -10.17 20.25 -33.25
C ASP A 297 -9.91 19.10 -32.30
N SER A 298 -10.98 18.54 -31.73
CA SER A 298 -10.84 17.53 -30.69
C SER A 298 -12.13 16.75 -30.50
N GLY A 299 -12.15 15.91 -29.46
CA GLY A 299 -13.34 15.15 -29.12
C GLY A 299 -13.28 14.61 -27.71
N LEU A 300 -14.39 14.01 -27.28
CA LEU A 300 -14.48 13.35 -25.98
C LEU A 300 -14.91 11.90 -26.14
N TRP A 301 -14.14 10.97 -25.56
CA TRP A 301 -14.57 9.58 -25.45
C TRP A 301 -14.80 9.24 -23.98
N GLY A 302 -16.01 8.77 -23.67
CA GLY A 302 -16.31 8.38 -22.31
C GLY A 302 -17.73 7.89 -22.18
N PHE A 303 -18.32 8.04 -21.00
CA PHE A 303 -19.69 7.59 -20.79
C PHE A 303 -20.43 8.55 -19.87
N SER A 304 -21.76 8.47 -19.91
CA SER A 304 -22.61 9.18 -18.96
C SER A 304 -23.48 8.16 -18.26
N THR A 305 -23.94 8.49 -17.06
CA THR A 305 -24.76 7.56 -16.32
C THR A 305 -25.66 8.26 -15.31
N ALA A 306 -26.75 7.60 -14.97
CA ALA A 306 -27.68 8.09 -13.96
C ALA A 306 -27.98 6.96 -12.97
N THR A 307 -28.09 7.30 -11.68
CA THR A 307 -28.28 6.29 -10.64
C THR A 307 -29.01 6.77 -9.37
N ARG A 308 -29.82 5.90 -8.79
CA ARG A 308 -30.40 6.12 -7.46
C ARG A 308 -29.64 5.37 -6.37
N ASN A 309 -28.62 4.61 -6.77
CA ASN A 309 -27.85 3.86 -5.81
C ASN A 309 -26.70 4.73 -5.33
N VAL A 310 -27.00 5.61 -4.39
CA VAL A 310 -26.11 6.71 -4.10
C VAL A 310 -25.00 6.36 -3.11
N THR A 311 -25.05 5.15 -2.56
CA THR A 311 -24.00 4.67 -1.68
C THR A 311 -23.02 3.71 -2.35
N MET A 312 -23.19 3.49 -3.66
CA MET A 312 -22.35 2.55 -4.39
C MET A 312 -21.87 3.13 -5.70
N ILE A 313 -21.92 4.45 -5.82
CA ILE A 313 -21.40 5.15 -6.97
C ILE A 313 -19.95 4.76 -7.25
N ASP A 314 -19.17 4.48 -6.20
CA ASP A 314 -17.77 4.14 -6.41
C ASP A 314 -17.58 2.78 -7.08
N ASP A 315 -18.55 1.88 -6.90
CA ASP A 315 -18.52 0.60 -7.61
C ASP A 315 -18.92 0.74 -9.07
N LEU A 316 -19.89 1.61 -9.34
CA LEU A 316 -20.25 1.97 -10.71
C LEU A 316 -19.02 2.42 -11.48
N ILE A 317 -18.32 3.41 -10.94
CA ILE A 317 -17.15 4.00 -11.61
C ILE A 317 -16.01 3.02 -11.73
N HIS A 318 -15.81 2.21 -10.69
CA HIS A 318 -14.71 1.27 -10.62
C HIS A 318 -14.88 0.13 -11.63
N PHE A 319 -16.07 -0.46 -11.70
CA PHE A 319 -16.30 -1.55 -12.65
C PHE A 319 -16.27 -1.09 -14.10
N THR A 320 -16.82 0.10 -14.36
CA THR A 320 -16.80 0.70 -15.68
C THR A 320 -15.38 0.99 -16.16
N LEU A 321 -14.54 1.53 -15.27
CA LEU A 321 -13.15 1.84 -15.66
C LEU A 321 -12.25 0.60 -15.77
N LYS A 322 -12.58 -0.45 -15.01
CA LYS A 322 -11.87 -1.73 -15.14
C LYS A 322 -12.18 -2.39 -16.50
N GLN A 323 -13.44 -2.34 -16.92
CA GLN A 323 -13.80 -2.73 -18.27
C GLN A 323 -13.00 -1.96 -19.34
N TRP A 324 -12.93 -0.64 -19.22
CA TRP A 324 -12.18 0.17 -20.20
C TRP A 324 -10.71 -0.20 -20.20
N ASN A 325 -10.19 -0.67 -19.06
CA ASN A 325 -8.78 -1.10 -18.99
C ASN A 325 -8.56 -2.23 -19.98
N ARG A 326 -9.59 -3.04 -20.15
CA ARG A 326 -9.49 -4.25 -20.95
C ARG A 326 -9.16 -3.96 -22.42
N LEU A 327 -9.62 -2.81 -22.92
CA LEU A 327 -9.38 -2.41 -24.31
C LEU A 327 -7.90 -2.37 -24.69
N THR A 328 -7.03 -2.13 -23.69
CA THR A 328 -5.60 -2.05 -23.95
C THR A 328 -4.95 -3.42 -23.90
N ILE A 329 -5.56 -4.33 -23.14
CA ILE A 329 -4.87 -5.56 -22.77
C ILE A 329 -5.55 -6.88 -23.14
N SER A 330 -6.88 -6.92 -23.17
CA SER A 330 -7.58 -8.20 -23.23
C SER A 330 -8.93 -8.22 -23.95
N VAL A 331 -9.25 -7.16 -24.71
CA VAL A 331 -10.50 -7.18 -25.47
C VAL A 331 -10.49 -8.33 -26.49
N THR A 332 -11.61 -9.05 -26.59
CA THR A 332 -11.68 -10.26 -27.41
C THR A 332 -12.19 -9.98 -28.82
N ASP A 333 -11.86 -10.90 -29.74
CA ASP A 333 -12.35 -10.87 -31.12
C ASP A 333 -13.85 -10.68 -31.21
N THR A 334 -14.59 -11.48 -30.45
CA THR A 334 -16.03 -11.48 -30.58
C THR A 334 -16.70 -10.23 -29.99
N GLU A 335 -16.01 -9.54 -29.09
CA GLU A 335 -16.47 -8.23 -28.62
C GLU A 335 -16.34 -7.19 -29.72
N VAL A 336 -15.18 -7.17 -30.38
CA VAL A 336 -14.96 -6.32 -31.54
C VAL A 336 -15.97 -6.57 -32.65
N GLU A 337 -16.19 -7.85 -32.98
CA GLU A 337 -17.14 -8.24 -34.01
C GLU A 337 -18.57 -7.84 -33.65
N ARG A 338 -18.96 -7.99 -32.39
CA ARG A 338 -20.29 -7.56 -31.97
C ARG A 338 -20.44 -6.06 -32.18
N ALA A 339 -19.36 -5.33 -31.95
CA ALA A 339 -19.40 -3.86 -32.01
C ALA A 339 -19.49 -3.40 -33.46
N LYS A 340 -18.73 -4.02 -34.35
CA LYS A 340 -18.83 -3.78 -35.78
C LYS A 340 -20.29 -3.84 -36.27
N SER A 341 -20.96 -4.95 -35.97
CA SER A 341 -22.32 -5.14 -36.43
C SER A 341 -23.27 -4.08 -35.88
N LEU A 342 -23.10 -3.73 -34.61
CA LEU A 342 -23.99 -2.77 -33.97
C LEU A 342 -23.66 -1.33 -34.33
N LEU A 343 -22.39 -1.06 -34.63
CA LEU A 343 -21.95 0.25 -35.10
C LEU A 343 -22.55 0.52 -36.49
N LYS A 344 -22.54 -0.49 -37.35
CA LYS A 344 -23.14 -0.39 -38.68
C LYS A 344 -24.62 -0.10 -38.58
N LEU A 345 -25.30 -0.83 -37.71
CA LEU A 345 -26.73 -0.69 -37.55
C LEU A 345 -27.13 0.71 -37.10
N GLN A 346 -26.34 1.27 -36.19
CA GLN A 346 -26.68 2.57 -35.61
C GLN A 346 -26.24 3.70 -36.54
N LEU A 347 -25.13 3.50 -37.23
CA LEU A 347 -24.64 4.48 -38.20
C LEU A 347 -25.56 4.52 -39.41
N GLY A 348 -26.11 3.35 -39.76
CA GLY A 348 -27.15 3.28 -40.77
C GLY A 348 -28.38 4.07 -40.35
N GLN A 349 -28.93 3.76 -39.18
CA GLN A 349 -30.14 4.42 -38.68
C GLN A 349 -30.00 5.94 -38.55
N LEU A 350 -28.75 6.41 -38.50
CA LEU A 350 -28.48 7.85 -38.48
C LEU A 350 -28.50 8.43 -39.88
N TYR A 351 -27.64 7.89 -40.75
CA TYR A 351 -27.42 8.43 -42.09
C TYR A 351 -28.63 8.26 -43.01
N GLU A 352 -29.46 7.25 -42.73
CA GLU A 352 -30.67 7.05 -43.52
C GLU A 352 -31.91 6.87 -42.65
N SER A 353 -32.29 7.95 -41.99
CA SER A 353 -33.63 8.08 -41.44
C SER A 353 -34.57 8.54 -42.57
N GLY A 354 -35.87 8.52 -42.29
CA GLY A 354 -36.83 9.05 -43.24
C GLY A 354 -37.11 10.53 -43.03
N ASN A 355 -36.07 11.27 -42.64
CA ASN A 355 -36.21 12.70 -42.36
C ASN A 355 -35.05 13.49 -42.95
N PRO A 356 -35.32 14.32 -43.96
CA PRO A 356 -34.29 15.02 -44.73
C PRO A 356 -33.60 16.14 -43.95
N VAL A 357 -34.25 16.65 -42.90
CA VAL A 357 -33.65 17.70 -42.07
C VAL A 357 -32.44 17.17 -41.30
N ASN A 358 -32.49 15.89 -40.93
CA ASN A 358 -31.35 15.23 -40.29
C ASN A 358 -30.26 15.02 -41.33
N ASP A 359 -30.67 14.60 -42.52
CA ASP A 359 -29.75 14.37 -43.63
C ASP A 359 -28.98 15.63 -43.98
N ALA A 360 -29.67 16.76 -43.95
CA ALA A 360 -29.06 18.05 -44.25
C ALA A 360 -28.00 18.42 -43.22
N ASN A 361 -28.32 18.21 -41.95
CA ASN A 361 -27.40 18.51 -40.85
C ASN A 361 -26.16 17.64 -40.90
N LEU A 362 -26.35 16.37 -41.25
CA LEU A 362 -25.24 15.42 -41.36
C LEU A 362 -24.37 15.70 -42.59
N LEU A 363 -25.03 16.04 -43.70
CA LEU A 363 -24.34 16.44 -44.92
C LEU A 363 -23.60 17.76 -44.71
N GLY A 364 -24.32 18.74 -44.17
CA GLY A 364 -23.76 20.07 -43.99
C GLY A 364 -22.50 20.09 -43.14
N ALA A 365 -22.57 19.44 -41.98
CA ALA A 365 -21.46 19.41 -41.04
C ALA A 365 -20.24 18.71 -41.62
N GLU A 366 -20.48 17.64 -42.38
CA GLU A 366 -19.39 16.86 -42.96
C GLU A 366 -18.62 17.64 -44.02
N VAL A 367 -19.35 18.23 -44.98
CA VAL A 367 -18.74 18.91 -46.12
C VAL A 367 -18.05 20.22 -45.72
N LEU A 368 -18.47 20.80 -44.60
CA LEU A 368 -17.86 22.01 -44.07
C LEU A 368 -16.45 21.77 -43.55
N ILE A 369 -16.18 20.54 -43.13
CA ILE A 369 -14.91 20.21 -42.48
C ILE A 369 -13.89 19.56 -43.40
N LYS A 370 -14.33 18.58 -44.20
CA LYS A 370 -13.41 17.85 -45.08
C LYS A 370 -13.67 18.10 -46.56
N GLY A 371 -14.70 18.90 -46.87
CA GLY A 371 -15.00 19.24 -48.24
C GLY A 371 -15.65 18.12 -49.04
N SER A 372 -16.25 17.16 -48.33
CA SER A 372 -16.87 16.00 -48.95
C SER A 372 -17.55 15.14 -47.88
N LYS A 373 -18.47 14.28 -48.32
CA LYS A 373 -19.07 13.29 -47.42
C LYS A 373 -18.66 11.88 -47.78
N LEU A 374 -18.13 11.15 -46.80
CA LEU A 374 -17.85 9.73 -46.93
C LEU A 374 -19.18 8.96 -46.96
N SER A 375 -19.36 8.14 -47.99
CA SER A 375 -20.61 7.40 -48.19
C SER A 375 -20.75 6.29 -47.16
N LEU A 376 -22.00 5.95 -46.83
CA LEU A 376 -22.29 4.94 -45.83
C LEU A 376 -21.59 3.61 -46.11
N GLY A 377 -21.54 3.24 -47.39
CA GLY A 377 -20.85 2.02 -47.79
C GLY A 377 -19.35 2.10 -47.66
N GLU A 378 -18.80 3.31 -47.75
CA GLU A 378 -17.38 3.53 -47.55
C GLU A 378 -16.99 3.42 -46.07
N ALA A 379 -17.90 3.82 -45.19
CA ALA A 379 -17.70 3.73 -43.75
C ALA A 379 -17.63 2.26 -43.32
N PHE A 380 -18.60 1.47 -43.79
CA PHE A 380 -18.66 0.04 -43.51
C PHE A 380 -17.38 -0.68 -43.92
N LYS A 381 -16.74 -0.21 -44.98
CA LYS A 381 -15.47 -0.79 -45.39
C LYS A 381 -14.41 -0.53 -44.33
N LYS A 382 -14.42 0.68 -43.77
CA LYS A 382 -13.46 1.08 -42.73
C LYS A 382 -13.75 0.36 -41.42
N ILE A 383 -15.03 0.24 -41.09
CA ILE A 383 -15.46 -0.43 -39.87
C ILE A 383 -15.08 -1.89 -39.86
N ASP A 384 -15.31 -2.58 -40.98
CA ASP A 384 -15.02 -4.01 -41.07
C ASP A 384 -13.53 -4.33 -41.02
N ALA A 385 -12.71 -3.32 -41.30
CA ALA A 385 -11.26 -3.54 -41.43
C ALA A 385 -10.54 -3.40 -40.09
N ILE A 386 -11.28 -3.03 -39.05
CA ILE A 386 -10.70 -2.82 -37.72
C ILE A 386 -10.43 -4.16 -37.01
N THR A 387 -9.20 -4.32 -36.55
CA THR A 387 -8.79 -5.51 -35.82
C THR A 387 -8.71 -5.24 -34.31
N VAL A 388 -8.63 -6.32 -33.53
CA VAL A 388 -8.35 -6.22 -32.10
C VAL A 388 -7.07 -5.41 -31.88
N LYS A 389 -6.09 -5.61 -32.74
CA LYS A 389 -4.83 -4.90 -32.63
C LYS A 389 -5.01 -3.39 -32.75
N ASP A 390 -5.97 -2.96 -33.56
CA ASP A 390 -6.23 -1.54 -33.74
C ASP A 390 -6.80 -0.93 -32.46
N VAL A 391 -7.86 -1.54 -31.94
CA VAL A 391 -8.50 -1.10 -30.71
C VAL A 391 -7.50 -1.00 -29.54
N LYS A 392 -6.61 -1.99 -29.44
CA LYS A 392 -5.60 -2.02 -28.38
C LYS A 392 -4.61 -0.87 -28.51
N ALA A 393 -4.18 -0.59 -29.74
CA ALA A 393 -3.21 0.47 -30.00
C ALA A 393 -3.84 1.82 -29.75
N TRP A 394 -5.14 1.92 -30.01
CA TRP A 394 -5.90 3.14 -29.78
C TRP A 394 -6.07 3.39 -28.28
N ALA A 395 -6.57 2.38 -27.58
CA ALA A 395 -6.84 2.46 -26.14
C ALA A 395 -5.56 2.72 -25.35
N GLY A 396 -4.46 2.12 -25.79
CA GLY A 396 -3.18 2.31 -25.14
C GLY A 396 -2.63 3.72 -25.25
N LYS A 397 -3.27 4.52 -26.10
CA LYS A 397 -2.82 5.87 -26.39
C LYS A 397 -3.79 6.88 -25.78
N ARG A 398 -5.08 6.52 -25.79
CA ARG A 398 -6.14 7.44 -25.41
C ARG A 398 -6.75 7.16 -24.03
N LEU A 399 -6.70 5.91 -23.59
CA LEU A 399 -7.40 5.46 -22.39
C LEU A 399 -6.45 5.12 -21.23
N TRP A 400 -5.33 4.48 -21.54
CA TRP A 400 -4.46 3.92 -20.51
C TRP A 400 -3.59 4.97 -19.83
N ASP A 401 -3.82 5.14 -18.52
CA ASP A 401 -3.06 6.08 -17.70
C ASP A 401 -3.12 7.49 -18.28
N GLN A 402 -4.31 7.91 -18.67
CA GLN A 402 -4.54 9.23 -19.24
C GLN A 402 -5.44 10.03 -18.31
N ASP A 403 -5.29 11.35 -18.37
CA ASP A 403 -6.16 12.25 -17.61
C ASP A 403 -7.60 12.08 -18.03
N ILE A 404 -8.51 12.39 -17.12
CA ILE A 404 -9.94 12.33 -17.41
C ILE A 404 -10.58 13.66 -17.09
N ALA A 405 -11.83 13.81 -17.51
CA ALA A 405 -12.61 14.97 -17.16
C ALA A 405 -13.92 14.47 -16.62
N ILE A 406 -14.38 15.09 -15.53
CA ILE A 406 -15.56 14.60 -14.81
C ILE A 406 -16.55 15.75 -14.60
N ALA A 407 -17.84 15.46 -14.68
CA ALA A 407 -18.87 16.40 -14.28
C ALA A 407 -20.01 15.63 -13.65
N GLY A 408 -20.68 16.23 -12.67
CA GLY A 408 -21.83 15.57 -12.07
C GLY A 408 -22.77 16.50 -11.35
N THR A 409 -23.99 16.06 -11.11
CA THR A 409 -24.95 16.83 -10.33
C THR A 409 -25.87 15.87 -9.58
N GLY A 410 -26.63 16.40 -8.64
CA GLY A 410 -27.45 15.53 -7.80
C GLY A 410 -26.69 15.03 -6.59
N GLN A 411 -27.07 13.84 -6.11
CA GLN A 411 -26.46 13.24 -4.92
C GLN A 411 -25.12 12.56 -5.23
N ILE A 412 -24.08 13.36 -5.45
CA ILE A 412 -22.77 12.85 -5.80
C ILE A 412 -21.73 12.89 -4.65
N GLU A 413 -22.21 12.82 -3.41
CA GLU A 413 -21.31 12.71 -2.26
C GLU A 413 -20.46 11.43 -2.37
N GLY A 414 -21.05 10.37 -2.91
CA GLY A 414 -20.36 9.10 -3.04
C GLY A 414 -19.43 8.97 -4.24
N LEU A 415 -19.37 10.00 -5.07
CA LEU A 415 -18.43 10.01 -6.19
C LEU A 415 -17.10 10.43 -5.62
N LEU A 416 -16.16 9.51 -5.58
CA LEU A 416 -14.90 9.75 -4.88
C LEU A 416 -14.06 10.84 -5.56
N ASP A 417 -12.98 11.24 -4.90
CA ASP A 417 -12.07 12.26 -5.41
C ASP A 417 -11.51 11.94 -6.78
N TYR A 418 -10.93 12.97 -7.40
CA TYR A 418 -10.38 12.87 -8.73
C TYR A 418 -9.34 11.76 -8.83
N MET A 419 -8.32 11.82 -7.96
CA MET A 419 -7.19 10.90 -8.03
C MET A 419 -7.55 9.42 -7.92
N ARG A 420 -8.61 9.13 -7.17
CA ARG A 420 -9.15 7.79 -7.08
C ARG A 420 -9.72 7.32 -8.40
N ILE A 421 -10.46 8.21 -9.07
CA ILE A 421 -11.02 7.89 -10.38
C ILE A 421 -9.87 7.72 -11.37
N ARG A 422 -8.91 8.64 -11.30
CA ARG A 422 -7.83 8.71 -12.27
C ARG A 422 -6.85 7.53 -12.16
N SER A 423 -6.65 7.04 -10.95
CA SER A 423 -5.84 5.83 -10.72
C SER A 423 -6.43 4.58 -11.39
N ASP A 424 -7.75 4.54 -11.53
CA ASP A 424 -8.40 3.41 -12.15
C ASP A 424 -8.29 3.38 -13.68
N MET A 425 -7.59 4.37 -14.26
CA MET A 425 -7.34 4.37 -15.70
C MET A 425 -6.23 3.39 -16.09
N SER A 426 -5.79 2.58 -15.14
CA SER A 426 -4.81 1.53 -15.41
C SER A 426 -4.84 0.43 -14.37
N MET A 427 -3.91 -0.51 -14.48
CA MET A 427 -3.81 -1.63 -13.55
C MET A 427 -2.36 -1.86 -13.15
N MET A 428 -2.17 -2.42 -11.96
CA MET A 428 -0.87 -2.88 -11.49
C MET A 428 -0.37 -4.07 -12.33
N ARG A 429 0.91 -4.05 -12.69
CA ARG A 429 1.53 -5.16 -13.42
C ARG A 429 2.89 -5.51 -12.80
N TRP A 430 3.36 -6.74 -13.06
CA TRP A 430 4.74 -7.11 -12.72
C TRP A 430 5.73 -6.54 -13.73
N LEU B 1 -53.50 -11.61 -44.26
CA LEU B 1 -52.03 -11.77 -44.50
C LEU B 1 -51.57 -10.87 -45.64
N THR B 2 -51.71 -9.56 -45.43
CA THR B 2 -51.32 -8.57 -46.43
C THR B 2 -49.82 -8.28 -46.29
N VAL B 3 -49.04 -8.75 -47.27
CA VAL B 3 -47.59 -8.59 -47.24
C VAL B 3 -47.11 -7.45 -48.14
N SER B 4 -46.92 -6.28 -47.54
CA SER B 4 -46.43 -5.11 -48.27
C SER B 4 -44.90 -5.04 -48.26
N ALA B 5 -44.35 -4.11 -49.05
CA ALA B 5 -42.90 -3.90 -49.09
C ALA B 5 -42.57 -2.62 -49.88
N ARG B 6 -41.27 -2.38 -50.08
CA ARG B 6 -40.78 -1.27 -50.89
C ARG B 6 -39.25 -1.26 -50.84
N ASP B 7 -38.61 -1.47 -51.98
CA ASP B 7 -37.16 -1.54 -52.05
C ASP B 7 -36.50 -0.16 -52.11
N ALA B 8 -35.17 -0.15 -51.96
CA ALA B 8 -34.35 1.04 -52.07
C ALA B 8 -32.88 0.61 -52.10
N PRO B 9 -31.98 1.50 -52.58
CA PRO B 9 -30.55 1.15 -52.63
C PRO B 9 -29.80 1.42 -51.32
N THR B 10 -30.49 1.24 -50.20
CA THR B 10 -29.90 1.53 -48.88
C THR B 10 -29.46 0.25 -48.16
N LYS B 11 -28.98 0.40 -46.92
CA LYS B 11 -28.37 -0.71 -46.21
C LYS B 11 -29.16 -1.22 -45.00
N ILE B 12 -30.15 -0.45 -44.57
CA ILE B 12 -30.94 -0.80 -43.40
C ILE B 12 -32.38 -1.12 -43.79
N SER B 13 -32.79 -2.37 -43.57
CA SER B 13 -34.18 -2.78 -43.79
C SER B 13 -34.91 -2.82 -42.46
N THR B 14 -36.23 -2.72 -42.50
CA THR B 14 -37.04 -2.84 -41.29
C THR B 14 -38.33 -3.61 -41.52
N LEU B 15 -38.31 -4.89 -41.13
CA LEU B 15 -39.51 -5.72 -41.08
C LEU B 15 -40.46 -5.18 -40.00
N ALA B 16 -41.75 -5.45 -40.16
CA ALA B 16 -42.75 -4.99 -39.20
C ALA B 16 -44.06 -5.77 -39.33
N VAL B 17 -44.48 -6.39 -38.24
CA VAL B 17 -45.72 -7.14 -38.22
C VAL B 17 -46.76 -6.40 -37.38
N LYS B 18 -47.62 -5.65 -38.06
CA LYS B 18 -48.72 -4.98 -37.40
C LYS B 18 -49.79 -6.00 -37.05
N VAL B 19 -50.43 -5.83 -35.90
CA VAL B 19 -51.42 -6.79 -35.42
C VAL B 19 -52.50 -6.04 -34.66
N HIS B 20 -53.76 -6.30 -35.01
CA HIS B 20 -54.88 -5.61 -34.39
C HIS B 20 -55.18 -6.19 -33.01
N GLY B 21 -54.41 -5.74 -32.03
CA GLY B 21 -54.61 -6.19 -30.66
C GLY B 21 -54.21 -5.19 -29.59
N GLY B 22 -54.41 -3.91 -29.87
CA GLY B 22 -54.21 -2.87 -28.87
C GLY B 22 -55.35 -2.80 -27.89
N SER B 23 -55.38 -1.75 -27.08
CA SER B 23 -56.35 -1.62 -25.99
C SER B 23 -57.80 -1.63 -26.47
N ARG B 24 -58.00 -1.24 -27.73
CA ARG B 24 -59.33 -1.26 -28.37
C ARG B 24 -60.04 -2.59 -28.15
N TYR B 25 -59.39 -3.67 -28.57
CA TYR B 25 -59.89 -5.02 -28.35
C TYR B 25 -59.12 -5.65 -27.21
N ALA B 26 -59.68 -5.60 -26.00
CA ALA B 26 -59.00 -6.14 -24.84
C ALA B 26 -60.00 -6.70 -23.84
N THR B 27 -59.97 -8.02 -23.69
CA THR B 27 -60.92 -8.74 -22.84
C THR B 27 -60.82 -8.32 -21.36
N LYS B 28 -59.60 -8.18 -20.86
CA LYS B 28 -59.36 -7.64 -19.53
C LYS B 28 -58.42 -6.44 -19.61
N ASP B 29 -58.43 -5.61 -18.57
CA ASP B 29 -57.71 -4.33 -18.57
C ASP B 29 -56.19 -4.49 -18.58
N GLY B 30 -55.56 -3.94 -19.61
CA GLY B 30 -54.11 -3.93 -19.70
C GLY B 30 -53.48 -5.18 -20.27
N VAL B 31 -54.30 -6.16 -20.63
CA VAL B 31 -53.80 -7.44 -21.12
C VAL B 31 -53.03 -7.29 -22.43
N ALA B 32 -53.40 -6.30 -23.22
CA ALA B 32 -52.69 -5.99 -24.45
C ALA B 32 -51.31 -5.43 -24.11
N HIS B 33 -51.26 -4.63 -23.04
CA HIS B 33 -50.01 -4.11 -22.49
C HIS B 33 -49.07 -5.25 -22.08
N LEU B 34 -49.60 -6.17 -21.26
CA LEU B 34 -48.82 -7.31 -20.78
C LEU B 34 -48.30 -8.20 -21.91
N LEU B 35 -49.13 -8.38 -22.94
CA LEU B 35 -48.74 -9.22 -24.06
C LEU B 35 -47.66 -8.52 -24.88
N ASN B 36 -47.80 -7.22 -25.06
CA ASN B 36 -46.79 -6.43 -25.76
C ASN B 36 -45.46 -6.49 -25.02
N ARG B 37 -45.54 -6.50 -23.69
CA ARG B 37 -44.38 -6.61 -22.83
C ARG B 37 -43.83 -8.06 -22.81
N PHE B 38 -44.68 -9.02 -23.20
CA PHE B 38 -44.29 -10.43 -23.28
C PHE B 38 -43.60 -10.82 -24.59
N ASN B 39 -43.75 -9.99 -25.63
CA ASN B 39 -43.07 -10.25 -26.90
C ASN B 39 -41.55 -10.20 -26.73
N PHE B 40 -40.88 -11.14 -27.41
CA PHE B 40 -39.42 -11.25 -27.42
C PHE B 40 -38.85 -11.76 -26.10
N GLN B 41 -39.73 -12.26 -25.24
CA GLN B 41 -39.34 -13.17 -24.16
C GLN B 41 -38.96 -14.52 -24.76
N ASN B 42 -39.09 -15.58 -24.00
CA ASN B 42 -38.68 -16.91 -24.48
C ASN B 42 -39.69 -17.50 -25.45
N THR B 43 -39.19 -18.01 -26.57
CA THR B 43 -39.96 -18.94 -27.40
C THR B 43 -39.66 -20.36 -26.94
N ASN B 44 -40.18 -21.34 -27.67
CA ASN B 44 -39.97 -22.74 -27.31
C ASN B 44 -38.68 -23.30 -27.91
N THR B 45 -38.04 -22.56 -28.80
CA THR B 45 -36.80 -23.01 -29.42
C THR B 45 -35.62 -22.08 -29.11
N ARG B 46 -35.94 -20.85 -28.71
CA ARG B 46 -34.95 -19.78 -28.55
C ARG B 46 -35.28 -19.02 -27.28
N SER B 47 -34.28 -18.85 -26.41
CA SER B 47 -34.45 -17.99 -25.23
C SER B 47 -34.30 -16.53 -25.62
N ALA B 48 -34.96 -15.66 -24.86
CA ALA B 48 -34.80 -14.21 -25.00
C ALA B 48 -33.33 -13.81 -25.04
N LEU B 49 -32.52 -14.47 -24.22
CA LEU B 49 -31.08 -14.19 -24.17
C LEU B 49 -30.39 -14.47 -25.52
N LYS B 50 -30.61 -15.67 -26.06
CA LYS B 50 -29.98 -16.08 -27.32
C LYS B 50 -30.43 -15.22 -28.50
N LEU B 51 -31.71 -14.85 -28.52
CA LEU B 51 -32.24 -13.98 -29.55
C LEU B 51 -31.46 -12.68 -29.63
N VAL B 52 -31.26 -12.05 -28.47
CA VAL B 52 -30.47 -10.82 -28.36
C VAL B 52 -29.01 -11.07 -28.77
N ARG B 53 -28.41 -12.12 -28.24
CA ARG B 53 -26.99 -12.34 -28.52
C ARG B 53 -26.76 -12.64 -29.99
N GLU B 54 -27.69 -13.35 -30.61
CA GLU B 54 -27.60 -13.68 -32.03
C GLU B 54 -27.81 -12.47 -32.92
N SER B 55 -28.89 -11.75 -32.67
CA SER B 55 -29.20 -10.56 -33.48
C SER B 55 -28.14 -9.47 -33.37
N GLU B 56 -27.50 -9.38 -32.20
CA GLU B 56 -26.42 -8.40 -32.01
C GLU B 56 -25.24 -8.72 -32.92
N LEU B 57 -24.87 -9.99 -32.99
CA LEU B 57 -23.75 -10.42 -33.82
C LEU B 57 -24.05 -10.24 -35.32
N LEU B 58 -25.32 -10.37 -35.70
CA LEU B 58 -25.75 -10.15 -37.07
C LEU B 58 -25.78 -8.66 -37.37
N GLY B 59 -26.42 -7.91 -36.47
CA GLY B 59 -26.46 -6.46 -36.59
C GLY B 59 -27.89 -5.99 -36.77
N GLY B 60 -28.75 -6.38 -35.84
CA GLY B 60 -30.14 -5.94 -35.88
C GLY B 60 -30.78 -6.01 -34.51
N THR B 61 -31.80 -5.16 -34.29
CA THR B 61 -32.51 -5.15 -33.02
C THR B 61 -34.01 -5.40 -33.21
N PHE B 62 -34.67 -5.75 -32.11
CA PHE B 62 -36.12 -5.94 -32.11
C PHE B 62 -36.76 -4.89 -31.21
N LYS B 63 -38.09 -4.89 -31.15
CA LYS B 63 -38.84 -3.84 -30.47
C LYS B 63 -40.34 -4.09 -30.67
N SER B 64 -41.13 -3.94 -29.61
CA SER B 64 -42.55 -4.20 -29.67
C SER B 64 -43.37 -3.07 -29.05
N THR B 65 -44.10 -2.35 -29.90
CA THR B 65 -44.83 -1.15 -29.50
C THR B 65 -46.33 -1.40 -29.34
N LEU B 66 -46.95 -0.65 -28.43
CA LEU B 66 -48.39 -0.75 -28.18
C LEU B 66 -49.10 0.55 -28.58
N ASP B 67 -50.18 0.40 -29.35
CA ASP B 67 -51.06 1.50 -29.73
C ASP B 67 -52.37 1.37 -28.98
N ARG B 68 -53.31 2.26 -29.31
CA ARG B 68 -54.69 2.10 -28.85
C ARG B 68 -55.37 1.01 -29.69
N GLU B 69 -54.77 0.68 -30.83
CA GLU B 69 -55.32 -0.33 -31.73
C GLU B 69 -54.34 -1.44 -32.14
N TYR B 70 -53.08 -1.07 -32.34
CA TYR B 70 -52.09 -2.00 -32.88
C TYR B 70 -51.10 -2.50 -31.83
N ILE B 71 -50.73 -3.78 -31.91
CA ILE B 71 -49.47 -4.27 -31.35
C ILE B 71 -48.50 -4.51 -32.51
N THR B 72 -47.45 -3.71 -32.60
CA THR B 72 -46.54 -3.82 -33.72
C THR B 72 -45.20 -4.44 -33.30
N LEU B 73 -44.85 -5.57 -33.93
CA LEU B 73 -43.56 -6.19 -33.72
C LEU B 73 -42.60 -5.80 -34.84
N LYS B 74 -41.67 -4.91 -34.55
CA LYS B 74 -40.77 -4.35 -35.56
C LYS B 74 -39.35 -4.90 -35.39
N ALA B 75 -38.62 -4.97 -36.50
CA ALA B 75 -37.24 -5.46 -36.49
C ALA B 75 -36.39 -4.67 -37.47
N THR B 76 -35.32 -4.06 -36.96
CA THR B 76 -34.46 -3.22 -37.77
C THR B 76 -33.10 -3.89 -37.90
N PHE B 77 -32.58 -3.97 -39.12
CA PHE B 77 -31.41 -4.81 -39.39
C PHE B 77 -30.69 -4.43 -40.66
N LEU B 78 -29.55 -5.08 -40.91
CA LEU B 78 -28.86 -4.96 -42.18
C LEU B 78 -29.59 -5.76 -43.26
N LYS B 79 -29.56 -5.25 -44.49
CA LYS B 79 -30.45 -5.66 -45.58
C LYS B 79 -30.48 -7.17 -45.88
N ASP B 80 -29.30 -7.75 -46.10
CA ASP B 80 -29.19 -9.11 -46.61
C ASP B 80 -29.46 -10.21 -45.56
N ASP B 81 -29.95 -9.83 -44.38
CA ASP B 81 -30.17 -10.80 -43.32
C ASP B 81 -31.66 -11.08 -43.12
N LEU B 82 -32.44 -10.77 -44.14
CA LEU B 82 -33.90 -10.76 -44.05
C LEU B 82 -34.56 -12.04 -43.49
N PRO B 83 -34.19 -13.22 -44.00
CA PRO B 83 -34.87 -14.45 -43.58
C PRO B 83 -34.86 -14.68 -42.07
N TYR B 84 -33.75 -14.32 -41.43
CA TYR B 84 -33.56 -14.52 -39.99
C TYR B 84 -34.62 -13.79 -39.17
N TYR B 85 -34.84 -12.52 -39.49
CA TYR B 85 -35.77 -11.68 -38.75
C TYR B 85 -37.23 -12.00 -39.08
N VAL B 86 -37.47 -12.54 -40.27
CA VAL B 86 -38.79 -13.04 -40.64
C VAL B 86 -39.15 -14.26 -39.78
N ASN B 87 -38.20 -15.17 -39.63
CA ASN B 87 -38.41 -16.35 -38.81
C ASN B 87 -38.41 -16.06 -37.31
N ALA B 88 -37.66 -15.03 -36.90
CA ALA B 88 -37.65 -14.60 -35.51
C ALA B 88 -39.02 -14.06 -35.12
N LEU B 89 -39.56 -13.16 -35.94
CA LEU B 89 -40.90 -12.61 -35.72
C LEU B 89 -41.95 -13.71 -35.79
N ALA B 90 -41.76 -14.65 -36.72
CA ALA B 90 -42.62 -15.83 -36.85
C ALA B 90 -42.65 -16.65 -35.57
N ASP B 91 -41.46 -16.96 -35.05
CA ASP B 91 -41.32 -17.70 -33.80
C ASP B 91 -42.11 -17.10 -32.65
N VAL B 92 -42.05 -15.77 -32.52
CA VAL B 92 -42.68 -15.07 -31.41
C VAL B 92 -44.20 -15.18 -31.46
N LEU B 93 -44.75 -14.95 -32.64
CA LEU B 93 -46.21 -14.99 -32.86
C LEU B 93 -46.77 -16.39 -32.65
N TYR B 94 -46.01 -17.41 -33.06
CA TYR B 94 -46.50 -18.77 -33.03
C TYR B 94 -46.30 -19.48 -31.70
N LYS B 95 -45.14 -19.27 -31.07
CA LYS B 95 -44.74 -20.10 -29.93
C LYS B 95 -43.85 -19.43 -28.88
N THR B 96 -44.31 -18.33 -28.29
CA THR B 96 -43.67 -17.83 -27.08
C THR B 96 -44.11 -18.69 -25.90
N ALA B 97 -43.15 -19.01 -25.03
CA ALA B 97 -43.35 -19.99 -23.97
C ALA B 97 -44.38 -19.60 -22.91
N PHE B 98 -44.43 -18.30 -22.57
CA PHE B 98 -45.27 -17.80 -21.48
C PHE B 98 -45.04 -18.55 -20.17
N LYS B 99 -43.78 -18.65 -19.74
CA LYS B 99 -43.46 -19.27 -18.46
C LYS B 99 -43.90 -18.37 -17.30
N PRO B 100 -44.46 -18.96 -16.22
CA PRO B 100 -44.96 -18.19 -15.07
C PRO B 100 -43.90 -17.28 -14.43
N HIS B 101 -42.64 -17.69 -14.50
CA HIS B 101 -41.56 -16.93 -13.88
C HIS B 101 -41.13 -15.75 -14.73
N GLU B 102 -41.35 -15.86 -16.05
CA GLU B 102 -41.10 -14.74 -16.95
C GLU B 102 -42.10 -13.64 -16.68
N LEU B 103 -43.31 -14.04 -16.29
CA LEU B 103 -44.33 -13.08 -15.91
C LEU B 103 -43.84 -12.25 -14.72
N THR B 104 -43.48 -12.94 -13.64
CA THR B 104 -43.15 -12.28 -12.37
C THR B 104 -41.79 -11.56 -12.37
N GLU B 105 -40.85 -12.04 -13.17
CA GLU B 105 -39.48 -11.53 -13.14
C GLU B 105 -39.17 -10.46 -14.18
N SER B 106 -39.89 -10.48 -15.31
CA SER B 106 -39.56 -9.58 -16.42
C SER B 106 -40.71 -8.75 -16.94
N VAL B 107 -41.90 -9.35 -17.03
CA VAL B 107 -43.03 -8.72 -17.70
C VAL B 107 -43.79 -7.76 -16.78
N LEU B 108 -44.10 -8.22 -15.57
CA LEU B 108 -44.77 -7.38 -14.58
C LEU B 108 -43.93 -6.17 -14.13
N PRO B 109 -42.63 -6.37 -13.83
CA PRO B 109 -41.74 -5.22 -13.61
C PRO B 109 -41.73 -4.22 -14.74
N ALA B 110 -41.52 -4.70 -15.97
CA ALA B 110 -41.42 -3.82 -17.13
C ALA B 110 -42.71 -3.05 -17.36
N ALA B 111 -43.84 -3.69 -17.08
CA ALA B 111 -45.15 -3.05 -17.20
C ALA B 111 -45.39 -2.04 -16.09
N ARG B 112 -44.92 -2.35 -14.88
CA ARG B 112 -45.09 -1.48 -13.71
C ARG B 112 -44.33 -0.17 -13.90
N TYR B 113 -43.17 -0.24 -14.54
CA TYR B 113 -42.35 0.93 -14.88
C TYR B 113 -43.02 1.75 -15.99
N ASP B 114 -43.58 1.07 -16.98
CA ASP B 114 -44.37 1.72 -18.02
C ASP B 114 -45.50 2.55 -17.43
N TYR B 115 -46.28 1.94 -16.54
CA TYR B 115 -47.38 2.64 -15.89
C TYR B 115 -46.89 3.80 -15.03
N ALA B 116 -45.69 3.67 -14.47
CA ALA B 116 -45.13 4.69 -13.58
C ALA B 116 -44.68 5.93 -14.35
N VAL B 117 -44.04 5.72 -15.49
CA VAL B 117 -43.63 6.81 -16.39
C VAL B 117 -44.85 7.63 -16.83
N ALA B 118 -45.93 6.92 -17.16
CA ALA B 118 -47.16 7.54 -17.63
C ALA B 118 -47.97 8.17 -16.50
N GLU B 119 -47.80 7.67 -15.29
CA GLU B 119 -48.56 8.14 -14.13
C GLU B 119 -48.14 9.54 -13.69
N GLN B 120 -47.02 10.02 -14.24
CA GLN B 120 -46.44 11.28 -13.79
C GLN B 120 -46.41 12.37 -14.86
N CYS B 121 -46.92 12.06 -16.05
CA CYS B 121 -47.08 13.06 -17.11
C CYS B 121 -48.55 13.39 -17.33
N PRO B 122 -48.97 14.61 -16.96
CA PRO B 122 -50.39 14.90 -16.70
C PRO B 122 -51.21 15.11 -17.98
N VAL B 123 -50.54 15.27 -19.12
CA VAL B 123 -51.20 15.31 -20.41
C VAL B 123 -51.66 13.90 -20.82
N LYS B 124 -50.87 12.90 -20.45
CA LYS B 124 -51.20 11.50 -20.74
C LYS B 124 -52.31 10.99 -19.83
N SER B 125 -52.34 11.48 -18.60
CA SER B 125 -53.44 11.18 -17.68
C SER B 125 -54.72 11.78 -18.25
N ALA B 126 -54.56 12.92 -18.92
CA ALA B 126 -55.68 13.62 -19.54
C ALA B 126 -56.13 12.90 -20.81
N GLU B 127 -55.19 12.61 -21.70
CA GLU B 127 -55.48 11.89 -22.94
C GLU B 127 -56.21 10.57 -22.69
N ASP B 128 -55.81 9.87 -21.64
CA ASP B 128 -56.49 8.64 -21.24
C ASP B 128 -57.91 8.93 -20.75
N GLN B 129 -58.05 10.03 -20.02
CA GLN B 129 -59.35 10.44 -19.51
C GLN B 129 -60.29 10.87 -20.63
N LEU B 130 -59.71 11.46 -21.67
CA LEU B 130 -60.48 11.90 -22.83
C LEU B 130 -61.07 10.72 -23.58
N TYR B 131 -60.25 9.72 -23.86
CA TYR B 131 -60.69 8.50 -24.53
C TYR B 131 -61.79 7.78 -23.74
N ALA B 132 -61.64 7.73 -22.43
CA ALA B 132 -62.52 6.93 -21.58
C ALA B 132 -63.93 7.51 -21.46
N ILE B 133 -64.09 8.80 -21.75
CA ILE B 133 -65.39 9.43 -21.64
C ILE B 133 -66.09 9.62 -22.98
N THR B 134 -65.32 9.83 -24.05
CA THR B 134 -65.88 9.84 -25.40
C THR B 134 -66.38 8.45 -25.78
N PHE B 135 -65.46 7.55 -26.13
CA PHE B 135 -65.78 6.15 -26.37
C PHE B 135 -65.72 5.39 -25.06
N ARG B 136 -66.88 5.08 -24.49
CA ARG B 136 -66.95 4.62 -23.10
C ARG B 136 -66.41 3.22 -22.82
N LYS B 137 -66.12 2.44 -23.85
CA LYS B 137 -65.67 1.06 -23.64
C LYS B 137 -65.04 0.41 -24.87
N GLY B 138 -64.58 1.21 -25.80
CA GLY B 138 -63.95 0.67 -26.99
C GLY B 138 -62.50 1.10 -27.10
N LEU B 139 -62.29 2.29 -27.66
CA LEU B 139 -60.98 2.94 -27.65
C LEU B 139 -60.79 3.66 -26.31
N GLY B 140 -61.84 3.64 -25.48
CA GLY B 140 -61.76 4.23 -24.16
C GLY B 140 -61.31 3.23 -23.11
N ASN B 141 -60.88 2.05 -23.56
CA ASN B 141 -60.23 1.08 -22.70
C ASN B 141 -58.85 1.59 -22.30
N PRO B 142 -58.44 1.34 -21.05
CA PRO B 142 -57.10 1.63 -20.56
C PRO B 142 -56.00 1.09 -21.45
N LEU B 143 -55.04 1.96 -21.79
CA LEU B 143 -53.89 1.57 -22.58
C LEU B 143 -52.96 0.61 -21.81
N LEU B 144 -52.64 0.98 -20.57
CA LEU B 144 -51.64 0.25 -19.79
C LEU B 144 -52.25 -0.49 -18.59
N TYR B 145 -51.57 -1.55 -18.17
CA TYR B 145 -51.98 -2.36 -17.03
C TYR B 145 -51.72 -1.65 -15.70
N ASP B 146 -52.70 -1.68 -14.80
CA ASP B 146 -52.54 -1.11 -13.46
C ASP B 146 -53.14 -1.98 -12.35
N GLY B 147 -53.61 -3.16 -12.72
CA GLY B 147 -54.02 -4.15 -11.73
C GLY B 147 -55.37 -3.95 -11.07
N VAL B 148 -56.25 -3.15 -11.65
CA VAL B 148 -57.59 -2.95 -11.09
C VAL B 148 -58.48 -4.20 -11.16
N GLU B 149 -58.34 -4.97 -12.25
CA GLU B 149 -58.89 -6.32 -12.27
C GLU B 149 -57.80 -7.34 -12.57
N ARG B 150 -57.92 -8.52 -11.96
CA ARG B 150 -56.93 -9.59 -12.08
C ARG B 150 -56.64 -9.95 -13.53
N VAL B 151 -55.37 -10.11 -13.85
CA VAL B 151 -54.96 -10.70 -15.13
C VAL B 151 -53.96 -11.82 -14.83
N SER B 152 -54.37 -13.06 -15.09
CA SER B 152 -53.49 -14.20 -14.90
C SER B 152 -52.68 -14.49 -16.16
N LEU B 153 -51.76 -15.45 -16.07
CA LEU B 153 -50.91 -15.87 -17.19
C LEU B 153 -51.79 -16.44 -18.31
N GLN B 154 -52.89 -17.08 -17.90
CA GLN B 154 -53.83 -17.69 -18.83
C GLN B 154 -54.54 -16.64 -19.67
N ASP B 155 -55.00 -15.58 -19.02
CA ASP B 155 -55.64 -14.46 -19.70
C ASP B 155 -54.74 -13.86 -20.79
N ILE B 156 -53.44 -13.77 -20.50
CA ILE B 156 -52.46 -13.28 -21.48
C ILE B 156 -52.31 -14.26 -22.63
N LYS B 157 -52.43 -15.55 -22.32
CA LYS B 157 -52.32 -16.59 -23.32
C LYS B 157 -53.57 -16.65 -24.19
N ASP B 158 -54.74 -16.61 -23.55
CA ASP B 158 -56.02 -16.56 -24.26
C ASP B 158 -56.08 -15.40 -25.23
N PHE B 159 -55.58 -14.24 -24.79
CA PHE B 159 -55.61 -13.04 -25.62
C PHE B 159 -54.65 -13.14 -26.80
N ALA B 160 -53.51 -13.79 -26.59
CA ALA B 160 -52.56 -14.05 -27.67
C ALA B 160 -53.18 -14.97 -28.72
N ASP B 161 -54.07 -15.84 -28.26
CA ASP B 161 -54.76 -16.79 -29.15
C ASP B 161 -55.72 -16.06 -30.09
N LYS B 162 -56.52 -15.15 -29.52
CA LYS B 162 -57.46 -14.35 -30.29
C LYS B 162 -56.76 -13.48 -31.32
N VAL B 163 -55.72 -12.79 -30.88
CA VAL B 163 -55.17 -11.65 -31.60
C VAL B 163 -54.08 -12.00 -32.59
N TYR B 164 -53.35 -13.08 -32.33
CA TYR B 164 -52.27 -13.50 -33.22
C TYR B 164 -52.75 -14.53 -34.24
N THR B 165 -53.42 -14.05 -35.28
CA THR B 165 -53.99 -14.90 -36.32
C THR B 165 -53.68 -14.34 -37.71
N LYS B 166 -53.75 -15.19 -38.73
CA LYS B 166 -53.42 -14.81 -40.10
C LYS B 166 -54.33 -13.70 -40.64
N GLU B 167 -55.58 -13.69 -40.17
CA GLU B 167 -56.55 -12.69 -40.62
C GLU B 167 -56.43 -11.36 -39.90
N ASN B 168 -55.70 -11.35 -38.79
CA ASN B 168 -55.65 -10.18 -37.92
C ASN B 168 -54.32 -9.43 -37.96
N LEU B 169 -53.49 -9.73 -38.94
CA LEU B 169 -52.17 -9.11 -39.03
C LEU B 169 -51.76 -8.74 -40.45
N GLU B 170 -50.79 -7.83 -40.55
CA GLU B 170 -50.21 -7.44 -41.83
C GLU B 170 -48.69 -7.36 -41.71
N VAL B 171 -47.99 -8.20 -42.48
CA VAL B 171 -46.55 -8.07 -42.61
C VAL B 171 -46.25 -6.83 -43.45
N SER B 172 -45.17 -6.13 -43.13
CA SER B 172 -44.85 -4.86 -43.78
C SER B 172 -43.36 -4.55 -43.69
N GLY B 173 -42.65 -4.72 -44.80
CA GLY B 173 -41.22 -4.50 -44.79
C GLY B 173 -40.79 -3.27 -45.56
N GLU B 174 -40.13 -2.35 -44.86
CA GLU B 174 -39.53 -1.17 -45.50
C GLU B 174 -38.10 -1.51 -45.94
N ASN B 175 -37.76 -1.13 -47.17
CA ASN B 175 -36.46 -1.44 -47.77
C ASN B 175 -36.24 -2.93 -48.00
N VAL B 176 -37.27 -3.60 -48.53
CA VAL B 176 -37.25 -5.04 -48.77
C VAL B 176 -37.71 -5.36 -50.19
N VAL B 177 -37.09 -6.37 -50.81
CA VAL B 177 -37.57 -6.95 -52.06
C VAL B 177 -38.85 -7.74 -51.81
N GLU B 178 -39.97 -7.25 -52.34
CA GLU B 178 -41.28 -7.86 -52.13
C GLU B 178 -41.31 -9.33 -52.53
N ALA B 179 -40.52 -9.68 -53.54
CA ALA B 179 -40.42 -11.05 -54.04
C ALA B 179 -39.93 -12.00 -52.96
N ASP B 180 -38.77 -11.68 -52.38
CA ASP B 180 -38.18 -12.50 -51.33
C ASP B 180 -38.98 -12.46 -50.03
N LEU B 181 -39.57 -11.32 -49.71
CA LEU B 181 -40.36 -11.17 -48.49
C LEU B 181 -41.59 -12.08 -48.50
N LYS B 182 -42.40 -11.98 -49.55
CA LYS B 182 -43.57 -12.85 -49.72
C LYS B 182 -43.13 -14.32 -49.72
N ARG B 183 -42.00 -14.57 -50.38
CA ARG B 183 -41.41 -15.90 -50.45
C ARG B 183 -41.04 -16.44 -49.07
N PHE B 184 -40.55 -15.55 -48.21
CA PHE B 184 -40.09 -15.94 -46.87
C PHE B 184 -41.23 -16.02 -45.85
N VAL B 185 -42.25 -15.20 -46.04
CA VAL B 185 -43.43 -15.24 -45.17
C VAL B 185 -44.22 -16.54 -45.37
N ASP B 186 -44.44 -16.92 -46.62
CA ASP B 186 -45.17 -18.14 -46.96
C ASP B 186 -44.38 -19.38 -46.58
N GLU B 187 -43.06 -19.25 -46.59
CA GLU B 187 -42.16 -20.30 -46.12
C GLU B 187 -41.69 -19.97 -44.70
N SER B 188 -42.58 -20.19 -43.73
CA SER B 188 -42.28 -19.94 -42.31
C SER B 188 -43.42 -20.46 -41.45
N LEU B 189 -43.51 -19.96 -40.22
CA LEU B 189 -44.59 -20.34 -39.30
C LEU B 189 -45.74 -19.34 -39.38
N LEU B 190 -45.55 -18.27 -40.15
CA LEU B 190 -46.58 -17.28 -40.37
C LEU B 190 -47.80 -17.89 -41.07
N SER B 191 -47.54 -18.63 -42.15
CA SER B 191 -48.59 -19.28 -42.93
C SER B 191 -49.18 -20.51 -42.22
N THR B 192 -48.58 -20.89 -41.10
CA THR B 192 -49.04 -22.05 -40.34
C THR B 192 -49.75 -21.60 -39.06
N LEU B 193 -50.11 -20.32 -39.01
CA LEU B 193 -50.95 -19.81 -37.92
C LEU B 193 -52.42 -20.07 -38.23
N PRO B 194 -53.21 -20.40 -37.19
CA PRO B 194 -54.67 -20.26 -37.26
C PRO B 194 -55.10 -18.86 -37.69
N ALA B 195 -56.12 -18.79 -38.51
CA ALA B 195 -56.65 -17.51 -39.00
C ALA B 195 -58.09 -17.34 -38.59
N GLY B 196 -58.31 -16.80 -37.39
CA GLY B 196 -59.65 -16.64 -36.86
C GLY B 196 -60.42 -15.53 -37.55
N LYS B 197 -60.69 -14.47 -36.82
CA LYS B 197 -61.38 -13.31 -37.37
C LYS B 197 -60.62 -12.02 -37.06
N SER B 198 -61.00 -10.94 -37.75
CA SER B 198 -60.49 -9.62 -37.47
C SER B 198 -61.59 -8.78 -36.83
N LEU B 199 -61.23 -7.95 -35.85
CA LEU B 199 -62.21 -7.10 -35.19
C LEU B 199 -62.08 -5.63 -35.63
N VAL B 200 -61.84 -5.42 -36.92
CA VAL B 200 -61.82 -4.08 -37.49
C VAL B 200 -63.23 -3.71 -37.95
N SER B 201 -64.11 -3.43 -36.99
CA SER B 201 -65.51 -3.12 -37.28
C SER B 201 -65.64 -1.80 -38.04
N LYS B 202 -66.45 -1.81 -39.09
CA LYS B 202 -66.66 -0.64 -39.93
C LYS B 202 -67.55 0.40 -39.26
N SER B 203 -68.48 -0.06 -38.42
CA SER B 203 -69.43 0.82 -37.74
C SER B 203 -68.73 1.88 -36.90
N GLU B 204 -69.17 3.12 -37.06
CA GLU B 204 -68.62 4.25 -36.30
C GLU B 204 -68.77 4.02 -34.80
N PRO B 205 -67.69 4.23 -34.04
CA PRO B 205 -67.73 4.03 -32.58
C PRO B 205 -68.68 5.03 -31.93
N LYS B 206 -69.51 4.54 -31.03
CA LYS B 206 -70.51 5.39 -30.39
C LYS B 206 -69.90 6.25 -29.29
N PHE B 207 -69.72 7.53 -29.58
CA PHE B 207 -69.16 8.47 -28.60
C PHE B 207 -70.20 9.42 -28.03
N PHE B 208 -70.03 9.74 -26.75
CA PHE B 208 -70.95 10.60 -26.03
C PHE B 208 -70.35 12.00 -25.87
N LEU B 209 -71.11 13.01 -26.25
CA LEU B 209 -70.63 14.39 -26.25
C LEU B 209 -71.06 15.17 -25.01
N GLY B 210 -70.38 16.28 -24.75
CA GLY B 210 -70.67 17.09 -23.59
C GLY B 210 -70.30 16.43 -22.29
N GLU B 211 -69.20 15.68 -22.29
CA GLU B 211 -68.73 14.96 -21.11
C GLU B 211 -67.48 15.62 -20.53
N GLU B 212 -67.37 15.59 -19.20
CA GLU B 212 -66.23 16.18 -18.51
C GLU B 212 -65.79 15.37 -17.29
N ASN B 213 -64.47 15.31 -17.08
CA ASN B 213 -63.91 14.67 -15.88
C ASN B 213 -62.81 15.52 -15.26
N ARG B 214 -62.72 15.46 -13.92
CA ARG B 214 -61.75 16.26 -13.16
C ARG B 214 -60.88 15.38 -12.27
N VAL B 215 -59.58 15.35 -12.55
CA VAL B 215 -58.63 14.58 -11.74
C VAL B 215 -57.65 15.48 -11.00
N ARG B 216 -57.62 15.33 -9.67
CA ARG B 216 -56.68 16.05 -8.82
C ARG B 216 -55.27 15.49 -9.00
N PHE B 217 -54.29 16.38 -9.09
CA PHE B 217 -52.93 15.98 -9.44
C PHE B 217 -51.92 16.97 -8.85
N ILE B 218 -50.89 16.41 -8.21
CA ILE B 218 -49.78 17.22 -7.71
C ILE B 218 -48.74 17.39 -8.81
N GLY B 219 -48.63 18.62 -9.32
CA GLY B 219 -47.71 18.91 -10.42
C GLY B 219 -48.24 20.03 -11.28
N ASP B 220 -47.97 19.95 -12.59
CA ASP B 220 -48.52 20.92 -13.55
C ASP B 220 -50.03 20.73 -13.74
N SER B 221 -50.73 21.83 -14.00
CA SER B 221 -52.15 21.78 -14.33
C SER B 221 -52.35 21.74 -15.84
N VAL B 222 -53.32 20.93 -16.27
CA VAL B 222 -53.62 20.80 -17.69
C VAL B 222 -55.12 20.65 -17.93
N ALA B 223 -55.64 21.50 -18.81
CA ALA B 223 -57.04 21.41 -19.26
C ALA B 223 -57.05 20.98 -20.72
N ALA B 224 -57.87 19.99 -21.02
CA ALA B 224 -57.89 19.41 -22.36
C ALA B 224 -59.30 19.25 -22.91
N ILE B 225 -59.47 19.51 -24.21
CA ILE B 225 -60.70 19.19 -24.90
C ILE B 225 -60.50 18.08 -25.93
N GLY B 226 -61.54 17.26 -26.10
CA GLY B 226 -61.48 16.18 -27.06
C GLY B 226 -62.74 16.04 -27.88
N ILE B 227 -62.60 16.06 -29.20
CA ILE B 227 -63.73 15.99 -30.12
C ILE B 227 -63.70 14.73 -30.97
N PRO B 228 -64.74 13.89 -30.86
CA PRO B 228 -65.08 12.84 -31.84
C PRO B 228 -65.19 13.36 -33.27
N VAL B 229 -64.53 12.68 -34.20
CA VAL B 229 -64.63 13.06 -35.62
C VAL B 229 -65.28 11.98 -36.46
N ASN B 230 -65.73 12.37 -37.65
CA ASN B 230 -66.34 11.44 -38.60
C ASN B 230 -65.29 10.71 -39.44
N LYS B 231 -65.71 9.63 -40.09
CA LYS B 231 -64.84 8.88 -40.98
C LYS B 231 -64.41 9.70 -42.19
N ALA B 232 -65.23 10.69 -42.55
CA ALA B 232 -64.97 11.52 -43.73
C ALA B 232 -64.66 12.97 -43.36
N SER B 233 -65.14 13.40 -42.20
CA SER B 233 -64.96 14.78 -41.75
C SER B 233 -63.70 14.94 -40.89
N LEU B 234 -62.73 14.06 -41.09
CA LEU B 234 -61.53 14.03 -40.24
C LEU B 234 -60.36 14.83 -40.80
N ALA B 235 -60.33 15.02 -42.12
CA ALA B 235 -59.22 15.71 -42.76
C ALA B 235 -59.29 17.22 -42.63
N GLN B 236 -60.43 17.73 -42.18
CA GLN B 236 -60.55 19.15 -41.84
C GLN B 236 -60.04 19.41 -40.43
N TYR B 237 -60.32 18.48 -39.52
CA TYR B 237 -59.81 18.55 -38.16
C TYR B 237 -58.29 18.41 -38.13
N GLU B 238 -57.75 17.74 -39.15
CA GLU B 238 -56.31 17.60 -39.29
C GLU B 238 -55.63 18.93 -39.56
N VAL B 239 -56.25 19.75 -40.42
CA VAL B 239 -55.73 21.09 -40.72
C VAL B 239 -55.93 22.01 -39.53
N LEU B 240 -57.01 21.77 -38.78
CA LEU B 240 -57.29 22.49 -37.55
C LEU B 240 -56.16 22.31 -36.55
N ALA B 241 -55.78 21.04 -36.34
CA ALA B 241 -54.71 20.69 -35.41
C ALA B 241 -53.37 21.30 -35.84
N ASN B 242 -53.10 21.28 -37.14
CA ASN B 242 -51.88 21.84 -37.68
C ASN B 242 -51.93 23.37 -37.81
N TYR B 243 -53.15 23.91 -37.81
CA TYR B 243 -53.36 25.36 -37.77
C TYR B 243 -53.06 25.86 -36.36
N LEU B 244 -53.60 25.16 -35.36
CA LEU B 244 -53.42 25.54 -33.96
C LEU B 244 -51.98 25.36 -33.49
N THR B 245 -51.22 24.50 -34.19
CA THR B 245 -49.81 24.27 -33.88
C THR B 245 -48.93 24.89 -34.96
N SER B 246 -49.22 26.14 -35.30
CA SER B 246 -48.43 26.88 -36.29
C SER B 246 -48.49 28.38 -36.05
N ALA B 247 -47.60 29.12 -36.72
CA ALA B 247 -47.47 30.55 -36.51
C ALA B 247 -48.60 31.34 -37.19
N LEU B 248 -49.44 30.64 -37.95
CA LEU B 248 -50.62 31.24 -38.57
C LEU B 248 -51.66 31.59 -37.53
N SER B 249 -51.90 30.67 -36.61
CA SER B 249 -52.83 30.91 -35.51
C SER B 249 -52.22 31.83 -34.46
N GLU B 250 -53.01 32.79 -34.00
CA GLU B 250 -52.58 33.71 -32.95
C GLU B 250 -52.54 33.00 -31.61
N LEU B 251 -53.38 31.97 -31.47
CA LEU B 251 -53.48 31.25 -30.22
C LEU B 251 -52.69 29.94 -30.20
N SER B 252 -51.58 29.90 -30.93
CA SER B 252 -50.69 28.76 -30.92
C SER B 252 -49.82 28.74 -29.66
N GLY B 253 -49.41 29.92 -29.21
CA GLY B 253 -48.61 30.03 -28.01
C GLY B 253 -49.44 30.03 -26.74
N LEU B 254 -50.70 29.59 -26.85
CA LEU B 254 -51.60 29.52 -25.70
C LEU B 254 -51.89 28.07 -25.33
N ILE B 255 -51.47 27.14 -26.19
CA ILE B 255 -51.68 25.72 -25.97
C ILE B 255 -50.35 24.97 -25.96
N SER B 256 -50.36 23.78 -25.38
CA SER B 256 -49.16 22.93 -25.37
C SER B 256 -49.11 22.05 -26.62
N SER B 257 -50.24 21.43 -26.95
CA SER B 257 -50.30 20.51 -28.08
C SER B 257 -51.71 20.34 -28.62
N ALA B 258 -51.79 20.04 -29.92
CA ALA B 258 -53.05 19.70 -30.56
C ALA B 258 -52.80 18.70 -31.68
N LYS B 259 -53.59 17.64 -31.71
CA LYS B 259 -53.42 16.59 -32.72
C LYS B 259 -54.71 15.86 -33.04
N LEU B 260 -54.72 15.17 -34.18
CA LEU B 260 -55.79 14.25 -34.52
C LEU B 260 -55.25 12.81 -34.59
N ASP B 261 -55.84 11.93 -33.80
CA ASP B 261 -55.47 10.52 -33.83
C ASP B 261 -56.34 9.78 -34.82
N LYS B 262 -55.75 9.42 -35.95
CA LYS B 262 -56.46 8.74 -37.03
C LYS B 262 -56.47 7.23 -36.84
N PHE B 263 -57.64 6.62 -36.95
CA PHE B 263 -57.77 5.18 -36.83
C PHE B 263 -58.27 4.57 -38.13
N THR B 264 -58.81 3.35 -38.03
CA THR B 264 -59.36 2.65 -39.18
C THR B 264 -60.83 3.04 -39.42
N ASP B 265 -61.47 3.62 -38.40
CA ASP B 265 -62.88 3.94 -38.47
C ASP B 265 -63.25 5.21 -37.68
N GLY B 266 -62.56 6.31 -38.01
CA GLY B 266 -62.84 7.57 -37.36
C GLY B 266 -61.61 8.17 -36.71
N GLY B 267 -61.80 8.85 -35.59
CA GLY B 267 -60.68 9.45 -34.90
C GLY B 267 -61.05 10.27 -33.68
N LEU B 268 -60.04 10.90 -33.09
CA LEU B 268 -60.25 11.79 -31.96
C LEU B 268 -59.31 13.00 -32.08
N PHE B 269 -59.90 14.19 -31.96
CA PHE B 269 -59.13 15.42 -31.94
C PHE B 269 -58.87 15.83 -30.50
N THR B 270 -57.62 16.16 -30.19
CA THR B 270 -57.25 16.56 -28.83
C THR B 270 -56.54 17.91 -28.79
N LEU B 271 -56.82 18.66 -27.73
CA LEU B 271 -56.17 19.94 -27.49
C LEU B 271 -55.74 20.04 -26.02
N PHE B 272 -54.47 20.39 -25.82
CA PHE B 272 -53.86 20.36 -24.49
C PHE B 272 -53.33 21.73 -24.05
N VAL B 273 -53.93 22.26 -22.99
CA VAL B 273 -53.44 23.47 -22.34
C VAL B 273 -52.78 23.07 -21.03
N ARG B 274 -51.48 23.34 -20.92
CA ARG B 274 -50.71 22.92 -19.74
C ARG B 274 -49.73 23.99 -19.25
N ASP B 275 -49.77 24.26 -17.95
CA ASP B 275 -48.85 25.20 -17.31
C ASP B 275 -48.75 24.94 -15.81
N GLN B 276 -47.82 25.62 -15.15
CA GLN B 276 -47.59 25.50 -13.72
C GLN B 276 -48.83 25.83 -12.89
N ASP B 277 -49.23 27.11 -12.90
CA ASP B 277 -50.33 27.56 -12.06
C ASP B 277 -51.68 27.56 -12.77
N SER B 278 -52.73 27.44 -11.97
CA SER B 278 -54.09 27.21 -12.45
C SER B 278 -54.73 28.44 -13.09
N ALA B 279 -54.19 29.62 -12.79
CA ALA B 279 -54.71 30.86 -13.34
C ALA B 279 -54.44 30.96 -14.84
N VAL B 280 -53.23 30.60 -15.25
CA VAL B 280 -52.82 30.69 -16.65
C VAL B 280 -53.46 29.59 -17.49
N VAL B 281 -53.83 28.49 -16.86
CA VAL B 281 -54.49 27.39 -17.56
C VAL B 281 -55.96 27.71 -17.80
N SER B 282 -56.60 28.32 -16.80
CA SER B 282 -58.00 28.75 -16.90
C SER B 282 -58.22 29.74 -18.04
N SER B 283 -57.37 30.76 -18.12
CA SER B 283 -57.49 31.79 -19.14
C SER B 283 -57.23 31.24 -20.54
N ASN B 284 -56.11 30.55 -20.71
CA ASN B 284 -55.66 30.12 -22.02
C ASN B 284 -56.58 29.11 -22.70
N ILE B 285 -57.47 28.47 -21.93
CA ILE B 285 -58.45 27.57 -22.52
C ILE B 285 -59.81 28.22 -22.63
N LYS B 286 -60.13 29.11 -21.69
CA LYS B 286 -61.38 29.87 -21.72
C LYS B 286 -61.41 30.77 -22.96
N LYS B 287 -60.22 31.22 -23.37
CA LYS B 287 -60.05 31.98 -24.61
C LYS B 287 -60.21 31.09 -25.84
N ILE B 288 -59.58 29.92 -25.82
CA ILE B 288 -59.61 29.00 -26.97
C ILE B 288 -61.03 28.55 -27.31
N VAL B 289 -61.78 28.14 -26.29
CA VAL B 289 -63.14 27.68 -26.47
C VAL B 289 -64.06 28.82 -26.95
N ALA B 290 -63.70 30.05 -26.61
CA ALA B 290 -64.45 31.23 -27.04
C ALA B 290 -64.02 31.71 -28.43
N ASP B 291 -62.76 31.47 -28.77
CA ASP B 291 -62.20 31.92 -30.04
C ASP B 291 -62.51 30.95 -31.18
N LEU B 292 -62.67 29.68 -30.85
CA LEU B 292 -62.98 28.66 -31.84
C LEU B 292 -64.48 28.43 -31.97
N LYS B 293 -65.23 28.86 -30.95
CA LYS B 293 -66.68 28.84 -31.00
C LYS B 293 -67.17 29.83 -32.06
N LYS B 294 -66.45 30.94 -32.19
CA LYS B 294 -66.63 31.88 -33.28
C LYS B 294 -65.51 31.64 -34.30
N GLY B 295 -65.41 30.38 -34.75
CA GLY B 295 -64.22 29.92 -35.45
C GLY B 295 -63.99 30.48 -36.84
N LYS B 296 -62.91 30.02 -37.47
CA LYS B 296 -62.50 30.50 -38.79
C LYS B 296 -61.52 29.52 -39.43
N ASP B 297 -60.94 29.92 -40.56
CA ASP B 297 -59.81 29.20 -41.17
C ASP B 297 -59.37 29.87 -42.48
N LEU B 298 -60.20 29.72 -43.52
CA LEU B 298 -59.89 30.21 -44.87
C LEU B 298 -58.73 29.46 -45.54
N SER B 299 -58.58 28.18 -45.19
CA SER B 299 -57.59 27.29 -45.78
C SER B 299 -56.16 27.84 -45.83
N PRO B 300 -55.71 28.47 -44.74
CA PRO B 300 -54.41 29.15 -44.78
C PRO B 300 -53.25 28.16 -44.78
N ALA B 301 -53.45 27.05 -44.06
CA ALA B 301 -52.43 26.01 -43.90
C ALA B 301 -52.59 24.88 -44.90
N ILE B 302 -53.50 25.05 -45.86
CA ILE B 302 -53.91 23.95 -46.73
C ILE B 302 -52.76 23.27 -47.48
N ASN B 303 -51.65 23.98 -47.65
CA ASN B 303 -50.44 23.41 -48.23
C ASN B 303 -49.43 23.04 -47.14
N TYR B 304 -49.51 23.74 -46.02
CA TYR B 304 -48.67 23.47 -44.85
C TYR B 304 -49.14 22.25 -44.07
N THR B 305 -50.45 22.16 -43.83
CA THR B 305 -51.04 20.99 -43.17
C THR B 305 -51.04 19.79 -44.12
N LYS B 306 -50.72 20.04 -45.39
CA LYS B 306 -50.47 18.97 -46.34
C LYS B 306 -48.98 18.63 -46.36
N LEU B 307 -48.15 19.61 -46.01
CA LEU B 307 -46.71 19.40 -45.81
C LEU B 307 -46.52 18.49 -44.59
N LYS B 308 -47.14 18.87 -43.47
CA LYS B 308 -47.01 18.15 -42.21
C LYS B 308 -47.62 16.75 -42.29
N ASN B 309 -48.76 16.65 -42.97
CA ASN B 309 -49.43 15.36 -43.14
C ASN B 309 -48.76 14.49 -44.19
N ALA B 310 -47.66 14.98 -44.75
CA ALA B 310 -46.88 14.24 -45.73
C ALA B 310 -45.52 13.84 -45.17
N VAL B 311 -44.94 14.69 -44.33
CA VAL B 311 -43.63 14.42 -43.73
C VAL B 311 -43.70 13.32 -42.65
N GLN B 312 -44.88 12.73 -42.51
CA GLN B 312 -45.07 11.56 -41.66
C GLN B 312 -44.80 10.29 -42.45
N ASN B 313 -43.76 10.33 -43.29
CA ASN B 313 -43.36 9.26 -44.22
C ASN B 313 -43.83 7.83 -43.90
N GLU B 314 -43.61 7.39 -42.65
CA GLU B 314 -44.04 6.06 -42.21
C GLU B 314 -45.53 5.81 -42.54
N SER B 315 -46.31 6.90 -42.52
CA SER B 315 -47.75 6.83 -42.77
C SER B 315 -48.05 6.09 -44.07
N VAL B 316 -47.40 6.53 -45.15
CA VAL B 316 -47.65 6.00 -46.50
C VAL B 316 -47.82 4.48 -46.48
N SER B 317 -48.95 4.06 -47.04
CA SER B 317 -49.96 3.27 -46.33
C SER B 317 -50.90 4.31 -45.71
N SER B 318 -51.10 5.40 -46.45
CA SER B 318 -51.77 6.60 -45.95
C SER B 318 -53.22 6.71 -46.45
N PRO B 319 -54.15 7.09 -45.55
CA PRO B 319 -55.55 7.29 -45.94
C PRO B 319 -55.80 8.60 -46.71
N ILE B 320 -57.08 8.84 -47.02
CA ILE B 320 -57.57 10.03 -47.74
C ILE B 320 -56.61 11.22 -47.84
N GLU B 321 -56.45 11.75 -49.06
CA GLU B 321 -55.53 12.85 -49.30
C GLU B 321 -56.22 14.16 -49.65
N LEU B 322 -56.82 14.22 -50.84
CA LEU B 322 -57.35 15.48 -51.40
C LEU B 322 -58.63 15.96 -50.72
N ASN B 323 -58.80 15.61 -49.46
CA ASN B 323 -59.91 16.08 -48.64
C ASN B 323 -59.58 17.45 -48.04
N PHE B 324 -58.33 17.89 -48.26
CA PHE B 324 -57.87 19.19 -47.78
C PHE B 324 -58.29 20.28 -48.76
N ASP B 325 -58.10 20.00 -50.05
CA ASP B 325 -58.57 20.88 -51.12
C ASP B 325 -60.07 20.65 -51.31
N ALA B 326 -60.82 20.79 -50.22
CA ALA B 326 -62.25 20.53 -50.21
C ALA B 326 -62.95 21.48 -49.24
N VAL B 327 -62.95 21.13 -47.96
CA VAL B 327 -63.52 21.99 -46.92
C VAL B 327 -62.44 22.78 -46.21
N LYS B 328 -62.73 24.05 -45.94
CA LYS B 328 -61.76 24.96 -45.33
C LYS B 328 -62.36 25.69 -44.12
N ASP B 329 -63.65 25.50 -43.88
CA ASP B 329 -64.31 26.19 -42.78
C ASP B 329 -64.47 25.30 -41.55
N PHE B 330 -64.55 25.94 -40.39
CA PHE B 330 -64.69 25.22 -39.12
C PHE B 330 -65.43 26.02 -38.05
N LYS B 331 -66.45 25.38 -37.46
CA LYS B 331 -67.19 25.91 -36.32
C LYS B 331 -66.51 25.46 -35.01
N LEU B 332 -67.32 25.12 -34.00
CA LEU B 332 -66.88 24.28 -32.89
C LEU B 332 -68.12 23.82 -32.12
N GLY B 333 -68.53 22.59 -32.38
CA GLY B 333 -69.76 22.08 -31.80
C GLY B 333 -69.60 21.69 -30.33
N LYS B 334 -70.19 20.56 -29.96
CA LYS B 334 -70.01 20.02 -28.63
C LYS B 334 -68.76 19.16 -28.57
N PHE B 335 -68.04 19.25 -27.46
CA PHE B 335 -66.81 18.50 -27.25
C PHE B 335 -66.79 17.84 -25.87
N ASN B 336 -65.64 17.30 -25.50
CA ASN B 336 -65.44 16.75 -24.17
C ASN B 336 -64.24 17.40 -23.49
N TYR B 337 -64.28 17.44 -22.17
CA TYR B 337 -63.38 18.29 -21.38
C TYR B 337 -62.83 17.54 -20.16
N VAL B 338 -61.53 17.67 -19.91
CA VAL B 338 -60.96 17.21 -18.65
C VAL B 338 -60.03 18.23 -18.00
N ALA B 339 -60.22 18.42 -16.70
CA ALA B 339 -59.34 19.24 -15.89
C ALA B 339 -58.46 18.34 -15.04
N VAL B 340 -57.15 18.48 -15.20
CA VAL B 340 -56.17 17.72 -14.43
C VAL B 340 -55.24 18.68 -13.71
N GLY B 341 -55.21 18.60 -12.38
CA GLY B 341 -54.25 19.35 -11.61
C GLY B 341 -54.87 20.09 -10.44
N ASP B 342 -54.59 21.38 -10.36
CA ASP B 342 -55.20 22.26 -9.38
C ASP B 342 -56.68 22.43 -9.72
N VAL B 343 -57.49 21.47 -9.27
CA VAL B 343 -58.84 21.28 -9.77
C VAL B 343 -59.83 22.31 -9.23
N SER B 344 -59.62 22.73 -7.98
CA SER B 344 -60.48 23.73 -7.34
C SER B 344 -60.20 25.13 -7.91
N ASN B 345 -59.34 25.20 -8.92
CA ASN B 345 -58.95 26.46 -9.53
C ASN B 345 -58.98 26.36 -11.05
N LEU B 346 -59.74 25.41 -11.57
CA LEU B 346 -59.83 25.20 -13.02
C LEU B 346 -61.28 25.30 -13.47
N PRO B 347 -61.50 25.71 -14.74
CA PRO B 347 -62.85 25.87 -15.29
C PRO B 347 -63.66 24.57 -15.27
N TYR B 348 -64.95 24.69 -15.00
CA TYR B 348 -65.88 23.61 -15.28
C TYR B 348 -66.36 23.74 -16.74
N LEU B 349 -67.11 22.76 -17.21
CA LEU B 349 -67.58 22.74 -18.59
C LEU B 349 -68.57 23.88 -18.88
N ASP B 350 -69.32 24.30 -17.84
CA ASP B 350 -70.32 25.35 -17.95
C ASP B 350 -69.81 26.63 -18.60
N GLU B 351 -68.63 27.07 -18.14
CA GLU B 351 -68.19 28.44 -18.37
C GLU B 351 -67.18 28.60 -19.52
N LEU B 352 -67.30 27.74 -20.52
CA LEU B 352 -66.36 27.75 -21.64
C LEU B 352 -67.03 28.20 -22.95
N MET C 1 -20.08 -5.92 -5.80
CA MET C 1 -19.21 -4.80 -5.32
C MET C 1 -17.75 -5.22 -5.42
N ALA C 2 -16.83 -4.27 -5.26
CA ALA C 2 -15.40 -4.58 -5.26
C ALA C 2 -15.04 -5.60 -4.19
N PHE C 3 -14.08 -6.47 -4.49
CA PHE C 3 -13.69 -7.55 -3.59
C PHE C 3 -13.21 -7.03 -2.23
N ARG C 4 -12.51 -5.87 -2.23
CA ARG C 4 -12.01 -5.28 -1.01
C ARG C 4 -13.16 -4.93 -0.04
N LYS C 5 -14.37 -4.80 -0.60
CA LYS C 5 -15.58 -4.55 0.18
C LYS C 5 -16.32 -5.84 0.59
N SER C 6 -16.35 -6.82 -0.31
CA SER C 6 -17.21 -7.98 -0.13
C SER C 6 -16.59 -9.05 0.77
N ASN C 7 -15.27 -9.19 0.71
CA ASN C 7 -14.55 -10.18 1.52
C ASN C 7 -14.59 -9.80 3.00
N VAL C 8 -14.75 -10.81 3.85
CA VAL C 8 -14.92 -10.62 5.29
C VAL C 8 -13.70 -9.97 5.99
N TYR C 9 -12.49 -10.32 5.54
CA TYR C 9 -11.28 -9.80 6.16
C TYR C 9 -10.85 -8.50 5.52
N LEU C 10 -10.94 -8.42 4.20
CA LEU C 10 -10.53 -7.23 3.48
C LEU C 10 -11.42 -6.02 3.72
N SER C 11 -12.70 -6.26 3.99
CA SER C 11 -13.62 -5.16 4.23
C SER C 11 -13.26 -4.40 5.50
N LEU C 12 -12.71 -5.10 6.50
CA LEU C 12 -12.18 -4.47 7.69
C LEU C 12 -11.04 -3.55 7.27
N VAL C 13 -10.13 -4.08 6.46
CA VAL C 13 -9.01 -3.28 5.99
C VAL C 13 -9.51 -2.08 5.18
N ASN C 14 -10.55 -2.28 4.39
CA ASN C 14 -11.06 -1.23 3.52
C ASN C 14 -11.71 -0.12 4.33
N SER C 15 -12.49 -0.50 5.34
CA SER C 15 -13.24 0.50 6.08
C SER C 15 -12.35 1.27 7.06
N TYR C 16 -11.22 0.68 7.45
CA TYR C 16 -10.31 1.37 8.36
C TYR C 16 -9.17 2.12 7.68
N ILE C 17 -8.75 1.65 6.50
CA ILE C 17 -7.48 2.11 5.93
C ILE C 17 -7.58 2.64 4.51
N ILE C 18 -8.63 2.28 3.79
CA ILE C 18 -8.72 2.63 2.37
C ILE C 18 -9.82 3.66 2.07
N ASP C 19 -11.06 3.30 2.35
CA ASP C 19 -12.21 4.15 2.03
C ASP C 19 -12.65 5.03 3.20
N SER C 20 -12.01 4.85 4.36
CA SER C 20 -12.36 5.58 5.58
C SER C 20 -12.40 7.08 5.32
N PRO C 21 -13.56 7.72 5.49
CA PRO C 21 -13.72 9.15 5.18
C PRO C 21 -13.05 10.07 6.21
N GLN C 22 -12.00 10.76 5.79
CA GLN C 22 -11.28 11.68 6.67
C GLN C 22 -11.71 13.12 6.40
N PRO C 23 -11.77 13.96 7.46
CA PRO C 23 -11.97 15.40 7.26
C PRO C 23 -10.81 15.96 6.47
N SER C 24 -11.11 16.76 5.45
CA SER C 24 -10.11 17.22 4.49
C SER C 24 -8.98 18.00 5.12
N SER C 25 -9.26 18.57 6.28
CA SER C 25 -8.38 19.59 6.83
C SER C 25 -7.48 19.15 8.00
N ILE C 26 -7.50 17.87 8.36
CA ILE C 26 -6.62 17.45 9.45
C ILE C 26 -5.15 17.71 9.09
N ASN C 27 -4.38 18.19 10.06
CA ASN C 27 -3.00 18.56 9.81
C ASN C 27 -2.05 17.47 10.32
N TYR C 28 -0.75 17.71 10.22
CA TYR C 28 0.25 16.70 10.57
C TYR C 28 0.22 16.24 12.04
N TRP C 29 -0.51 16.96 12.88
CA TRP C 29 -0.71 16.53 14.27
C TRP C 29 -1.54 15.26 14.35
N TRP C 30 -2.29 14.99 13.28
CA TRP C 30 -3.09 13.77 13.21
C TRP C 30 -2.29 12.58 12.65
N ASN C 31 -1.00 12.78 12.43
CA ASN C 31 -0.11 11.67 12.03
C ASN C 31 0.48 10.88 13.18
N MET C 32 0.30 11.34 14.42
CA MET C 32 0.96 10.71 15.58
C MET C 32 0.44 9.31 15.88
N GLY C 33 -0.86 9.08 15.67
CA GLY C 33 -1.43 7.78 15.93
C GLY C 33 -0.85 6.62 15.13
N SER C 34 -0.61 6.84 13.84
CA SER C 34 0.03 5.82 13.01
C SER C 34 1.46 5.59 13.48
N LEU C 35 2.12 6.67 13.92
CA LEU C 35 3.47 6.60 14.48
C LEU C 35 3.51 5.79 15.79
N LEU C 36 2.41 5.85 16.55
CA LEU C 36 2.28 5.00 17.72
C LEU C 36 2.09 3.51 17.40
N GLY C 37 1.37 3.21 16.32
CA GLY C 37 1.20 1.83 15.91
C GLY C 37 2.53 1.29 15.44
N LEU C 38 3.26 2.10 14.67
CA LEU C 38 4.59 1.77 14.20
C LEU C 38 5.54 1.49 15.38
N CYS C 39 5.49 2.36 16.40
CA CYS C 39 6.29 2.19 17.61
C CYS C 39 5.99 0.86 18.29
N LEU C 40 4.72 0.54 18.37
CA LEU C 40 4.31 -0.69 19.03
C LEU C 40 4.89 -1.89 18.29
N VAL C 41 4.88 -1.81 16.96
CA VAL C 41 5.45 -2.88 16.13
C VAL C 41 6.97 -2.98 16.31
N ILE C 42 7.69 -1.86 16.23
CA ILE C 42 9.13 -1.86 16.49
C ILE C 42 9.50 -2.49 17.85
N GLN C 43 8.72 -2.19 18.89
CA GLN C 43 9.03 -2.71 20.23
C GLN C 43 8.80 -4.21 20.31
N ILE C 44 7.74 -4.68 19.68
CA ILE C 44 7.40 -6.09 19.75
C ILE C 44 8.37 -6.94 18.93
N VAL C 45 8.64 -6.53 17.70
CA VAL C 45 9.53 -7.27 16.81
C VAL C 45 10.95 -7.37 17.41
N THR C 46 11.54 -6.23 17.84
CA THR C 46 12.89 -6.22 18.41
C THR C 46 12.97 -6.93 19.75
N GLY C 47 11.89 -6.89 20.52
CA GLY C 47 11.85 -7.60 21.78
C GLY C 47 11.81 -9.12 21.64
N ILE C 48 11.10 -9.62 20.65
CA ILE C 48 10.99 -11.05 20.44
C ILE C 48 12.34 -11.60 19.97
N PHE C 49 13.01 -10.89 19.07
CA PHE C 49 14.29 -11.35 18.57
C PHE C 49 15.36 -11.32 19.65
N MET C 50 15.26 -10.36 20.56
CA MET C 50 16.17 -10.30 21.71
C MET C 50 15.87 -11.38 22.74
N ALA C 51 14.58 -11.68 22.93
CA ALA C 51 14.15 -12.68 23.91
C ALA C 51 14.79 -14.04 23.61
N MET C 52 15.05 -14.25 22.33
CA MET C 52 15.71 -15.46 21.85
C MET C 52 17.10 -15.64 22.45
N HIS C 53 17.69 -14.55 22.95
CA HIS C 53 19.06 -14.58 23.45
C HIS C 53 19.15 -14.17 24.93
N TYR C 54 18.00 -13.94 25.56
CA TYR C 54 17.98 -13.33 26.89
C TYR C 54 17.71 -14.37 27.98
N SER C 55 18.41 -14.23 29.10
CA SER C 55 18.16 -15.08 30.27
C SER C 55 17.69 -14.23 31.42
N SER C 56 16.57 -14.63 32.02
CA SER C 56 15.93 -13.82 33.04
C SER C 56 16.43 -14.07 34.47
N ASN C 57 17.19 -15.15 34.68
CA ASN C 57 17.82 -15.40 36.00
C ASN C 57 18.61 -14.20 36.43
N ILE C 58 18.52 -13.87 37.71
CA ILE C 58 19.13 -12.67 38.24
C ILE C 58 20.65 -12.71 38.19
N GLU C 59 21.22 -13.92 38.16
CA GLU C 59 22.66 -14.08 37.96
C GLU C 59 23.08 -13.84 36.51
N LEU C 60 22.16 -14.05 35.57
CA LEU C 60 22.55 -14.08 34.16
C LEU C 60 22.00 -12.92 33.34
N ALA C 61 21.04 -12.18 33.90
CA ALA C 61 20.28 -11.22 33.11
C ALA C 61 21.15 -10.11 32.51
N PHE C 62 21.98 -9.50 33.34
CA PHE C 62 22.84 -8.41 32.89
C PHE C 62 23.86 -8.89 31.87
N SER C 63 24.44 -10.07 32.12
CA SER C 63 25.42 -10.63 31.19
C SER C 63 24.77 -11.08 29.89
N SER C 64 23.52 -11.52 29.97
CA SER C 64 22.82 -11.98 28.78
C SER C 64 22.50 -10.80 27.87
N VAL C 65 22.38 -9.61 28.46
CA VAL C 65 22.17 -8.41 27.66
C VAL C 65 23.50 -7.90 27.07
N GLU C 66 24.59 -8.00 27.83
CA GLU C 66 25.93 -7.79 27.28
C GLU C 66 26.26 -8.76 26.14
N HIS C 67 25.77 -10.00 26.26
CA HIS C 67 25.90 -11.01 25.21
C HIS C 67 25.16 -10.60 23.94
N ILE C 68 23.98 -9.99 24.09
CA ILE C 68 23.25 -9.48 22.95
C ILE C 68 24.04 -8.34 22.32
N MET C 69 24.68 -7.52 23.17
CA MET C 69 25.44 -6.37 22.69
C MET C 69 26.70 -6.79 21.94
N ARG C 70 27.35 -7.86 22.40
CA ARG C 70 28.69 -8.21 21.93
C ARG C 70 28.72 -9.35 20.91
N ASP C 71 27.94 -10.40 21.15
CA ASP C 71 28.06 -11.66 20.41
C ASP C 71 26.97 -11.90 19.35
N VAL C 72 25.78 -11.34 19.55
CA VAL C 72 24.66 -11.56 18.65
C VAL C 72 24.84 -10.66 17.42
N HIS C 73 24.81 -11.25 16.23
CA HIS C 73 24.97 -10.44 15.02
C HIS C 73 23.86 -9.39 14.89
N ASN C 74 24.30 -8.13 14.86
CA ASN C 74 23.40 -6.98 14.86
C ASN C 74 22.65 -6.84 16.19
N GLY C 75 23.15 -7.50 17.24
CA GLY C 75 22.52 -7.45 18.54
C GLY C 75 22.45 -6.06 19.16
N TYR C 76 23.49 -5.26 18.98
CA TYR C 76 23.51 -3.92 19.51
C TYR C 76 22.45 -3.05 18.82
N ILE C 77 22.14 -3.36 17.56
CA ILE C 77 21.12 -2.64 16.80
C ILE C 77 19.74 -2.96 17.39
N LEU C 78 19.49 -4.22 17.68
CA LEU C 78 18.22 -4.63 18.27
C LEU C 78 18.01 -3.96 19.64
N ARG C 79 19.06 -3.97 20.47
CA ARG C 79 18.95 -3.47 21.83
C ARG C 79 18.78 -1.96 21.80
N TYR C 80 19.60 -1.29 20.98
CA TYR C 80 19.51 0.16 20.89
C TYR C 80 18.21 0.64 20.23
N LEU C 81 17.66 -0.14 19.30
CA LEU C 81 16.35 0.16 18.71
C LEU C 81 15.25 0.08 19.78
N HIS C 82 15.25 -1.03 20.51
CA HIS C 82 14.32 -1.26 21.62
C HIS C 82 14.37 -0.16 22.67
N ALA C 83 15.57 0.20 23.13
CA ALA C 83 15.74 1.13 24.24
C ALA C 83 15.41 2.56 23.82
N ASN C 84 15.94 2.95 22.67
CA ASN C 84 15.65 4.29 22.13
C ASN C 84 14.24 4.39 21.59
N GLY C 85 13.72 3.28 21.07
CA GLY C 85 12.34 3.22 20.62
C GLY C 85 11.33 3.40 21.71
N ALA C 86 11.61 2.86 22.89
CA ALA C 86 10.76 3.07 24.07
C ALA C 86 10.64 4.56 24.38
N SER C 87 11.76 5.28 24.27
CA SER C 87 11.77 6.71 24.52
C SER C 87 10.99 7.45 23.46
N PHE C 88 11.17 7.04 22.21
CA PHE C 88 10.48 7.69 21.10
C PHE C 88 8.97 7.40 21.18
N PHE C 89 8.64 6.24 21.73
CA PHE C 89 7.26 5.82 21.95
C PHE C 89 6.58 6.81 22.92
N PHE C 90 7.30 7.25 23.95
CA PHE C 90 6.78 8.24 24.89
C PHE C 90 6.73 9.65 24.35
N MET C 91 7.76 10.07 23.62
CA MET C 91 7.76 11.38 22.98
C MET C 91 6.49 11.51 22.13
N VAL C 92 6.21 10.49 21.33
CA VAL C 92 5.09 10.55 20.39
C VAL C 92 3.75 10.42 21.11
N MET C 93 3.70 9.60 22.16
CA MET C 93 2.51 9.51 22.99
C MET C 93 2.13 10.84 23.66
N PHE C 94 3.13 11.56 24.18
CA PHE C 94 2.89 12.86 24.81
C PHE C 94 2.33 13.84 23.78
N MET C 95 2.84 13.77 22.55
CA MET C 95 2.39 14.66 21.47
C MET C 95 0.97 14.30 21.04
N HIS C 96 0.69 13.00 20.95
CA HIS C 96 -0.64 12.50 20.65
C HIS C 96 -1.65 12.96 21.71
N MET C 97 -1.27 12.85 22.98
CA MET C 97 -2.09 13.33 24.08
C MET C 97 -2.26 14.86 24.08
N ALA C 98 -1.15 15.58 23.88
CA ALA C 98 -1.17 17.04 23.86
C ALA C 98 -2.05 17.56 22.72
N LYS C 99 -2.00 16.88 21.58
CA LYS C 99 -2.87 17.15 20.44
C LYS C 99 -4.34 17.02 20.89
N GLY C 100 -4.63 15.97 21.64
CA GLY C 100 -6.00 15.70 22.05
C GLY C 100 -6.51 16.78 22.97
N LEU C 101 -5.61 17.23 23.85
CA LEU C 101 -5.86 18.28 24.83
C LEU C 101 -6.18 19.60 24.15
N TYR C 102 -5.33 19.98 23.21
CA TYR C 102 -5.47 21.22 22.47
C TYR C 102 -6.75 21.31 21.63
N TYR C 103 -7.11 20.22 20.95
CA TYR C 103 -8.19 20.27 19.96
C TYR C 103 -9.50 19.73 20.50
N GLY C 104 -9.55 19.51 21.81
CA GLY C 104 -10.79 19.06 22.42
C GLY C 104 -11.23 17.69 21.95
N SER C 105 -10.26 16.82 21.66
CA SER C 105 -10.54 15.49 21.14
C SER C 105 -11.15 14.58 22.21
N TYR C 106 -10.95 14.94 23.47
CA TYR C 106 -11.53 14.21 24.59
C TYR C 106 -13.03 14.46 24.72
N ARG C 107 -13.53 15.46 24.02
CA ARG C 107 -14.94 15.85 24.17
C ARG C 107 -15.88 14.82 23.60
N SER C 108 -17.13 14.90 24.05
CA SER C 108 -18.26 14.21 23.43
C SER C 108 -18.30 14.50 21.93
N PRO C 109 -18.47 13.44 21.09
CA PRO C 109 -18.79 12.05 21.42
C PRO C 109 -17.58 11.10 21.49
N ARG C 110 -16.41 11.65 21.80
CA ARG C 110 -15.19 10.84 21.82
C ARG C 110 -14.63 10.58 23.22
N VAL C 111 -15.53 10.60 24.21
CA VAL C 111 -15.10 10.39 25.60
C VAL C 111 -14.54 8.98 25.81
N THR C 112 -15.27 7.97 25.33
CA THR C 112 -14.82 6.58 25.36
C THR C 112 -13.44 6.41 24.69
N LEU C 113 -13.27 7.04 23.53
CA LEU C 113 -11.98 7.06 22.85
C LEU C 113 -10.85 7.55 23.76
N TRP C 114 -11.09 8.67 24.44
CA TRP C 114 -10.15 9.27 25.38
C TRP C 114 -9.87 8.39 26.59
N ASN C 115 -10.92 7.76 27.15
CA ASN C 115 -10.76 6.95 28.35
C ASN C 115 -9.93 5.71 28.08
N VAL C 116 -10.15 5.09 26.91
CA VAL C 116 -9.36 3.94 26.51
C VAL C 116 -7.91 4.34 26.29
N GLY C 117 -7.72 5.54 25.75
CA GLY C 117 -6.38 6.11 25.62
C GLY C 117 -5.65 6.23 26.95
N VAL C 118 -6.36 6.61 28.01
CA VAL C 118 -5.73 6.79 29.32
C VAL C 118 -5.29 5.44 29.89
N ILE C 119 -6.10 4.42 29.63
CA ILE C 119 -5.74 3.06 30.00
C ILE C 119 -4.47 2.56 29.28
N ILE C 120 -4.39 2.80 27.97
CA ILE C 120 -3.22 2.44 27.18
C ILE C 120 -1.95 3.09 27.73
N PHE C 121 -2.06 4.37 28.08
CA PHE C 121 -0.97 5.14 28.69
C PHE C 121 -0.47 4.53 30.00
N THR C 122 -1.38 4.16 30.89
CA THR C 122 -1.01 3.47 32.12
C THR C 122 -0.30 2.15 31.80
N LEU C 123 -0.84 1.39 30.84
CA LEU C 123 -0.28 0.08 30.48
C LEU C 123 1.11 0.19 29.85
N THR C 124 1.32 1.29 29.13
CA THR C 124 2.56 1.52 28.42
C THR C 124 3.65 1.90 29.41
N ILE C 125 3.27 2.72 30.39
CA ILE C 125 4.16 3.07 31.49
C ILE C 125 4.56 1.83 32.30
N ALA C 126 3.59 0.97 32.61
CA ALA C 126 3.91 -0.26 33.33
C ALA C 126 4.80 -1.22 32.50
N THR C 127 4.56 -1.27 31.19
CA THR C 127 5.32 -2.15 30.31
C THR C 127 6.80 -1.72 30.25
N ALA C 128 7.06 -0.42 30.16
CA ALA C 128 8.43 0.09 30.04
C ALA C 128 9.21 -0.11 31.34
N PHE C 129 8.51 0.00 32.47
CA PHE C 129 9.11 -0.25 33.77
C PHE C 129 9.53 -1.73 33.90
N LEU C 130 8.64 -2.64 33.50
CA LEU C 130 8.96 -4.07 33.49
C LEU C 130 10.17 -4.39 32.61
N GLY C 131 10.28 -3.74 31.47
CA GLY C 131 11.42 -3.95 30.58
C GLY C 131 12.72 -3.40 31.16
N TYR C 132 12.63 -2.21 31.72
CA TYR C 132 13.78 -1.59 32.35
C TYR C 132 14.39 -2.45 33.45
N CYS C 133 13.53 -3.15 34.20
CA CYS C 133 13.99 -4.07 35.26
C CYS C 133 14.76 -5.28 34.72
N CYS C 134 14.49 -5.65 33.46
CA CYS C 134 15.05 -6.88 32.89
C CYS C 134 16.54 -6.81 32.60
N VAL C 135 17.04 -5.60 32.35
CA VAL C 135 18.47 -5.33 32.22
C VAL C 135 19.23 -5.74 33.48
N TYR C 136 18.58 -5.58 34.63
CA TYR C 136 19.16 -5.69 35.94
C TYR C 136 20.48 -4.96 36.17
N GLY C 137 20.54 -3.72 35.70
CA GLY C 137 21.57 -2.81 36.13
C GLY C 137 21.21 -2.20 37.50
N GLN C 138 21.94 -1.18 37.93
CA GLN C 138 21.69 -0.55 39.22
C GLN C 138 20.34 0.17 39.24
N MET C 139 20.06 0.94 38.18
CA MET C 139 18.78 1.59 38.03
C MET C 139 17.62 0.59 37.93
N SER C 140 17.88 -0.59 37.37
CA SER C 140 16.87 -1.64 37.32
C SER C 140 16.45 -2.10 38.72
N HIS C 141 17.46 -2.47 39.52
CA HIS C 141 17.19 -3.03 40.84
C HIS C 141 16.41 -2.05 41.74
N TRP C 142 16.83 -0.79 41.74
CA TRP C 142 16.26 0.19 42.64
C TRP C 142 14.97 0.78 42.09
N GLY C 143 14.86 0.83 40.76
CA GLY C 143 13.57 1.08 40.14
C GLY C 143 12.54 0.03 40.54
N ALA C 144 12.90 -1.24 40.41
CA ALA C 144 12.01 -2.33 40.82
C ALA C 144 11.65 -2.21 42.30
N THR C 145 12.64 -1.85 43.13
CA THR C 145 12.45 -1.75 44.58
C THR C 145 11.48 -0.61 44.94
N VAL C 146 11.78 0.58 44.42
CA VAL C 146 11.00 1.78 44.71
C VAL C 146 9.54 1.65 44.22
N ILE C 147 9.37 1.13 43.01
CA ILE C 147 8.06 1.06 42.38
C ILE C 147 7.19 -0.06 42.91
N THR C 148 7.76 -1.20 43.27
CA THR C 148 6.96 -2.24 43.91
C THR C 148 6.55 -1.75 45.30
N ASN C 149 7.40 -0.89 45.89
CA ASN C 149 7.10 -0.37 47.22
C ASN C 149 5.98 0.67 47.25
N LEU C 150 5.65 1.24 46.09
CA LEU C 150 4.49 2.11 45.96
C LEU C 150 3.26 1.50 46.63
N PHE C 151 3.15 0.19 46.58
CA PHE C 151 1.96 -0.52 47.03
C PHE C 151 1.99 -0.76 48.55
N SER C 152 3.15 -0.54 49.17
CA SER C 152 3.25 -0.69 50.61
C SER C 152 2.46 0.42 51.33
N ALA C 153 2.15 1.48 50.60
CA ALA C 153 1.36 2.59 51.15
C ALA C 153 -0.10 2.21 51.33
N ILE C 154 -0.51 1.06 50.80
CA ILE C 154 -1.89 0.62 50.93
C ILE C 154 -2.16 0.21 52.36
N PRO C 155 -3.22 0.78 52.97
CA PRO C 155 -3.66 0.44 54.33
C PRO C 155 -3.71 -1.07 54.61
N PHE C 156 -3.20 -1.44 55.79
CA PHE C 156 -3.10 -2.82 56.30
C PHE C 156 -2.45 -3.90 55.44
N VAL C 157 -2.98 -4.17 54.25
CA VAL C 157 -2.47 -5.27 53.41
C VAL C 157 -1.44 -4.85 52.36
N GLY C 158 -0.65 -3.81 52.64
CA GLY C 158 0.25 -3.27 51.63
C GLY C 158 1.57 -3.99 51.54
N ASN C 159 2.15 -4.34 52.68
CA ASN C 159 3.43 -5.03 52.71
C ASN C 159 3.27 -6.46 52.25
N ASP C 160 2.04 -6.97 52.36
CA ASP C 160 1.71 -8.30 51.88
C ASP C 160 1.66 -8.34 50.36
N ILE C 161 1.11 -7.28 49.75
CA ILE C 161 1.13 -7.15 48.29
C ILE C 161 2.55 -7.12 47.77
N VAL C 162 3.42 -6.38 48.47
CA VAL C 162 4.79 -6.17 48.03
C VAL C 162 5.61 -7.45 48.08
N SER C 163 5.42 -8.25 49.13
CA SER C 163 6.19 -9.47 49.27
C SER C 163 5.66 -10.52 48.29
N TRP C 164 4.37 -10.43 47.99
CA TRP C 164 3.76 -11.24 46.94
C TRP C 164 4.29 -10.83 45.55
N LEU C 165 4.41 -9.52 45.29
CA LEU C 165 4.98 -9.06 44.03
C LEU C 165 6.46 -9.47 43.89
N TRP C 166 7.19 -9.40 44.99
CA TRP C 166 8.60 -9.77 44.99
C TRP C 166 8.82 -11.28 44.88
N GLY C 167 7.93 -12.06 45.47
CA GLY C 167 8.12 -13.49 45.56
C GLY C 167 9.14 -13.84 46.63
N GLY C 168 9.35 -12.92 47.57
CA GLY C 168 10.25 -13.18 48.68
C GLY C 168 10.54 -11.98 49.56
N PHE C 169 11.74 -11.95 50.13
CA PHE C 169 12.11 -10.96 51.15
C PHE C 169 12.52 -9.62 50.54
N SER C 170 13.00 -9.67 49.30
CA SER C 170 13.44 -8.47 48.59
C SER C 170 13.41 -8.74 47.08
N VAL C 171 13.77 -7.72 46.29
CA VAL C 171 13.85 -7.89 44.85
C VAL C 171 14.98 -8.86 44.53
N SER C 172 14.60 -10.02 44.01
CA SER C 172 15.51 -11.15 43.83
C SER C 172 15.19 -11.89 42.52
N ASN C 173 15.71 -13.11 42.40
CA ASN C 173 15.50 -13.93 41.19
C ASN C 173 14.02 -14.13 40.80
N PRO C 174 13.17 -14.57 41.77
CA PRO C 174 11.72 -14.65 41.53
C PRO C 174 11.17 -13.38 40.89
N THR C 175 11.67 -12.24 41.35
CA THR C 175 11.15 -10.95 40.94
C THR C 175 11.47 -10.65 39.48
N ILE C 176 12.72 -10.89 39.08
CA ILE C 176 13.17 -10.55 37.74
C ILE C 176 12.66 -11.53 36.70
N GLN C 177 12.51 -12.79 37.10
CA GLN C 177 11.93 -13.78 36.20
C GLN C 177 10.44 -13.53 35.93
N ARG C 178 9.69 -13.11 36.94
CA ARG C 178 8.28 -12.81 36.71
C ARG C 178 8.05 -11.48 36.01
N PHE C 179 8.98 -10.54 36.17
CA PHE C 179 8.92 -9.26 35.49
C PHE C 179 9.24 -9.39 34.00
N PHE C 180 10.12 -10.32 33.63
CA PHE C 180 10.32 -10.65 32.22
C PHE C 180 9.07 -11.29 31.61
N ALA C 181 8.50 -12.27 32.30
CA ALA C 181 7.29 -12.93 31.82
C ALA C 181 6.16 -11.93 31.61
N LEU C 182 6.00 -11.01 32.56
CA LEU C 182 5.00 -9.95 32.48
C LEU C 182 5.33 -8.92 31.39
N HIS C 183 6.61 -8.64 31.18
CA HIS C 183 7.01 -7.68 30.16
C HIS C 183 6.67 -8.20 28.77
N TYR C 184 6.74 -9.51 28.61
CA TYR C 184 6.40 -10.15 27.35
C TYR C 184 4.89 -10.08 27.11
N LEU C 185 4.09 -10.25 28.18
CA LEU C 185 2.62 -10.32 28.08
C LEU C 185 1.98 -8.98 27.74
N VAL C 186 2.32 -7.93 28.49
CA VAL C 186 1.51 -6.72 28.47
C VAL C 186 1.46 -5.98 27.12
N PRO C 187 2.56 -6.01 26.32
CA PRO C 187 2.47 -5.51 24.94
C PRO C 187 1.32 -6.07 24.11
N PHE C 188 0.98 -7.33 24.31
CA PHE C 188 -0.17 -7.92 23.62
C PHE C 188 -1.53 -7.45 24.15
N ILE C 189 -1.61 -7.17 25.44
CA ILE C 189 -2.80 -6.51 26.01
C ILE C 189 -2.94 -5.07 25.50
N ILE C 190 -1.80 -4.40 25.33
CA ILE C 190 -1.81 -3.06 24.76
C ILE C 190 -2.33 -3.11 23.32
N ALA C 191 -1.91 -4.13 22.57
CA ALA C 191 -2.38 -4.33 21.21
C ALA C 191 -3.91 -4.52 21.13
N ALA C 192 -4.46 -5.25 22.08
CA ALA C 192 -5.91 -5.45 22.14
C ALA C 192 -6.65 -4.18 22.53
N MET C 193 -6.02 -3.35 23.36
CA MET C 193 -6.58 -2.07 23.75
C MET C 193 -6.50 -1.05 22.61
N VAL C 194 -5.46 -1.16 21.78
CA VAL C 194 -5.36 -0.32 20.60
C VAL C 194 -6.48 -0.59 19.60
N ILE C 195 -6.86 -1.86 19.47
CA ILE C 195 -7.98 -2.26 18.62
C ILE C 195 -9.28 -1.67 19.15
N MET C 196 -9.48 -1.74 20.47
CA MET C 196 -10.63 -1.11 21.11
C MET C 196 -10.62 0.42 20.95
N HIS C 197 -9.43 1.00 20.96
CA HIS C 197 -9.22 2.42 20.69
C HIS C 197 -9.64 2.75 19.25
N LEU C 198 -9.24 1.93 18.29
CA LEU C 198 -9.60 2.20 16.89
C LEU C 198 -11.07 1.92 16.60
N MET C 199 -11.68 1.04 17.37
CA MET C 199 -13.11 0.77 17.23
C MET C 199 -13.93 1.99 17.62
N ALA C 200 -13.53 2.66 18.69
CA ALA C 200 -14.26 3.84 19.17
C ALA C 200 -13.99 5.03 18.26
N LEU C 201 -12.81 5.06 17.66
CA LEU C 201 -12.43 6.06 16.69
C LEU C 201 -13.30 5.96 15.43
N HIS C 202 -13.57 4.73 15.02
CA HIS C 202 -14.24 4.45 13.75
C HIS C 202 -15.71 4.89 13.73
N ILE C 203 -16.41 4.76 14.86
CA ILE C 203 -17.83 5.11 14.86
C ILE C 203 -18.12 6.61 14.79
N HIS C 204 -17.16 7.44 15.19
CA HIS C 204 -17.34 8.89 15.09
C HIS C 204 -16.35 9.59 14.17
N GLY C 205 -15.32 8.86 13.75
CA GLY C 205 -14.28 9.45 12.93
C GLY C 205 -13.43 10.46 13.69
N SER C 206 -12.35 10.87 13.05
CA SER C 206 -11.47 11.88 13.58
C SER C 206 -12.17 13.22 13.68
N SER C 207 -11.69 14.03 14.61
CA SER C 207 -12.01 15.45 14.67
C SER C 207 -11.08 16.19 13.69
N ASN C 208 -11.11 17.51 13.72
CA ASN C 208 -10.25 18.31 12.86
C ASN C 208 -9.87 19.64 13.55
N PRO C 209 -8.90 20.38 12.99
CA PRO C 209 -8.37 21.56 13.68
C PRO C 209 -9.36 22.72 13.90
N LEU C 210 -10.45 22.74 13.14
CA LEU C 210 -11.46 23.78 13.32
C LEU C 210 -12.42 23.47 14.46
N GLY C 211 -12.46 22.20 14.87
CA GLY C 211 -13.32 21.78 15.99
C GLY C 211 -14.77 21.60 15.62
N ILE C 212 -15.09 21.76 14.34
CA ILE C 212 -16.45 21.59 13.88
C ILE C 212 -16.60 20.33 13.02
N THR C 213 -17.82 20.08 12.54
CA THR C 213 -18.14 18.89 11.78
C THR C 213 -17.26 18.68 10.56
N GLY C 214 -16.95 17.41 10.29
CA GLY C 214 -16.17 17.05 9.12
C GLY C 214 -17.04 16.46 8.03
N ASN C 215 -18.35 16.40 8.28
CA ASN C 215 -19.29 15.66 7.46
C ASN C 215 -19.53 16.25 6.06
N LEU C 216 -19.16 17.51 5.85
CA LEU C 216 -19.51 18.20 4.62
C LEU C 216 -18.44 18.07 3.55
N ASP C 217 -17.26 17.59 3.94
CA ASP C 217 -16.13 17.45 3.03
C ASP C 217 -15.13 16.37 3.50
N ARG C 218 -15.39 15.12 3.14
CA ARG C 218 -14.44 14.05 3.43
C ARG C 218 -13.64 13.67 2.18
N ILE C 219 -12.41 13.24 2.40
CA ILE C 219 -11.62 12.55 1.38
C ILE C 219 -11.13 11.20 1.95
N PRO C 220 -11.02 10.18 1.09
CA PRO C 220 -10.64 8.83 1.51
C PRO C 220 -9.26 8.77 2.17
N MET C 221 -9.11 7.85 3.12
CA MET C 221 -7.81 7.58 3.72
C MET C 221 -6.83 7.23 2.62
N HIS C 222 -7.22 6.31 1.72
CA HIS C 222 -6.27 5.84 0.75
C HIS C 222 -5.94 6.86 -0.32
N SER C 223 -4.64 6.78 -0.61
CA SER C 223 -3.84 7.80 -1.23
C SER C 223 -3.48 8.90 -0.26
N TYR C 224 -4.44 9.78 0.02
CA TYR C 224 -4.10 11.06 0.62
C TYR C 224 -3.35 10.97 1.94
N PHE C 225 -3.93 10.23 2.88
CA PHE C 225 -3.34 10.12 4.20
C PHE C 225 -2.41 8.91 4.37
N ILE C 226 -2.52 7.94 3.46
CA ILE C 226 -1.53 6.88 3.42
C ILE C 226 -0.16 7.47 3.08
N PHE C 227 -0.11 8.31 2.06
CA PHE C 227 1.14 8.90 1.65
C PHE C 227 1.58 10.08 2.51
N LYS C 228 0.62 10.81 3.07
CA LYS C 228 0.91 11.79 4.10
C LYS C 228 1.49 11.15 5.37
N ASP C 229 0.98 9.97 5.75
CA ASP C 229 1.55 9.23 6.89
C ASP C 229 3.00 8.86 6.60
N LEU C 230 3.27 8.50 5.34
CA LEU C 230 4.60 8.05 4.93
C LEU C 230 5.67 9.11 5.15
N VAL C 231 5.30 10.38 4.94
CA VAL C 231 6.19 11.50 5.18
C VAL C 231 6.72 11.53 6.62
N THR C 232 5.84 11.37 7.60
CA THR C 232 6.26 11.42 9.00
C THR C 232 6.85 10.10 9.50
N VAL C 233 6.46 9.00 8.87
CA VAL C 233 7.09 7.70 9.14
C VAL C 233 8.59 7.73 8.84
N PHE C 234 8.97 8.34 7.72
CA PHE C 234 10.38 8.41 7.34
C PHE C 234 11.14 9.41 8.19
N LEU C 235 10.53 10.56 8.47
CA LEU C 235 11.13 11.54 9.36
C LEU C 235 11.34 10.95 10.74
N PHE C 236 10.36 10.18 11.20
CA PHE C 236 10.48 9.50 12.49
C PHE C 236 11.66 8.52 12.47
N MET C 237 11.74 7.71 11.41
CA MET C 237 12.81 6.73 11.30
C MET C 237 14.20 7.37 11.19
N LEU C 238 14.31 8.45 10.41
CA LEU C 238 15.55 9.22 10.29
C LEU C 238 16.09 9.62 11.67
N ILE C 239 15.24 10.26 12.46
CA ILE C 239 15.66 10.76 13.77
C ILE C 239 15.97 9.61 14.73
N LEU C 240 15.15 8.57 14.71
CA LEU C 240 15.42 7.40 15.56
C LEU C 240 16.75 6.77 15.16
N ALA C 241 17.04 6.79 13.86
CA ALA C 241 18.30 6.27 13.32
C ALA C 241 19.50 7.07 13.80
N LEU C 242 19.38 8.41 13.82
CA LEU C 242 20.45 9.26 14.34
C LEU C 242 20.81 8.92 15.78
N PHE C 243 19.82 8.64 16.60
CA PHE C 243 20.11 8.20 17.98
C PHE C 243 20.69 6.79 18.02
N VAL C 244 20.08 5.84 17.31
CA VAL C 244 20.47 4.44 17.44
C VAL C 244 21.91 4.22 17.01
N PHE C 245 22.33 4.90 15.94
CA PHE C 245 23.66 4.72 15.38
C PHE C 245 24.70 5.74 15.90
N TYR C 246 24.27 6.97 16.14
CA TYR C 246 25.22 8.02 16.48
C TYR C 246 25.24 8.43 17.95
N SER C 247 24.17 8.12 18.68
CA SER C 247 24.07 8.61 20.06
C SER C 247 23.18 7.72 20.93
N PRO C 248 23.48 6.42 20.97
CA PRO C 248 22.56 5.39 21.44
C PRO C 248 22.29 5.39 22.96
N ASN C 249 23.13 6.08 23.72
CA ASN C 249 23.06 6.06 25.18
C ASN C 249 22.75 7.41 25.78
N THR C 250 22.49 8.40 24.93
CA THR C 250 22.20 9.74 25.38
C THR C 250 20.89 9.85 26.17
N LEU C 251 19.95 8.95 25.92
CA LEU C 251 18.64 9.02 26.58
C LEU C 251 18.51 8.04 27.75
N GLY C 252 19.62 7.41 28.13
CA GLY C 252 19.59 6.49 29.24
C GLY C 252 20.46 6.96 30.39
N HIS C 253 20.77 6.04 31.28
CA HIS C 253 21.47 6.36 32.51
C HIS C 253 22.69 5.47 32.64
N PRO C 254 23.88 6.07 32.81
CA PRO C 254 25.15 5.34 32.93
C PRO C 254 25.17 4.31 34.05
N ASP C 255 24.35 4.49 35.07
CA ASP C 255 24.34 3.55 36.19
C ASP C 255 23.78 2.19 35.81
N ASN C 256 23.07 2.12 34.68
CA ASN C 256 22.50 0.84 34.28
C ASN C 256 23.44 0.03 33.42
N TYR C 257 24.68 0.51 33.30
CA TYR C 257 25.79 -0.31 32.84
C TYR C 257 26.61 -0.84 34.02
N ILE C 258 26.02 -0.81 35.21
CA ILE C 258 26.60 -1.41 36.40
C ILE C 258 25.62 -2.45 36.91
N PRO C 259 26.07 -3.69 37.13
CA PRO C 259 25.15 -4.73 37.60
C PRO C 259 24.50 -4.33 38.91
N GLY C 260 23.24 -4.71 39.10
CA GLY C 260 22.50 -4.33 40.28
C GLY C 260 23.15 -4.84 41.55
N ASN C 261 23.16 -4.00 42.59
CA ASN C 261 23.79 -4.34 43.86
C ASN C 261 22.81 -4.06 45.00
N PRO C 262 22.29 -5.12 45.64
CA PRO C 262 21.26 -5.00 46.69
C PRO C 262 21.70 -4.21 47.94
N LEU C 263 23.00 -3.96 48.09
CA LEU C 263 23.52 -3.30 49.29
C LEU C 263 23.85 -1.82 49.11
N VAL C 264 23.77 -1.32 47.88
CA VAL C 264 24.23 0.02 47.55
C VAL C 264 23.29 0.69 46.57
N THR C 265 22.70 1.81 46.99
CA THR C 265 21.94 2.66 46.08
C THR C 265 22.81 3.86 45.67
N PRO C 266 23.11 3.99 44.37
CA PRO C 266 23.97 5.07 43.88
C PRO C 266 23.39 6.42 44.27
N ALA C 267 24.27 7.38 44.53
CA ALA C 267 23.83 8.74 44.82
C ALA C 267 23.27 9.39 43.56
N SER C 268 23.62 8.82 42.41
CA SER C 268 23.30 9.41 41.12
C SER C 268 21.99 8.88 40.51
N ILE C 269 21.28 8.06 41.28
CA ILE C 269 19.99 7.53 40.83
C ILE C 269 19.02 8.61 40.35
N VAL C 270 18.55 8.46 39.12
CA VAL C 270 17.55 9.33 38.52
C VAL C 270 16.61 8.43 37.70
N PRO C 271 15.29 8.62 37.82
CA PRO C 271 14.35 7.92 36.95
C PRO C 271 14.59 8.21 35.46
N GLU C 272 14.14 7.28 34.63
CA GLU C 272 14.02 7.49 33.19
C GLU C 272 13.33 8.83 32.90
N TRP C 273 13.77 9.53 31.86
CA TRP C 273 13.30 10.88 31.60
C TRP C 273 11.78 11.04 31.45
N TYR C 274 11.12 10.03 30.87
CA TYR C 274 9.69 10.13 30.60
C TYR C 274 8.84 9.91 31.85
N LEU C 275 9.49 9.47 32.93
CA LEU C 275 8.83 9.33 34.22
C LEU C 275 9.10 10.50 35.18
N LEU C 276 9.95 11.45 34.79
CA LEU C 276 10.38 12.53 35.68
C LEU C 276 9.29 13.49 36.18
N PRO C 277 8.35 13.93 35.32
CA PRO C 277 7.28 14.82 35.80
C PRO C 277 6.44 14.19 36.92
N PHE C 278 6.25 12.88 36.84
CA PHE C 278 5.39 12.18 37.77
C PHE C 278 6.14 11.95 39.06
N TYR C 279 7.42 11.63 38.91
CA TYR C 279 8.35 11.49 40.01
C TYR C 279 8.42 12.79 40.85
N ALA C 280 8.56 13.92 40.17
CA ALA C 280 8.61 15.22 40.82
C ALA C 280 7.34 15.46 41.64
N ILE C 281 6.19 15.06 41.09
CA ILE C 281 4.92 15.28 41.75
C ILE C 281 4.88 14.50 43.06
N LEU C 282 5.30 13.24 43.01
CA LEU C 282 5.36 12.43 44.22
C LEU C 282 6.33 13.01 45.25
N ARG C 283 7.49 13.46 44.79
CA ARG C 283 8.57 13.95 45.67
C ARG C 283 8.16 15.25 46.38
N SER C 284 7.28 16.01 45.76
CA SER C 284 6.78 17.25 46.33
C SER C 284 5.89 17.09 47.57
N ILE C 285 5.36 15.90 47.80
CA ILE C 285 4.51 15.67 48.97
C ILE C 285 5.30 14.98 50.07
N PRO C 286 5.54 15.67 51.20
CA PRO C 286 6.37 15.13 52.27
C PRO C 286 5.67 14.05 53.12
N ASP C 287 4.78 13.30 52.50
CA ASP C 287 4.11 12.19 53.17
C ASP C 287 4.09 10.96 52.23
N LYS C 288 4.37 9.79 52.79
CA LYS C 288 4.42 8.56 52.03
C LYS C 288 3.12 8.26 51.28
N LEU C 289 2.03 8.07 52.02
CA LEU C 289 0.75 7.71 51.43
C LEU C 289 0.27 8.77 50.43
N LEU C 290 0.33 10.02 50.84
CA LEU C 290 -0.23 11.10 50.04
C LEU C 290 0.64 11.38 48.82
N GLY C 291 1.92 11.09 48.94
CA GLY C 291 2.83 11.16 47.81
C GLY C 291 2.43 10.23 46.68
N VAL C 292 2.17 8.96 46.99
CA VAL C 292 1.77 8.01 45.96
C VAL C 292 0.32 8.20 45.48
N ILE C 293 -0.56 8.70 46.34
CA ILE C 293 -1.94 9.00 45.93
C ILE C 293 -1.97 10.16 44.93
N THR C 294 -1.25 11.23 45.25
CA THR C 294 -1.22 12.41 44.41
C THR C 294 -0.59 12.11 43.04
N MET C 295 0.41 11.23 43.03
CA MET C 295 1.07 10.89 41.78
C MET C 295 0.13 10.11 40.85
N PHE C 296 -0.57 9.12 41.40
CA PHE C 296 -1.56 8.39 40.62
C PHE C 296 -2.69 9.29 40.17
N ALA C 297 -3.06 10.26 41.01
CA ALA C 297 -4.15 11.17 40.71
C ALA C 297 -3.76 12.08 39.54
N ALA C 298 -2.47 12.32 39.40
CA ALA C 298 -1.96 13.14 38.31
C ALA C 298 -2.21 12.48 36.94
N ILE C 299 -2.32 11.15 36.93
CA ILE C 299 -2.73 10.44 35.73
C ILE C 299 -4.26 10.36 35.58
N LEU C 300 -4.96 10.02 36.65
CA LEU C 300 -6.41 9.86 36.59
C LEU C 300 -7.16 11.17 36.31
N VAL C 301 -6.55 12.31 36.61
CA VAL C 301 -7.25 13.58 36.47
C VAL C 301 -7.49 13.92 35.01
N LEU C 302 -6.78 13.22 34.12
CA LEU C 302 -7.01 13.29 32.68
C LEU C 302 -8.46 12.88 32.33
N LEU C 303 -9.07 12.07 33.18
CA LEU C 303 -10.42 11.56 32.96
C LEU C 303 -11.50 12.62 33.19
N VAL C 304 -11.11 13.74 33.79
CA VAL C 304 -12.04 14.74 34.31
C VAL C 304 -12.33 15.83 33.27
N LEU C 305 -11.47 15.91 32.26
CA LEU C 305 -11.51 17.00 31.30
C LEU C 305 -12.78 17.13 30.45
N PRO C 306 -13.47 16.01 30.12
CA PRO C 306 -14.73 16.16 29.40
C PRO C 306 -15.80 16.91 30.21
N PHE C 307 -15.70 16.83 31.53
CA PHE C 307 -16.67 17.46 32.42
C PHE C 307 -16.30 18.88 32.84
N THR C 308 -15.00 19.17 33.00
CA THR C 308 -14.58 20.50 33.41
C THR C 308 -14.35 21.47 32.25
N ASP C 309 -14.33 20.96 31.02
CA ASP C 309 -14.31 21.86 29.87
C ASP C 309 -15.75 22.30 29.58
N ARG C 310 -16.06 23.54 29.94
CA ARG C 310 -17.44 24.04 29.94
C ARG C 310 -17.78 24.72 28.62
N SER C 311 -16.75 24.98 27.82
CA SER C 311 -16.93 25.63 26.53
C SER C 311 -18.02 25.03 25.68
N VAL C 312 -18.41 25.77 24.67
CA VAL C 312 -19.51 25.39 23.82
C VAL C 312 -18.96 25.07 22.40
N VAL C 313 -17.65 25.30 22.23
CA VAL C 313 -16.93 24.93 21.02
C VAL C 313 -15.76 24.00 21.34
N ARG C 314 -15.51 23.06 20.44
CA ARG C 314 -14.46 22.05 20.61
C ARG C 314 -13.12 22.62 20.18
N GLY C 315 -12.14 22.57 21.07
CA GLY C 315 -10.78 22.90 20.68
C GLY C 315 -10.35 24.33 20.95
N ASN C 316 -9.05 24.58 20.90
CA ASN C 316 -8.51 25.88 21.28
C ASN C 316 -8.16 26.82 20.13
N THR C 317 -8.42 26.42 18.89
CA THR C 317 -7.96 27.20 17.73
C THR C 317 -8.42 28.67 17.71
N PHE C 318 -9.65 28.90 18.15
CA PHE C 318 -10.20 30.25 18.16
C PHE C 318 -10.40 30.78 19.58
N LYS C 319 -9.53 30.35 20.49
CA LYS C 319 -9.67 30.72 21.90
C LYS C 319 -8.38 31.28 22.47
N VAL C 320 -8.35 32.60 22.64
CA VAL C 320 -7.14 33.30 23.05
C VAL C 320 -6.65 32.96 24.45
N LEU C 321 -7.55 32.89 25.42
CA LEU C 321 -7.15 32.59 26.80
C LEU C 321 -6.78 31.11 26.97
N SER C 322 -7.55 30.23 26.36
CA SER C 322 -7.29 28.79 26.40
C SER C 322 -5.96 28.41 25.74
N LYS C 323 -5.61 29.08 24.64
CA LYS C 323 -4.32 28.79 23.99
C LYS C 323 -3.18 29.14 24.93
N PHE C 324 -3.28 30.30 25.57
CA PHE C 324 -2.25 30.80 26.46
C PHE C 324 -2.04 29.86 27.64
N PHE C 325 -3.12 29.49 28.31
CA PHE C 325 -3.02 28.60 29.46
C PHE C 325 -2.66 27.16 29.09
N PHE C 326 -2.93 26.76 27.85
CA PHE C 326 -2.53 25.44 27.38
C PHE C 326 -1.00 25.36 27.39
N PHE C 327 -0.37 26.42 26.88
CA PHE C 327 1.09 26.46 26.81
C PHE C 327 1.72 26.69 28.19
N ILE C 328 0.95 27.26 29.11
CA ILE C 328 1.39 27.33 30.50
C ILE C 328 1.47 25.90 31.03
N PHE C 329 0.42 25.12 30.74
CA PHE C 329 0.38 23.71 31.12
C PHE C 329 1.55 22.89 30.57
N VAL C 330 1.83 23.06 29.28
CA VAL C 330 2.88 22.28 28.62
C VAL C 330 4.25 22.58 29.24
N PHE C 331 4.57 23.87 29.35
CA PHE C 331 5.86 24.28 29.88
C PHE C 331 5.96 24.05 31.38
N ASN C 332 4.81 24.03 32.05
CA ASN C 332 4.77 23.63 33.46
C ASN C 332 5.13 22.17 33.62
N PHE C 333 4.74 21.37 32.62
CA PHE C 333 4.98 19.94 32.62
C PHE C 333 6.47 19.66 32.39
N VAL C 334 7.08 20.39 31.46
CA VAL C 334 8.52 20.34 31.23
C VAL C 334 9.30 20.74 32.50
N LEU C 335 8.81 21.75 33.23
CA LEU C 335 9.46 22.18 34.47
C LEU C 335 9.42 21.06 35.51
N LEU C 336 8.24 20.45 35.67
CA LEU C 336 8.09 19.31 36.56
C LEU C 336 9.15 18.25 36.28
N GLY C 337 9.49 18.09 35.00
CA GLY C 337 10.47 17.10 34.61
C GLY C 337 11.89 17.54 34.90
N GLN C 338 12.15 18.83 34.70
CA GLN C 338 13.44 19.39 35.07
C GLN C 338 13.67 19.40 36.60
N ILE C 339 12.60 19.58 37.37
CA ILE C 339 12.63 19.46 38.83
C ILE C 339 12.93 18.01 39.22
N GLY C 340 12.27 17.07 38.56
CA GLY C 340 12.53 15.66 38.81
C GLY C 340 13.99 15.26 38.65
N ALA C 341 14.66 15.89 37.69
CA ALA C 341 16.08 15.62 37.42
C ALA C 341 17.03 16.30 38.42
N CYS C 342 16.47 17.11 39.33
CA CYS C 342 17.28 17.89 40.25
C CYS C 342 17.32 17.31 41.65
N HIS C 343 18.23 17.83 42.47
CA HIS C 343 18.34 17.41 43.86
C HIS C 343 17.23 17.99 44.74
N VAL C 344 16.92 17.27 45.80
CA VAL C 344 15.92 17.74 46.75
C VAL C 344 16.57 18.84 47.58
N GLU C 345 16.56 20.04 47.03
CA GLU C 345 17.28 21.19 47.58
C GLU C 345 16.43 22.45 47.44
N VAL C 346 16.87 23.52 48.11
CA VAL C 346 16.01 24.64 48.50
C VAL C 346 15.07 25.18 47.43
N PRO C 347 15.63 25.85 46.40
CA PRO C 347 14.66 26.47 45.49
C PRO C 347 13.77 25.40 44.83
N TYR C 348 14.32 24.21 44.63
CA TYR C 348 13.69 23.19 43.79
C TYR C 348 12.46 22.57 44.42
N VAL C 349 12.53 22.32 45.73
CA VAL C 349 11.43 21.72 46.47
C VAL C 349 10.17 22.57 46.40
N LEU C 350 10.33 23.89 46.53
CA LEU C 350 9.19 24.80 46.50
C LEU C 350 8.65 24.93 45.08
N MET C 351 9.56 25.09 44.11
CA MET C 351 9.17 25.20 42.70
C MET C 351 8.36 23.97 42.27
N GLY C 352 8.77 22.80 42.76
CA GLY C 352 8.10 21.57 42.42
C GLY C 352 6.71 21.49 43.04
N GLN C 353 6.57 22.03 44.24
CA GLN C 353 5.28 22.05 44.91
C GLN C 353 4.30 23.01 44.25
N ILE C 354 4.82 24.12 43.73
CA ILE C 354 3.99 25.09 43.03
C ILE C 354 3.60 24.59 41.64
N ALA C 355 4.57 24.03 40.91
CA ALA C 355 4.30 23.39 39.62
C ALA C 355 3.30 22.24 39.75
N THR C 356 3.40 21.47 40.83
CA THR C 356 2.40 20.43 41.09
C THR C 356 1.01 21.05 41.21
N PHE C 357 0.90 22.16 41.91
CA PHE C 357 -0.38 22.80 42.10
C PHE C 357 -0.93 23.26 40.75
N ILE C 358 -0.08 23.93 39.97
CA ILE C 358 -0.46 24.40 38.65
C ILE C 358 -0.96 23.24 37.75
N TYR C 359 -0.31 22.07 37.87
CA TYR C 359 -0.70 20.90 37.09
C TYR C 359 -2.16 20.50 37.34
N PHE C 360 -2.53 20.33 38.61
CA PHE C 360 -3.90 19.97 38.97
C PHE C 360 -4.90 21.12 38.77
N ALA C 361 -4.45 22.35 39.02
CA ALA C 361 -5.32 23.53 38.94
C ALA C 361 -5.79 23.76 37.51
N TYR C 362 -4.95 23.36 36.56
CA TYR C 362 -5.29 23.44 35.14
C TYR C 362 -6.60 22.70 34.83
N PHE C 363 -6.69 21.45 35.24
CA PHE C 363 -7.87 20.65 34.94
C PHE C 363 -9.07 21.04 35.78
N LEU C 364 -8.82 21.29 37.06
CA LEU C 364 -9.89 21.45 38.05
C LEU C 364 -10.41 22.88 38.21
N ILE C 365 -9.59 23.87 37.84
CA ILE C 365 -9.87 25.27 38.14
C ILE C 365 -9.76 26.16 36.89
N ILE C 366 -8.58 26.18 36.27
CA ILE C 366 -8.35 27.08 35.14
C ILE C 366 -9.28 26.80 33.96
N VAL C 367 -9.37 25.55 33.53
CA VAL C 367 -10.17 25.23 32.34
C VAL C 367 -11.67 25.52 32.54
N PRO C 368 -12.26 25.13 33.69
CA PRO C 368 -13.66 25.47 33.92
C PRO C 368 -13.94 26.98 34.02
N VAL C 369 -13.03 27.73 34.64
CA VAL C 369 -13.21 29.17 34.81
C VAL C 369 -13.05 29.91 33.48
N ILE C 370 -11.97 29.59 32.79
CA ILE C 370 -11.60 30.27 31.55
C ILE C 370 -12.57 29.94 30.43
N SER C 371 -13.03 28.70 30.36
CA SER C 371 -13.93 28.31 29.29
C SER C 371 -15.31 28.92 29.49
N THR C 372 -15.73 29.08 30.73
CA THR C 372 -16.92 29.86 31.07
C THR C 372 -16.78 31.33 30.65
N ILE C 373 -15.66 31.96 30.99
CA ILE C 373 -15.43 33.36 30.63
C ILE C 373 -15.45 33.52 29.11
N GLU C 374 -14.76 32.63 28.40
CA GLU C 374 -14.72 32.69 26.93
C GLU C 374 -16.11 32.49 26.31
N ASN C 375 -16.92 31.63 26.94
CA ASN C 375 -18.32 31.46 26.51
C ASN C 375 -19.05 32.79 26.50
N VAL C 376 -18.92 33.51 27.61
CA VAL C 376 -19.62 34.78 27.81
C VAL C 376 -19.05 35.88 26.92
N LEU C 377 -17.74 35.88 26.74
CA LEU C 377 -17.09 36.87 25.88
C LEU C 377 -17.56 36.74 24.43
N PHE C 378 -17.68 35.51 23.95
CA PHE C 378 -18.17 35.23 22.60
C PHE C 378 -19.59 35.78 22.40
N TYR C 379 -20.41 35.70 23.46
CA TYR C 379 -21.79 36.16 23.42
C TYR C 379 -21.97 37.68 23.39
N ILE C 380 -21.41 38.37 24.39
CA ILE C 380 -21.61 39.80 24.55
C ILE C 380 -20.85 40.62 23.50
N GLY C 381 -20.00 39.95 22.73
CA GLY C 381 -19.29 40.63 21.66
C GLY C 381 -20.08 40.73 20.37
N ARG C 382 -21.25 40.09 20.32
CA ARG C 382 -22.06 40.07 19.10
C ARG C 382 -23.53 40.42 19.32
N VAL C 383 -24.02 40.19 20.54
CA VAL C 383 -25.43 40.44 20.85
C VAL C 383 -25.65 41.89 21.28
N ASN C 384 -26.65 42.54 20.68
CA ASN C 384 -26.88 43.96 20.89
C ASN C 384 -28.18 44.24 21.64
N LYS C 385 -28.32 43.62 22.81
CA LYS C 385 -29.44 43.87 23.71
C LYS C 385 -29.21 43.17 25.05
N MET D 1 24.16 21.52 45.20
CA MET D 1 25.11 20.69 45.99
C MET D 1 26.49 21.30 45.86
N THR D 2 27.37 21.12 46.85
CA THR D 2 28.71 21.72 46.80
C THR D 2 29.55 21.15 45.67
N ALA D 3 30.46 21.97 45.15
CA ALA D 3 31.28 21.61 44.00
C ALA D 3 32.14 20.38 44.27
N ALA D 4 32.60 20.25 45.51
CA ALA D 4 33.43 19.11 45.92
C ALA D 4 32.64 17.82 45.87
N GLU D 5 31.41 17.87 46.36
CA GLU D 5 30.52 16.72 46.35
C GLU D 5 30.11 16.32 44.93
N HIS D 6 29.94 17.30 44.04
CA HIS D 6 29.63 17.03 42.64
C HIS D 6 30.82 16.46 41.91
N GLY D 7 32.00 16.97 42.24
CA GLY D 7 33.21 16.67 41.48
C GLY D 7 33.42 17.66 40.36
N LEU D 8 34.67 17.86 39.97
CA LEU D 8 35.02 18.81 38.91
C LEU D 8 34.52 18.31 37.55
N HIS D 9 33.84 19.18 36.83
CA HIS D 9 33.44 18.89 35.45
C HIS D 9 34.67 18.59 34.61
N ALA D 10 34.69 17.41 33.99
CA ALA D 10 35.73 17.05 33.05
C ALA D 10 35.55 17.82 31.75
N PRO D 11 36.65 18.38 31.20
CA PRO D 11 36.62 19.14 29.95
C PRO D 11 36.59 18.22 28.74
N ALA D 12 36.37 18.81 27.57
CA ALA D 12 36.24 18.05 26.33
C ALA D 12 37.55 18.03 25.52
N TYR D 13 38.24 16.90 25.57
CA TYR D 13 39.44 16.67 24.75
C TYR D 13 39.07 16.27 23.33
N ALA D 14 39.98 16.49 22.39
CA ALA D 14 39.71 16.24 20.98
C ALA D 14 40.04 14.80 20.59
N TRP D 15 39.23 13.86 21.05
CA TRP D 15 39.43 12.45 20.74
C TRP D 15 39.25 12.23 19.26
N SER D 16 40.10 11.38 18.68
CA SER D 16 40.10 11.20 17.24
C SER D 16 38.89 10.36 16.78
N HIS D 17 38.27 9.65 17.72
CA HIS D 17 37.01 8.94 17.43
C HIS D 17 35.72 9.75 17.64
N ASN D 18 35.85 10.97 18.15
CA ASN D 18 34.69 11.87 18.25
C ASN D 18 34.31 12.28 16.83
N GLY D 19 33.00 12.40 16.58
CA GLY D 19 32.57 12.80 15.27
C GLY D 19 31.94 11.65 14.51
N PRO D 20 30.91 11.92 13.69
CA PRO D 20 30.07 10.86 13.11
C PRO D 20 30.80 9.96 12.11
N PHE D 21 31.84 10.51 11.46
CA PHE D 21 32.56 9.78 10.43
C PHE D 21 33.85 9.12 10.92
N GLU D 22 34.11 9.21 12.22
CA GLU D 22 35.42 8.81 12.75
C GLU D 22 35.47 7.44 13.41
N THR D 23 36.40 6.59 12.94
CA THR D 23 36.66 5.31 13.59
C THR D 23 37.57 5.52 14.80
N PHE D 24 37.72 4.48 15.62
CA PHE D 24 38.79 4.46 16.60
C PHE D 24 40.14 4.57 15.89
N ASP D 25 41.14 5.05 16.63
CA ASP D 25 42.53 4.89 16.22
C ASP D 25 43.01 3.56 16.81
N HIS D 26 43.27 2.60 15.93
CA HIS D 26 43.60 1.25 16.35
C HIS D 26 45.02 1.07 16.89
N ALA D 27 45.92 1.98 16.52
CA ALA D 27 47.26 2.00 17.11
C ALA D 27 47.19 2.42 18.58
N SER D 28 46.36 3.42 18.88
CA SER D 28 46.11 3.81 20.25
C SER D 28 45.45 2.69 21.05
N ILE D 29 44.58 1.90 20.40
CA ILE D 29 43.98 0.76 21.07
C ILE D 29 45.05 -0.27 21.43
N ARG D 30 45.91 -0.59 20.45
CA ARG D 30 47.04 -1.50 20.67
C ARG D 30 47.90 -1.08 21.85
N ARG D 31 48.31 0.18 21.88
CA ARG D 31 49.09 0.72 22.98
C ARG D 31 48.34 0.63 24.31
N GLY D 32 47.06 1.00 24.28
CA GLY D 32 46.25 1.02 25.48
C GLY D 32 46.16 -0.33 26.16
N TYR D 33 46.11 -1.39 25.35
CA TYR D 33 46.16 -2.76 25.87
C TYR D 33 47.43 -3.00 26.69
N GLN D 34 48.57 -2.49 26.21
CA GLN D 34 49.84 -2.68 26.90
C GLN D 34 49.83 -2.00 28.26
N VAL D 35 49.31 -0.77 28.28
CA VAL D 35 49.17 -0.01 29.52
C VAL D 35 48.24 -0.75 30.48
N TYR D 36 47.18 -1.35 29.94
CA TYR D 36 46.28 -2.15 30.77
C TYR D 36 47.01 -3.36 31.34
N ARG D 37 47.72 -4.08 30.48
CA ARG D 37 48.43 -5.28 30.89
C ARG D 37 49.50 -4.99 31.95
N GLU D 38 50.28 -3.93 31.74
CA GLU D 38 51.45 -3.66 32.57
C GLU D 38 51.19 -2.83 33.82
N VAL D 39 50.14 -2.02 33.80
CA VAL D 39 49.76 -1.21 34.97
C VAL D 39 48.44 -1.68 35.61
N CYS D 40 47.34 -1.51 34.87
CA CYS D 40 46.00 -1.64 35.44
C CYS D 40 45.59 -3.05 35.86
N ALA D 41 46.01 -4.05 35.08
CA ALA D 41 45.58 -5.44 35.27
C ALA D 41 45.93 -6.03 36.63
N ALA D 42 46.81 -5.35 37.36
CA ALA D 42 47.23 -5.82 38.68
C ALA D 42 46.10 -5.68 39.70
N CYS D 43 45.17 -4.77 39.43
CA CYS D 43 44.03 -4.54 40.31
C CYS D 43 42.66 -4.65 39.63
N HIS D 44 42.63 -4.49 38.30
CA HIS D 44 41.38 -4.38 37.55
C HIS D 44 41.14 -5.58 36.63
N SER D 45 40.01 -6.24 36.82
CA SER D 45 39.55 -7.27 35.88
C SER D 45 38.97 -6.65 34.60
N LEU D 46 38.79 -7.49 33.60
CA LEU D 46 38.28 -7.08 32.30
C LEU D 46 37.43 -8.26 31.78
N ASP D 47 36.42 -8.61 32.57
CA ASP D 47 35.75 -9.91 32.49
C ASP D 47 34.97 -10.18 31.21
N ARG D 48 34.54 -9.12 30.54
CA ARG D 48 33.61 -9.25 29.45
C ARG D 48 34.30 -9.25 28.10
N VAL D 49 35.63 -9.12 28.13
CA VAL D 49 36.41 -9.13 26.89
C VAL D 49 37.10 -10.47 26.61
N ALA D 50 36.71 -11.12 25.53
CA ALA D 50 37.30 -12.39 25.12
C ALA D 50 38.50 -12.14 24.20
N TRP D 51 39.51 -13.00 24.31
CA TRP D 51 40.77 -12.84 23.58
C TRP D 51 40.54 -12.66 22.08
N ARG D 52 39.64 -13.46 21.51
CA ARG D 52 39.34 -13.45 20.08
C ARG D 52 38.94 -12.09 19.52
N THR D 53 38.32 -11.24 20.34
CA THR D 53 37.87 -9.92 19.88
C THR D 53 39.03 -8.96 19.61
N LEU D 54 40.20 -9.27 20.15
CA LEU D 54 41.42 -8.49 19.91
C LEU D 54 41.92 -8.68 18.47
N VAL D 55 41.72 -9.89 17.94
CA VAL D 55 42.22 -10.24 16.62
C VAL D 55 41.60 -9.36 15.53
N GLY D 56 42.44 -8.69 14.76
CA GLY D 56 41.95 -7.87 13.67
C GLY D 56 41.58 -6.49 14.14
N VAL D 57 41.73 -6.23 15.44
CA VAL D 57 41.41 -4.93 16.01
C VAL D 57 42.69 -4.22 16.43
N SER D 58 43.47 -4.87 17.27
CA SER D 58 44.68 -4.30 17.84
C SER D 58 45.88 -5.24 17.72
N HIS D 59 45.61 -6.53 17.48
CA HIS D 59 46.64 -7.55 17.41
C HIS D 59 46.35 -8.58 16.32
N THR D 60 47.36 -9.37 15.98
CA THR D 60 47.19 -10.44 15.01
C THR D 60 46.68 -11.71 15.67
N ASN D 61 46.19 -12.63 14.86
CA ASN D 61 45.74 -13.93 15.34
C ASN D 61 46.81 -14.64 16.17
N GLU D 62 48.05 -14.52 15.71
CA GLU D 62 49.20 -15.16 16.35
C GLU D 62 49.54 -14.54 17.70
N GLU D 63 49.61 -13.21 17.74
CA GLU D 63 49.90 -12.46 18.97
C GLU D 63 48.91 -12.77 20.09
N VAL D 64 47.62 -12.78 19.77
CA VAL D 64 46.59 -13.05 20.75
C VAL D 64 46.69 -14.48 21.29
N ARG D 65 47.03 -15.42 20.41
CA ARG D 65 47.17 -16.81 20.83
C ARG D 65 48.28 -16.97 21.84
N ASN D 66 49.42 -16.31 21.61
CA ASN D 66 50.53 -16.33 22.55
C ASN D 66 50.13 -15.72 23.89
N MET D 67 49.40 -14.61 23.85
CA MET D 67 48.96 -13.92 25.05
C MET D 67 48.01 -14.75 25.89
N ALA D 68 47.11 -15.47 25.23
CA ALA D 68 46.12 -16.28 25.92
C ALA D 68 46.76 -17.50 26.58
N GLU D 69 47.75 -18.07 25.90
CA GLU D 69 48.42 -19.28 26.36
C GLU D 69 49.34 -19.04 27.56
N GLU D 70 49.63 -17.78 27.85
CA GLU D 70 50.38 -17.40 29.04
C GLU D 70 49.56 -17.60 30.32
N PHE D 71 48.26 -17.84 30.17
CA PHE D 71 47.38 -18.02 31.32
C PHE D 71 46.81 -19.43 31.38
N GLU D 72 46.58 -19.91 32.59
CA GLU D 72 45.98 -21.23 32.79
C GLU D 72 44.51 -21.09 33.13
N TYR D 73 43.69 -21.95 32.52
CA TYR D 73 42.26 -22.01 32.82
C TYR D 73 41.89 -23.43 33.22
N ASP D 74 40.84 -23.57 34.02
CA ASP D 74 40.30 -24.88 34.37
C ASP D 74 39.89 -25.65 33.12
N ASP D 75 40.27 -26.93 33.07
CA ASP D 75 39.89 -27.80 31.96
C ASP D 75 38.91 -28.86 32.47
N GLU D 76 38.42 -29.67 31.55
CA GLU D 76 37.60 -30.82 31.90
C GLU D 76 38.45 -31.86 32.62
N PRO D 77 37.88 -32.53 33.64
CA PRO D 77 38.60 -33.58 34.39
C PRO D 77 39.06 -34.73 33.50
N ASP D 78 40.18 -35.35 33.87
CA ASP D 78 40.72 -36.48 33.12
C ASP D 78 39.83 -37.72 33.21
N GLU D 79 40.33 -38.82 32.63
CA GLU D 79 39.58 -40.08 32.56
C GLU D 79 39.17 -40.59 33.94
N GLN D 80 39.89 -40.18 34.97
CA GLN D 80 39.69 -40.68 36.33
C GLN D 80 38.96 -39.69 37.24
N GLY D 81 38.75 -38.47 36.76
CA GLY D 81 37.91 -37.53 37.47
C GLY D 81 38.65 -36.49 38.28
N ASN D 82 39.97 -36.56 38.32
CA ASN D 82 40.79 -35.56 39.00
C ASN D 82 40.84 -34.28 38.16
N PRO D 83 40.75 -33.10 38.82
CA PRO D 83 40.83 -31.82 38.12
C PRO D 83 42.16 -31.60 37.41
N LYS D 84 42.14 -30.78 36.36
CA LYS D 84 43.35 -30.44 35.64
C LYS D 84 43.23 -29.10 34.92
N LYS D 85 44.37 -28.48 34.65
CA LYS D 85 44.41 -27.15 34.04
C LYS D 85 44.74 -27.20 32.55
N ARG D 86 44.87 -26.02 31.96
CA ARG D 86 44.95 -25.87 30.51
C ARG D 86 45.46 -24.45 30.21
N PRO D 87 46.40 -24.34 29.25
CA PRO D 87 46.68 -23.04 28.62
C PRO D 87 45.42 -22.41 27.99
N GLY D 88 45.40 -21.08 27.93
CA GLY D 88 44.23 -20.38 27.41
C GLY D 88 44.12 -20.42 25.90
N LYS D 89 42.89 -20.40 25.40
CA LYS D 89 42.63 -20.31 23.97
C LYS D 89 41.87 -19.03 23.61
N LEU D 90 41.66 -18.80 22.32
CA LEU D 90 41.02 -17.58 21.87
C LEU D 90 39.56 -17.45 22.33
N SER D 91 38.92 -18.58 22.63
CA SER D 91 37.54 -18.58 23.11
C SER D 91 37.42 -18.09 24.56
N ASP D 92 38.55 -17.97 25.24
CA ASP D 92 38.53 -17.59 26.65
C ASP D 92 38.42 -16.09 26.87
N TYR D 93 37.93 -15.72 28.05
CA TYR D 93 37.83 -14.32 28.45
C TYR D 93 39.08 -13.94 29.23
N ILE D 94 39.58 -12.73 28.96
CA ILE D 94 40.71 -12.15 29.68
C ILE D 94 40.54 -12.29 31.20
N PRO D 95 41.48 -12.98 31.87
CA PRO D 95 41.33 -13.32 33.29
C PRO D 95 41.66 -12.13 34.20
N GLY D 96 41.06 -12.13 35.38
CA GLY D 96 41.27 -11.03 36.31
C GLY D 96 42.27 -11.36 37.40
N PRO D 97 42.79 -10.34 38.10
CA PRO D 97 43.83 -10.51 39.12
C PRO D 97 43.39 -11.24 40.38
N TYR D 98 42.11 -11.14 40.72
CA TYR D 98 41.63 -11.70 41.98
C TYR D 98 40.63 -12.83 41.76
N PRO D 99 40.64 -13.83 42.65
CA PRO D 99 39.76 -14.99 42.56
C PRO D 99 38.31 -14.71 42.98
N ASN D 100 38.12 -13.78 43.91
CA ASN D 100 36.80 -13.35 44.35
C ASN D 100 36.83 -11.93 44.89
N GLU D 101 35.66 -11.42 45.26
CA GLU D 101 35.51 -10.04 45.73
C GLU D 101 36.30 -9.78 47.02
N GLN D 102 36.19 -10.72 47.97
CA GLN D 102 36.86 -10.62 49.27
C GLN D 102 38.38 -10.52 49.17
N ALA D 103 38.96 -11.21 48.20
CA ALA D 103 40.40 -11.15 47.96
C ALA D 103 40.82 -9.85 47.30
N ALA D 104 39.90 -9.23 46.57
CA ALA D 104 40.16 -7.96 45.91
C ALA D 104 40.11 -6.79 46.89
N ARG D 105 39.20 -6.88 47.86
CA ARG D 105 39.10 -5.87 48.91
C ARG D 105 40.29 -5.93 49.87
N ALA D 106 40.75 -7.14 50.18
CA ALA D 106 41.93 -7.36 51.02
C ALA D 106 43.19 -6.69 50.46
N ALA D 107 43.34 -6.72 49.14
CA ALA D 107 44.52 -6.17 48.50
C ALA D 107 44.44 -4.67 48.24
N ASN D 108 43.34 -4.03 48.64
CA ASN D 108 43.14 -2.61 48.34
C ASN D 108 42.49 -1.85 49.49
N GLN D 109 42.93 -2.13 50.71
CA GLN D 109 42.50 -1.39 51.89
C GLN D 109 40.99 -1.49 52.10
N GLY D 110 40.38 -2.55 51.56
CA GLY D 110 38.95 -2.74 51.70
C GLY D 110 38.12 -2.21 50.55
N ALA D 111 38.78 -1.64 49.54
CA ALA D 111 38.10 -1.07 48.39
C ALA D 111 38.03 -2.06 47.21
N LEU D 112 37.02 -1.91 46.36
CA LEU D 112 36.83 -2.83 45.26
C LEU D 112 37.05 -2.14 43.92
N PRO D 113 38.18 -2.46 43.25
CA PRO D 113 38.44 -1.92 41.91
C PRO D 113 37.43 -2.47 40.91
N PRO D 114 36.58 -1.60 40.33
CA PRO D 114 35.57 -2.08 39.38
C PRO D 114 36.20 -2.72 38.15
N ASP D 115 35.49 -3.68 37.58
CA ASP D 115 35.77 -4.19 36.26
C ASP D 115 35.71 -3.04 35.25
N LEU D 116 36.56 -3.07 34.23
CA LEU D 116 36.70 -1.94 33.34
C LEU D 116 36.08 -2.16 31.96
N SER D 117 35.37 -3.28 31.81
CA SER D 117 34.81 -3.66 30.51
C SER D 117 33.81 -2.65 29.99
N LEU D 118 33.12 -1.98 30.92
CA LEU D 118 32.04 -1.07 30.57
C LEU D 118 32.26 0.32 31.14
N ILE D 119 33.40 0.51 31.81
CA ILE D 119 33.62 1.70 32.64
C ILE D 119 33.44 3.02 31.89
N VAL D 120 33.71 3.02 30.58
CA VAL D 120 33.55 4.22 29.78
C VAL D 120 32.07 4.58 29.58
N LYS D 121 31.22 3.57 29.50
CA LYS D 121 29.77 3.82 29.39
C LYS D 121 29.10 3.93 30.75
N ALA D 122 29.74 3.42 31.80
CA ALA D 122 29.14 3.45 33.13
C ALA D 122 29.51 4.70 33.96
N ARG D 123 29.91 5.77 33.29
CA ARG D 123 30.24 7.03 33.96
C ARG D 123 29.86 8.20 33.08
N HIS D 124 29.25 9.23 33.67
CA HIS D 124 29.05 10.51 32.99
C HIS D 124 30.40 11.11 32.58
N GLY D 125 30.49 11.59 31.36
CA GLY D 125 31.73 12.17 30.89
C GLY D 125 32.54 11.24 30.00
N GLY D 126 32.30 9.94 30.11
CA GLY D 126 32.92 8.98 29.20
C GLY D 126 34.43 9.06 29.19
N CYS D 127 35.00 9.18 27.99
CA CYS D 127 36.46 9.23 27.82
C CYS D 127 37.07 10.42 28.53
N ASP D 128 36.43 11.57 28.41
CA ASP D 128 36.86 12.80 29.08
C ASP D 128 37.02 12.58 30.59
N TYR D 129 36.10 11.85 31.20
CA TYR D 129 36.14 11.63 32.63
C TYR D 129 37.32 10.73 32.99
N ILE D 130 37.39 9.56 32.37
CA ILE D 130 38.43 8.57 32.66
C ILE D 130 39.83 9.17 32.50
N PHE D 131 40.04 9.86 31.38
CA PHE D 131 41.31 10.50 31.12
C PHE D 131 41.63 11.52 32.22
N SER D 132 40.68 12.41 32.47
CA SER D 132 40.86 13.48 33.43
C SER D 132 41.15 12.96 34.84
N LEU D 133 40.49 11.87 35.21
CA LEU D 133 40.74 11.24 36.51
C LEU D 133 42.20 10.79 36.61
N LEU D 134 42.68 10.12 35.55
CA LEU D 134 44.00 9.50 35.57
C LEU D 134 45.14 10.51 35.55
N THR D 135 44.87 11.70 35.03
CA THR D 135 45.87 12.73 34.88
C THR D 135 45.62 13.90 35.85
N GLY D 136 44.73 13.68 36.80
CA GLY D 136 44.26 14.79 37.60
C GLY D 136 44.52 14.66 39.08
N TYR D 137 45.48 13.82 39.46
CA TYR D 137 45.94 13.78 40.85
C TYR D 137 46.92 14.93 41.11
N PRO D 138 46.53 15.85 42.01
CA PRO D 138 47.47 16.89 42.46
C PRO D 138 48.49 16.30 43.43
N ASP D 139 49.70 16.85 43.41
CA ASP D 139 50.74 16.41 44.34
C ASP D 139 50.32 16.60 45.79
N GLU D 140 49.60 17.69 46.06
CA GLU D 140 49.00 17.91 47.37
C GLU D 140 47.54 18.33 47.24
N PRO D 141 46.68 17.85 48.16
CA PRO D 141 45.29 18.33 48.26
C PRO D 141 45.20 19.82 48.56
N PRO D 142 44.13 20.48 48.09
CA PRO D 142 43.86 21.88 48.44
C PRO D 142 43.80 22.10 49.96
N ALA D 143 44.20 23.29 50.38
CA ALA D 143 44.34 23.60 51.80
C ALA D 143 43.02 23.43 52.55
N GLY D 144 43.08 22.72 53.67
CA GLY D 144 41.91 22.58 54.51
C GLY D 144 41.25 21.22 54.36
N VAL D 145 41.50 20.57 53.23
CA VAL D 145 40.94 19.25 52.97
C VAL D 145 41.67 18.19 53.80
N ALA D 146 40.92 17.57 54.71
CA ALA D 146 41.44 16.51 55.55
C ALA D 146 41.08 15.16 54.95
N LEU D 147 42.07 14.52 54.34
CA LEU D 147 41.88 13.23 53.67
C LEU D 147 41.96 12.08 54.66
N PRO D 148 40.98 11.17 54.63
CA PRO D 148 41.05 9.91 55.37
C PRO D 148 42.35 9.13 55.09
N PRO D 149 42.86 8.42 56.10
CA PRO D 149 44.03 7.53 55.90
C PRO D 149 43.74 6.46 54.84
N GLY D 150 44.65 6.36 53.86
CA GLY D 150 44.48 5.41 52.78
C GLY D 150 43.74 5.96 51.57
N SER D 151 43.18 7.16 51.71
CA SER D 151 42.50 7.81 50.60
C SER D 151 43.43 8.74 49.84
N ASN D 152 43.04 9.07 48.62
CA ASN D 152 43.78 10.01 47.79
C ASN D 152 42.85 11.10 47.32
N TYR D 153 43.41 12.25 46.98
CA TYR D 153 42.60 13.34 46.46
C TYR D 153 42.65 13.40 44.94
N ASN D 154 41.48 13.63 44.35
CA ASN D 154 41.35 13.82 42.91
C ASN D 154 40.10 14.66 42.71
N PRO D 155 40.25 15.83 42.08
CA PRO D 155 39.12 16.77 42.00
C PRO D 155 37.96 16.28 41.12
N TYR D 156 38.27 15.41 40.16
CA TYR D 156 37.25 14.90 39.23
C TYR D 156 36.37 13.80 39.80
N PHE D 157 36.81 13.15 40.87
CA PHE D 157 36.00 12.15 41.56
C PHE D 157 35.02 12.86 42.50
N PRO D 158 33.74 12.44 42.50
CA PRO D 158 32.73 13.01 43.40
C PRO D 158 33.14 12.86 44.86
N GLY D 159 33.21 13.99 45.56
CA GLY D 159 33.62 13.98 46.95
C GLY D 159 35.12 14.10 47.15
N GLY D 160 35.88 14.00 46.05
CA GLY D 160 37.30 14.29 46.06
C GLY D 160 38.19 13.18 46.59
N SER D 161 37.62 12.29 47.38
CA SER D 161 38.39 11.27 48.08
C SER D 161 38.27 9.90 47.42
N ILE D 162 39.31 9.49 46.70
CA ILE D 162 39.28 8.25 45.92
C ILE D 162 40.31 7.23 46.43
N ALA D 163 39.94 5.96 46.38
CA ALA D 163 40.75 4.89 46.99
C ALA D 163 41.81 4.33 46.06
N MET D 164 41.87 4.85 44.84
CA MET D 164 42.95 4.52 43.90
C MET D 164 43.96 5.67 43.92
N ALA D 165 45.22 5.33 44.18
CA ALA D 165 46.30 6.31 44.06
C ALA D 165 46.59 6.58 42.59
N ARG D 166 47.33 7.66 42.33
CA ARG D 166 47.91 7.87 41.01
C ARG D 166 48.81 6.68 40.68
N VAL D 167 48.66 6.13 39.47
CA VAL D 167 49.47 4.98 39.06
C VAL D 167 50.24 5.21 37.77
N LEU D 168 49.91 6.27 37.04
CA LEU D 168 50.61 6.59 35.82
C LEU D 168 51.71 7.60 36.08
N PHE D 169 52.95 7.21 35.76
CA PHE D 169 54.11 8.09 35.84
C PHE D 169 54.89 7.98 34.54
N ASP D 170 55.61 9.03 34.17
CA ASP D 170 56.31 9.10 32.89
C ASP D 170 57.28 7.93 32.69
N ASP D 171 57.21 7.33 31.50
CA ASP D 171 58.12 6.26 31.09
C ASP D 171 58.13 5.02 32.01
N MET D 172 56.98 4.66 32.57
CA MET D 172 56.87 3.41 33.31
C MET D 172 56.54 2.24 32.37
N VAL D 173 56.36 2.58 31.09
CA VAL D 173 56.03 1.61 30.06
C VAL D 173 56.91 1.89 28.84
N GLU D 174 57.40 0.82 28.22
CA GLU D 174 58.22 0.92 27.01
C GLU D 174 57.36 0.57 25.80
N TYR D 175 56.79 1.60 25.16
CA TYR D 175 55.89 1.37 24.04
C TYR D 175 56.59 0.64 22.90
N GLU D 176 55.95 -0.43 22.45
CA GLU D 176 56.51 -1.33 21.47
C GLU D 176 56.72 -0.66 20.11
N ASP D 177 56.07 0.49 19.91
CA ASP D 177 56.13 1.20 18.63
C ASP D 177 56.94 2.50 18.69
N GLY D 178 57.64 2.71 19.82
CA GLY D 178 58.57 3.81 19.93
C GLY D 178 58.05 5.10 20.55
N THR D 179 56.73 5.18 20.70
CA THR D 179 56.07 6.40 21.17
C THR D 179 56.53 6.76 22.60
N PRO D 180 56.80 8.05 22.84
CA PRO D 180 57.14 8.53 24.19
C PRO D 180 56.00 8.28 25.18
N ALA D 181 56.26 7.42 26.14
CA ALA D 181 55.26 7.02 27.11
C ALA D 181 55.12 8.00 28.26
N THR D 182 54.73 9.24 27.94
CA THR D 182 54.33 10.20 28.97
C THR D 182 53.00 9.81 29.61
N THR D 183 52.70 10.38 30.78
CA THR D 183 51.52 9.96 31.55
C THR D 183 50.23 10.29 30.81
N SER D 184 50.20 11.44 30.14
CA SER D 184 49.02 11.87 29.42
C SER D 184 48.86 11.07 28.12
N GLN D 185 49.97 10.60 27.57
CA GLN D 185 49.94 9.73 26.41
C GLN D 185 49.40 8.35 26.78
N MET D 186 49.84 7.83 27.92
CA MET D 186 49.39 6.53 28.39
C MET D 186 47.93 6.58 28.79
N ALA D 187 47.53 7.67 29.42
CA ALA D 187 46.13 7.89 29.78
C ALA D 187 45.27 7.93 28.52
N LYS D 188 45.71 8.68 27.52
CA LYS D 188 45.01 8.78 26.25
C LYS D 188 44.82 7.41 25.60
N ASP D 189 45.82 6.55 25.74
CA ASP D 189 45.80 5.23 25.11
C ASP D 189 44.90 4.21 25.81
N VAL D 190 45.03 4.05 27.13
CA VAL D 190 44.19 3.06 27.83
C VAL D 190 42.74 3.47 27.65
N THR D 191 42.49 4.76 27.78
CA THR D 191 41.14 5.27 27.69
C THR D 191 40.54 4.95 26.33
N THR D 192 41.35 5.08 25.27
CA THR D 192 40.90 4.70 23.93
C THR D 192 40.64 3.20 23.88
N PHE D 193 41.50 2.44 24.55
CA PHE D 193 41.37 0.98 24.60
C PHE D 193 40.10 0.58 25.37
N LEU D 194 39.81 1.31 26.44
CA LEU D 194 38.67 0.98 27.30
C LEU D 194 37.35 1.38 26.64
N ASN D 195 37.38 2.37 25.77
CA ASN D 195 36.21 2.75 24.99
C ASN D 195 35.85 1.64 24.01
N TRP D 196 36.89 1.05 23.40
CA TRP D 196 36.71 -0.10 22.51
C TRP D 196 36.19 -1.31 23.27
N CYS D 197 36.71 -1.56 24.47
CA CYS D 197 36.23 -2.67 25.30
C CYS D 197 34.73 -2.56 25.55
N ALA D 198 34.30 -1.34 25.90
CA ALA D 198 32.89 -1.05 26.16
C ALA D 198 32.04 -0.98 24.89
N GLU D 199 32.63 -0.51 23.79
CA GLU D 199 31.89 -0.32 22.53
C GLU D 199 32.60 -0.97 21.34
N PRO D 200 32.70 -2.31 21.31
CA PRO D 200 33.49 -2.96 20.26
C PRO D 200 32.93 -2.77 18.85
N GLU D 201 31.67 -2.39 18.79
CA GLU D 201 30.94 -2.28 17.53
C GLU D 201 31.05 -0.89 16.92
N HIS D 202 31.68 0.02 17.67
CA HIS D 202 31.85 1.44 17.30
C HIS D 202 32.08 1.73 15.81
N ASP D 203 33.15 1.18 15.23
CA ASP D 203 33.54 1.55 13.86
C ASP D 203 32.51 1.09 12.84
N GLU D 204 32.06 -0.14 13.01
CA GLU D 204 31.03 -0.72 12.17
C GLU D 204 29.67 -0.04 12.36
N ARG D 205 29.34 0.30 13.61
CA ARG D 205 28.07 0.95 13.90
C ARG D 205 27.91 2.27 13.16
N LYS D 206 28.98 3.06 13.11
CA LYS D 206 28.95 4.36 12.47
C LYS D 206 28.92 4.26 10.95
N ARG D 207 29.53 3.19 10.42
CA ARG D 207 29.52 2.93 8.99
C ARG D 207 28.09 2.57 8.53
N LEU D 208 27.42 1.72 9.30
CA LEU D 208 26.02 1.38 9.05
C LEU D 208 25.10 2.59 9.19
N GLY D 209 25.39 3.45 10.17
CA GLY D 209 24.59 4.64 10.37
C GLY D 209 24.64 5.56 9.18
N LEU D 210 25.83 5.70 8.59
CA LEU D 210 26.04 6.53 7.41
C LEU D 210 25.14 6.09 6.24
N LYS D 211 25.07 4.79 6.00
CA LYS D 211 24.18 4.25 4.97
C LYS D 211 22.72 4.45 5.33
N THR D 212 22.36 4.13 6.58
CA THR D 212 20.98 4.22 7.03
C THR D 212 20.46 5.66 6.95
N VAL D 213 21.29 6.61 7.37
CA VAL D 213 20.87 8.01 7.35
C VAL D 213 20.77 8.57 5.94
N ILE D 214 21.61 8.09 5.02
CA ILE D 214 21.51 8.56 3.64
C ILE D 214 20.25 8.05 2.96
N ILE D 215 19.95 6.77 3.14
CA ILE D 215 18.74 6.18 2.55
C ILE D 215 17.48 6.82 3.13
N LEU D 216 17.42 6.96 4.45
CA LEU D 216 16.22 7.50 5.09
C LEU D 216 16.02 8.97 4.76
N SER D 217 17.12 9.74 4.68
CA SER D 217 17.04 11.14 4.27
C SER D 217 16.39 11.27 2.90
N SER D 218 16.85 10.43 1.98
CA SER D 218 16.38 10.47 0.60
C SER D 218 14.91 10.11 0.54
N LEU D 219 14.55 9.05 1.26
CA LEU D 219 13.17 8.57 1.36
C LEU D 219 12.26 9.65 1.94
N TYR D 220 12.77 10.40 2.92
CA TYR D 220 12.05 11.52 3.49
C TYR D 220 11.79 12.63 2.46
N LEU D 221 12.84 13.09 1.79
CA LEU D 221 12.71 14.16 0.80
C LEU D 221 11.81 13.72 -0.35
N LEU D 222 11.97 12.46 -0.76
CA LEU D 222 11.17 11.87 -1.83
C LEU D 222 9.67 11.82 -1.49
N SER D 223 9.33 11.42 -0.26
CA SER D 223 7.94 11.24 0.13
C SER D 223 7.22 12.58 0.20
N ILE D 224 7.94 13.63 0.56
CA ILE D 224 7.39 14.98 0.57
C ILE D 224 6.90 15.35 -0.83
N TRP D 225 7.76 15.13 -1.82
CA TRP D 225 7.47 15.40 -3.22
C TRP D 225 6.27 14.59 -3.69
N VAL D 226 6.27 13.30 -3.39
CA VAL D 226 5.19 12.40 -3.79
C VAL D 226 3.85 12.78 -3.12
N LYS D 227 3.91 13.22 -1.87
CA LYS D 227 2.72 13.65 -1.16
C LYS D 227 2.14 14.92 -1.80
N LYS D 228 3.00 15.90 -2.07
CA LYS D 228 2.55 17.14 -2.70
C LYS D 228 1.87 16.87 -4.03
N PHE D 229 2.44 15.96 -4.82
CA PHE D 229 1.85 15.59 -6.10
C PHE D 229 0.48 14.97 -5.90
N LYS D 230 0.38 14.02 -4.99
CA LYS D 230 -0.88 13.33 -4.75
C LYS D 230 -1.95 14.22 -4.13
N TRP D 231 -1.53 15.34 -3.56
CA TRP D 231 -2.46 16.30 -2.95
C TRP D 231 -2.81 17.52 -3.82
N ALA D 232 -2.14 17.68 -4.97
CA ALA D 232 -2.25 18.92 -5.75
C ALA D 232 -3.67 19.24 -6.23
N GLY D 233 -4.43 18.21 -6.57
CA GLY D 233 -5.82 18.42 -6.92
C GLY D 233 -6.66 18.99 -5.78
N ILE D 234 -6.37 18.55 -4.55
CA ILE D 234 -7.16 18.95 -3.38
C ILE D 234 -6.74 20.34 -2.89
N LYS D 235 -5.44 20.61 -2.93
CA LYS D 235 -4.92 21.86 -2.44
C LYS D 235 -5.32 23.07 -3.28
N THR D 236 -5.42 22.87 -4.59
CA THR D 236 -5.77 23.98 -5.49
C THR D 236 -7.24 23.97 -5.89
N ARG D 237 -8.01 23.07 -5.30
CA ARG D 237 -9.45 22.99 -5.47
C ARG D 237 -10.10 24.34 -5.18
N LYS D 238 -11.12 24.71 -5.96
CA LYS D 238 -11.84 25.98 -5.77
C LYS D 238 -13.34 25.78 -5.68
N PHE D 239 -13.97 26.53 -4.79
CA PHE D 239 -15.43 26.46 -4.60
C PHE D 239 -16.11 27.78 -5.05
N VAL D 240 -17.34 27.66 -5.55
CA VAL D 240 -18.23 28.82 -5.74
C VAL D 240 -19.62 28.56 -5.17
N PHE D 241 -20.20 29.57 -4.55
CA PHE D 241 -21.55 29.46 -4.01
C PHE D 241 -22.51 30.36 -4.79
N ASN D 242 -23.59 29.76 -5.28
CA ASN D 242 -24.69 30.50 -5.88
C ASN D 242 -25.96 30.17 -5.10
N PRO D 243 -26.36 31.06 -4.18
CA PRO D 243 -27.44 30.71 -3.26
C PRO D 243 -28.74 30.36 -3.98
N PRO D 244 -29.34 29.21 -3.62
CA PRO D 244 -30.50 28.65 -4.34
C PRO D 244 -31.76 29.48 -4.11
N LYS D 245 -32.52 29.67 -5.17
CA LYS D 245 -33.81 30.38 -5.10
C LYS D 245 -34.89 29.53 -4.43
N LYS E 1 -22.74 33.92 -10.16
CA LYS E 1 -21.81 33.53 -11.25
C LYS E 1 -22.31 32.29 -11.99
N SER E 2 -21.91 32.16 -13.25
CA SER E 2 -22.31 31.01 -14.07
C SER E 2 -21.34 29.87 -13.87
N THR E 3 -21.89 28.67 -13.67
CA THR E 3 -21.10 27.49 -13.39
C THR E 3 -20.29 27.05 -14.59
N TYR E 4 -20.69 27.50 -15.78
CA TYR E 4 -19.93 27.25 -17.00
C TYR E 4 -18.65 28.09 -17.08
N ARG E 5 -18.58 29.16 -16.27
CA ARG E 5 -17.40 30.02 -16.25
C ARG E 5 -16.40 29.51 -15.21
N THR E 6 -15.44 28.73 -15.69
CA THR E 6 -14.47 28.06 -14.82
C THR E 6 -13.48 29.05 -14.23
N PRO E 7 -13.32 29.04 -12.90
CA PRO E 7 -12.36 29.90 -12.21
C PRO E 7 -10.93 29.78 -12.75
N ASN E 8 -10.09 30.74 -12.39
CA ASN E 8 -8.73 30.83 -12.91
C ASN E 8 -7.79 29.86 -12.18
N PHE E 9 -7.15 28.99 -12.96
CA PHE E 9 -6.17 28.04 -12.44
C PHE E 9 -4.77 28.32 -13.00
N ASP E 10 -4.60 29.51 -13.59
CA ASP E 10 -3.39 29.81 -14.36
C ASP E 10 -2.12 29.80 -13.51
N ASP E 11 -2.26 30.09 -12.22
CA ASP E 11 -1.14 30.09 -11.30
C ASP E 11 -0.62 28.67 -11.01
N VAL E 12 -1.46 27.68 -11.25
CA VAL E 12 -1.14 26.29 -10.95
C VAL E 12 -0.81 25.49 -12.20
N LEU E 13 -1.55 25.75 -13.27
CA LEU E 13 -1.40 25.04 -14.53
C LEU E 13 -0.02 25.24 -15.13
N LYS E 14 0.66 24.14 -15.45
CA LYS E 14 1.92 24.23 -16.18
C LYS E 14 1.63 24.60 -17.62
N GLU E 15 2.17 25.75 -18.03
CA GLU E 15 1.98 26.24 -19.40
C GLU E 15 2.45 25.19 -20.39
N ASN E 16 1.50 24.37 -20.85
CA ASN E 16 1.79 23.08 -21.45
C ASN E 16 2.37 23.19 -22.86
N ASN E 17 3.70 23.20 -22.92
CA ASN E 17 4.42 22.97 -24.18
C ASN E 17 5.11 21.61 -24.10
N ASP E 18 5.45 21.20 -22.88
CA ASP E 18 5.85 19.82 -22.60
C ASP E 18 4.70 19.10 -21.91
N ALA E 19 4.14 18.10 -22.58
CA ALA E 19 2.94 17.41 -22.10
C ALA E 19 3.23 16.52 -20.90
N ASP E 20 4.20 15.62 -21.05
CA ASP E 20 4.52 14.66 -20.02
C ASP E 20 5.68 15.12 -19.14
N LYS E 21 5.55 16.33 -18.60
CA LYS E 21 6.56 16.90 -17.70
C LYS E 21 6.31 16.46 -16.26
N GLY E 22 5.09 16.71 -15.78
CA GLY E 22 4.73 16.34 -14.42
C GLY E 22 4.64 14.84 -14.23
N ARG E 23 4.20 14.14 -15.28
CA ARG E 23 4.12 12.68 -15.29
C ARG E 23 5.49 12.03 -15.14
N SER E 24 6.47 12.54 -15.88
CA SER E 24 7.81 11.98 -15.86
C SER E 24 8.52 12.25 -14.54
N TYR E 25 8.24 13.41 -13.95
CA TYR E 25 8.78 13.78 -12.63
C TYR E 25 8.14 12.94 -11.54
N ALA E 26 6.83 12.80 -11.60
CA ALA E 26 6.08 12.05 -10.59
C ALA E 26 6.48 10.58 -10.60
N TYR E 27 6.60 10.03 -11.80
CA TYR E 27 6.90 8.61 -11.95
C TYR E 27 8.36 8.30 -11.64
N PHE E 28 9.24 9.28 -11.81
CA PHE E 28 10.63 9.10 -11.39
C PHE E 28 10.70 9.09 -9.87
N MET E 29 10.00 10.03 -9.23
CA MET E 29 9.98 10.14 -7.78
C MET E 29 9.36 8.89 -7.14
N VAL E 30 8.20 8.49 -7.66
CA VAL E 30 7.51 7.29 -7.22
C VAL E 30 8.35 6.03 -7.45
N GLY E 31 9.02 5.98 -8.60
CA GLY E 31 9.95 4.89 -8.88
C GLY E 31 11.16 4.86 -7.97
N ALA E 32 11.74 6.02 -7.68
CA ALA E 32 12.92 6.09 -6.83
C ALA E 32 12.58 5.75 -5.37
N MET E 33 11.40 6.17 -4.91
CA MET E 33 10.93 5.86 -3.57
C MET E 33 10.70 4.35 -3.45
N GLY E 34 10.20 3.74 -4.53
CA GLY E 34 10.01 2.31 -4.57
C GLY E 34 11.31 1.53 -4.51
N LEU E 35 12.33 2.06 -5.16
CA LEU E 35 13.65 1.43 -5.21
C LEU E 35 14.28 1.44 -3.82
N LEU E 36 14.39 2.63 -3.23
CA LEU E 36 15.09 2.77 -1.96
C LEU E 36 14.33 2.12 -0.79
N SER E 37 13.02 1.98 -0.94
CA SER E 37 12.20 1.26 0.04
C SER E 37 12.49 -0.23 0.04
N SER E 38 12.47 -0.82 -1.16
CA SER E 38 12.74 -2.25 -1.34
C SER E 38 14.13 -2.65 -0.86
N ALA E 39 15.11 -1.80 -1.13
CA ALA E 39 16.45 -2.02 -0.62
C ALA E 39 16.49 -1.87 0.90
N GLY E 40 15.73 -0.91 1.42
CA GLY E 40 15.64 -0.72 2.86
C GLY E 40 14.98 -1.89 3.56
N ALA E 41 13.86 -2.36 3.01
CA ALA E 41 13.14 -3.51 3.54
C ALA E 41 14.01 -4.76 3.51
N LYS E 42 14.77 -4.92 2.44
CA LYS E 42 15.63 -6.07 2.28
C LYS E 42 16.70 -6.07 3.36
N SER E 43 17.34 -4.92 3.57
CA SER E 43 18.37 -4.76 4.58
C SER E 43 17.84 -4.97 6.00
N THR E 44 16.61 -4.49 6.25
CA THR E 44 15.97 -4.63 7.57
C THR E 44 15.67 -6.10 7.86
N VAL E 45 15.14 -6.81 6.87
CA VAL E 45 14.84 -8.23 6.99
C VAL E 45 16.10 -9.08 7.20
N GLU E 46 17.18 -8.74 6.51
CA GLU E 46 18.44 -9.46 6.66
C GLU E 46 19.09 -9.23 8.02
N THR E 47 18.99 -7.99 8.53
CA THR E 47 19.47 -7.65 9.86
C THR E 47 18.85 -8.56 10.92
N PHE E 48 17.52 -8.68 10.88
CA PHE E 48 16.79 -9.50 11.83
C PHE E 48 17.06 -10.98 11.64
N ILE E 49 17.08 -11.41 10.38
CA ILE E 49 17.27 -12.82 10.09
C ILE E 49 18.67 -13.28 10.50
N SER E 50 19.66 -12.41 10.31
CA SER E 50 21.01 -12.79 10.66
C SER E 50 21.29 -12.79 12.16
N SER E 51 20.43 -12.13 12.96
CA SER E 51 20.62 -12.14 14.41
C SER E 51 20.37 -13.53 14.98
N MET E 52 19.70 -14.37 14.20
CA MET E 52 19.47 -15.74 14.60
C MET E 52 20.59 -16.73 14.22
N THR E 53 21.56 -16.28 13.43
CA THR E 53 22.67 -17.17 13.06
C THR E 53 23.62 -17.29 14.24
N ALA E 54 24.42 -18.35 14.23
CA ALA E 54 25.37 -18.68 15.30
C ALA E 54 26.10 -17.45 15.81
N THR E 55 26.08 -17.27 17.13
CA THR E 55 26.68 -16.09 17.75
C THR E 55 28.20 -16.23 17.78
N ALA E 56 28.87 -15.08 17.84
CA ALA E 56 30.32 -15.00 17.76
C ALA E 56 31.02 -15.88 18.80
N ASP E 57 30.37 -16.10 19.94
CA ASP E 57 30.98 -16.84 21.04
C ASP E 57 30.78 -18.35 21.00
N VAL E 58 29.96 -18.85 20.07
CA VAL E 58 29.67 -20.28 20.02
C VAL E 58 30.30 -20.98 18.82
N LEU E 59 31.09 -20.23 18.05
CA LEU E 59 31.80 -20.81 16.91
C LEU E 59 33.17 -21.32 17.34
N ALA E 60 33.16 -22.40 18.13
CA ALA E 60 34.38 -22.97 18.69
C ALA E 60 34.97 -24.04 17.76
N MET E 61 36.29 -23.97 17.55
CA MET E 61 37.00 -24.92 16.71
C MET E 61 37.63 -26.03 17.55
N ALA E 62 36.83 -27.05 17.86
CA ALA E 62 37.26 -28.13 18.74
C ALA E 62 38.25 -29.08 18.05
N LYS E 63 39.03 -29.78 18.86
CA LYS E 63 39.98 -30.77 18.38
C LYS E 63 40.19 -31.77 19.51
N VAL E 64 39.62 -32.96 19.36
CA VAL E 64 39.64 -33.94 20.43
C VAL E 64 40.71 -34.99 20.22
N GLU E 65 41.42 -35.32 21.30
CA GLU E 65 42.39 -36.40 21.30
C GLU E 65 41.77 -37.62 21.96
N VAL E 66 41.85 -38.76 21.28
CA VAL E 66 41.37 -40.01 21.84
C VAL E 66 42.51 -41.00 21.93
N ASN E 67 42.64 -41.66 23.08
CA ASN E 67 43.73 -42.61 23.30
C ASN E 67 43.31 -44.02 22.87
N LEU E 68 43.77 -44.43 21.70
CA LEU E 68 43.36 -45.69 21.09
C LEU E 68 43.84 -46.92 21.85
N ALA E 69 44.94 -46.74 22.59
CA ALA E 69 45.51 -47.83 23.40
C ALA E 69 44.59 -48.22 24.55
N ALA E 70 43.61 -47.37 24.84
CA ALA E 70 42.70 -47.59 25.95
C ALA E 70 41.48 -48.42 25.54
N ILE E 71 41.19 -48.45 24.24
CA ILE E 71 40.03 -49.17 23.73
C ILE E 71 40.36 -50.65 23.50
N PRO E 72 39.61 -51.57 24.15
CA PRO E 72 39.70 -53.03 24.01
C PRO E 72 39.39 -53.52 22.61
N LEU E 73 39.36 -54.85 22.42
CA LEU E 73 39.30 -55.42 21.09
C LEU E 73 38.00 -55.11 20.35
N GLY E 74 36.88 -55.66 20.82
CA GLY E 74 35.64 -55.51 20.07
C GLY E 74 34.65 -54.55 20.71
N LYS E 75 35.09 -53.33 20.99
CA LYS E 75 34.32 -52.38 21.77
C LYS E 75 34.13 -51.04 21.07
N ASN E 76 32.98 -50.41 21.33
CA ASN E 76 32.66 -49.08 20.82
C ASN E 76 32.95 -48.02 21.86
N VAL E 77 33.53 -46.91 21.42
CA VAL E 77 33.67 -45.75 22.28
C VAL E 77 33.03 -44.53 21.62
N VAL E 78 32.33 -43.74 22.42
CA VAL E 78 31.65 -42.54 21.96
C VAL E 78 32.26 -41.34 22.66
N VAL E 79 32.77 -40.38 21.88
CA VAL E 79 33.37 -39.17 22.45
C VAL E 79 32.82 -37.92 21.78
N LYS E 80 32.70 -36.83 22.54
CA LYS E 80 32.15 -35.58 22.03
C LYS E 80 33.17 -34.78 21.25
N TRP E 81 32.75 -34.22 20.11
CA TRP E 81 33.56 -33.30 19.32
C TRP E 81 32.63 -32.30 18.64
N GLN E 82 32.83 -31.02 18.96
CA GLN E 82 31.98 -29.94 18.47
C GLN E 82 30.49 -30.21 18.70
N GLY E 83 30.16 -30.73 19.88
CA GLY E 83 28.77 -31.03 20.20
C GLY E 83 28.20 -32.29 19.59
N LYS E 84 28.93 -32.89 18.65
CA LYS E 84 28.49 -34.10 17.96
C LYS E 84 29.18 -35.33 18.54
N PRO E 85 28.50 -36.49 18.52
CA PRO E 85 29.10 -37.76 18.92
C PRO E 85 30.01 -38.37 17.84
N VAL E 86 31.20 -38.77 18.23
CA VAL E 86 32.13 -39.43 17.33
C VAL E 86 32.24 -40.88 17.75
N PHE E 87 31.89 -41.77 16.81
CA PHE E 87 31.96 -43.21 17.01
C PHE E 87 33.35 -43.74 16.67
N ILE E 88 33.90 -44.55 17.57
CA ILE E 88 35.17 -45.22 17.32
C ILE E 88 35.03 -46.67 17.71
N ARG E 89 35.14 -47.56 16.73
CA ARG E 89 35.22 -48.99 17.02
C ARG E 89 36.61 -49.54 16.69
N HIS E 90 37.16 -50.28 17.65
CA HIS E 90 38.31 -51.16 17.42
C HIS E 90 37.76 -52.44 16.81
N ARG E 91 37.90 -52.58 15.49
CA ARG E 91 37.25 -53.68 14.79
C ARG E 91 38.04 -54.99 14.89
N THR E 92 37.32 -56.12 14.96
CA THR E 92 37.94 -57.43 14.92
C THR E 92 38.32 -57.80 13.49
N PRO E 93 39.30 -58.70 13.32
CA PRO E 93 39.69 -59.20 11.99
C PRO E 93 38.51 -59.71 11.16
N HIS E 94 37.57 -60.40 11.81
CA HIS E 94 36.39 -60.92 11.12
C HIS E 94 35.47 -59.82 10.62
N GLU E 95 35.37 -58.74 11.39
CA GLU E 95 34.57 -57.57 10.99
C GLU E 95 35.19 -56.84 9.81
N ILE E 96 36.52 -56.70 9.84
CA ILE E 96 37.25 -56.07 8.76
C ILE E 96 37.02 -56.78 7.42
N GLN E 97 36.95 -58.11 7.45
CA GLN E 97 36.66 -58.88 6.25
C GLN E 97 35.21 -58.68 5.81
N GLU E 98 34.30 -58.68 6.80
CA GLU E 98 32.88 -58.47 6.56
C GLU E 98 32.61 -57.13 5.87
N ALA E 99 33.34 -56.11 6.30
CA ALA E 99 33.24 -54.77 5.71
C ALA E 99 33.76 -54.70 4.28
N ASN E 100 34.92 -55.30 4.00
CA ASN E 100 35.53 -55.18 2.68
C ASN E 100 35.15 -56.29 1.69
N SER E 101 34.14 -57.08 2.03
CA SER E 101 33.64 -58.13 1.15
C SER E 101 32.18 -57.91 0.74
N VAL E 102 31.78 -56.66 0.62
CA VAL E 102 30.39 -56.33 0.26
C VAL E 102 30.36 -55.65 -1.10
N ASP E 103 29.46 -56.11 -1.98
CA ASP E 103 29.39 -55.58 -3.33
C ASP E 103 28.61 -54.26 -3.40
N MET E 104 29.12 -53.33 -4.20
CA MET E 104 28.55 -51.98 -4.32
C MET E 104 27.08 -52.01 -4.76
N SER E 105 26.70 -53.07 -5.46
CA SER E 105 25.34 -53.19 -5.99
C SER E 105 24.31 -53.29 -4.85
N ALA E 106 24.78 -53.64 -3.66
CA ALA E 106 23.93 -53.78 -2.49
C ALA E 106 23.88 -52.49 -1.65
N LEU E 107 24.54 -51.44 -2.11
CA LEU E 107 24.67 -50.20 -1.34
C LEU E 107 24.06 -49.00 -2.07
N LYS E 108 23.12 -48.33 -1.42
CA LYS E 108 22.49 -47.14 -2.00
C LYS E 108 23.44 -45.95 -1.99
N ASP E 109 24.48 -46.03 -1.18
CA ASP E 109 25.55 -45.03 -1.16
C ASP E 109 26.90 -45.74 -1.22
N PRO E 110 27.38 -46.04 -2.43
CA PRO E 110 28.43 -47.02 -2.69
C PRO E 110 29.81 -46.52 -2.29
N GLN E 111 30.38 -47.13 -1.25
CA GLN E 111 31.73 -46.83 -0.82
C GLN E 111 32.43 -48.11 -0.37
N THR E 112 33.71 -48.25 -0.72
CA THR E 112 34.50 -49.34 -0.16
C THR E 112 34.83 -49.00 1.28
N ASP E 113 35.16 -50.03 2.07
CA ASP E 113 35.58 -49.83 3.45
C ASP E 113 36.85 -49.00 3.50
N ALA E 114 37.63 -49.04 2.43
CA ALA E 114 38.90 -48.33 2.37
C ALA E 114 38.69 -46.86 2.00
N ASP E 115 37.60 -46.58 1.29
CA ASP E 115 37.18 -45.20 1.04
C ASP E 115 36.84 -44.49 2.36
N ARG E 116 36.62 -45.26 3.41
CA ARG E 116 36.00 -44.76 4.63
C ARG E 116 36.91 -44.86 5.86
N VAL E 117 37.90 -45.76 5.82
CA VAL E 117 38.89 -45.84 6.89
C VAL E 117 40.32 -45.86 6.37
N LYS E 118 41.23 -45.27 7.15
CA LYS E 118 42.64 -45.20 6.79
C LYS E 118 43.38 -46.41 7.32
N ASP E 119 43.01 -46.84 8.52
CA ASP E 119 43.54 -48.03 9.15
C ASP E 119 42.33 -48.93 9.46
N PRO E 120 42.29 -50.12 8.85
CA PRO E 120 41.17 -51.07 8.93
C PRO E 120 40.76 -51.47 10.34
N GLN E 121 41.65 -51.23 11.30
CA GLN E 121 41.38 -51.59 12.69
C GLN E 121 40.48 -50.55 13.37
N TRP E 122 40.53 -49.33 12.87
CA TRP E 122 39.87 -48.19 13.51
C TRP E 122 38.78 -47.58 12.65
N LEU E 123 37.53 -47.88 12.99
CA LEU E 123 36.40 -47.22 12.36
C LEU E 123 36.09 -45.94 13.14
N ILE E 124 36.21 -44.81 12.46
CA ILE E 124 36.05 -43.50 13.07
C ILE E 124 35.06 -42.67 12.25
N MET E 125 33.89 -42.42 12.83
CA MET E 125 32.82 -41.71 12.12
C MET E 125 31.94 -40.85 13.04
N LEU E 126 31.25 -39.89 12.44
CA LEU E 126 30.24 -39.12 13.15
C LEU E 126 29.01 -39.99 13.38
N GLY E 127 28.66 -40.19 14.64
CA GLY E 127 27.47 -40.96 14.97
C GLY E 127 26.17 -40.17 14.85
N ILE E 128 25.97 -39.54 13.70
CA ILE E 128 24.75 -38.80 13.38
C ILE E 128 24.04 -39.48 12.22
N CYS E 129 22.89 -40.09 12.50
CA CYS E 129 22.07 -40.69 11.46
C CYS E 129 21.74 -39.67 10.37
N THR E 130 21.89 -40.07 9.12
CA THR E 130 21.85 -39.10 8.02
C THR E 130 20.43 -38.81 7.56
N HIS E 131 19.47 -39.56 8.11
CA HIS E 131 18.06 -39.25 7.94
C HIS E 131 17.71 -37.94 8.66
N LEU E 132 17.46 -38.00 9.97
CA LEU E 132 16.97 -36.85 10.70
C LEU E 132 17.73 -36.58 12.00
N GLY E 133 18.92 -37.16 12.12
CA GLY E 133 19.89 -36.71 13.09
C GLY E 133 19.97 -37.41 14.44
N CYS E 134 19.23 -38.51 14.63
CA CYS E 134 19.37 -39.28 15.87
C CYS E 134 20.71 -39.99 15.90
N VAL E 135 21.08 -40.47 17.09
CA VAL E 135 22.34 -41.16 17.28
C VAL E 135 22.05 -42.64 17.20
N PRO E 136 22.65 -43.33 16.21
CA PRO E 136 22.46 -44.78 16.08
C PRO E 136 23.00 -45.58 17.27
N ILE E 137 22.30 -46.65 17.61
CA ILE E 137 22.68 -47.54 18.70
C ILE E 137 23.69 -48.59 18.24
N GLY E 138 24.76 -48.74 19.02
CA GLY E 138 25.85 -49.62 18.66
C GLY E 138 25.53 -51.09 18.87
N GLU E 139 26.09 -51.93 18.01
CA GLU E 139 25.94 -53.38 18.08
C GLU E 139 24.47 -53.79 18.05
N ALA E 140 23.76 -53.25 17.05
CA ALA E 140 22.34 -53.54 16.89
C ALA E 140 21.97 -53.45 15.41
N GLY E 141 20.79 -53.94 15.07
CA GLY E 141 20.39 -53.99 13.67
C GLY E 141 20.60 -55.34 13.00
N ASP E 142 20.26 -55.38 11.71
CA ASP E 142 20.24 -56.61 10.93
C ASP E 142 21.52 -56.81 10.12
N PHE E 143 22.50 -55.94 10.31
CA PHE E 143 23.71 -55.94 9.49
C PHE E 143 24.98 -55.79 10.31
N GLY E 144 24.91 -56.19 11.59
CA GLY E 144 26.12 -56.29 12.40
C GLY E 144 26.76 -54.99 12.83
N GLY E 145 26.07 -53.88 12.66
CA GLY E 145 26.63 -52.58 13.03
C GLY E 145 25.76 -51.76 13.96
N TRP E 146 25.12 -50.72 13.40
CA TRP E 146 24.34 -49.76 14.19
C TRP E 146 22.90 -49.69 13.72
N PHE E 147 21.98 -49.49 14.67
CA PHE E 147 20.56 -49.32 14.34
C PHE E 147 20.10 -47.95 14.85
N CYS E 148 19.39 -47.20 14.02
CA CYS E 148 18.80 -45.95 14.47
C CYS E 148 17.36 -46.13 14.91
N PRO E 149 17.09 -45.94 16.22
CA PRO E 149 15.78 -46.21 16.82
C PRO E 149 14.69 -45.27 16.32
N CYS E 150 15.08 -44.12 15.76
CA CYS E 150 14.12 -43.10 15.39
C CYS E 150 13.19 -43.45 14.24
N HIS E 151 13.74 -43.92 13.13
CA HIS E 151 12.91 -44.42 12.04
C HIS E 151 13.46 -45.69 11.40
N GLY E 152 14.34 -46.40 12.11
CA GLY E 152 14.76 -47.72 11.67
C GLY E 152 15.73 -47.77 10.50
N SER E 153 16.82 -47.05 10.60
CA SER E 153 17.91 -47.18 9.64
C SER E 153 18.96 -48.15 10.17
N HIS E 154 19.35 -49.11 9.31
CA HIS E 154 20.42 -50.04 9.66
C HIS E 154 21.73 -49.72 8.96
N TYR E 155 22.81 -49.68 9.73
CA TYR E 155 24.14 -49.49 9.19
C TYR E 155 24.99 -50.75 9.39
N ASP E 156 25.90 -51.02 8.46
CA ASP E 156 26.77 -52.19 8.60
C ASP E 156 28.04 -51.86 9.38
N ILE E 157 29.00 -52.78 9.36
CA ILE E 157 30.20 -52.65 10.20
C ILE E 157 31.21 -51.67 9.63
N SER E 158 30.92 -51.12 8.45
CA SER E 158 31.65 -49.96 7.95
C SER E 158 30.84 -48.68 8.22
N GLY E 159 29.65 -48.86 8.78
CA GLY E 159 28.74 -47.75 8.97
C GLY E 159 28.13 -47.22 7.68
N ARG E 160 27.94 -48.09 6.69
CA ARG E 160 27.18 -47.67 5.51
C ARG E 160 25.70 -47.94 5.72
N ILE E 161 24.87 -47.15 5.05
CA ILE E 161 23.43 -47.34 5.09
C ILE E 161 23.01 -48.56 4.27
N ARG E 162 22.31 -49.48 4.92
CA ARG E 162 21.92 -50.74 4.28
C ARG E 162 20.42 -50.89 4.14
N LYS E 163 19.67 -50.24 5.03
CA LYS E 163 18.21 -50.31 4.98
C LYS E 163 17.58 -49.17 5.78
N GLY E 164 16.52 -48.60 5.23
CA GLY E 164 15.81 -47.56 5.94
C GLY E 164 15.91 -46.23 5.22
N PRO E 165 15.33 -45.16 5.79
CA PRO E 165 15.12 -43.91 5.07
C PRO E 165 16.37 -43.04 4.96
N ALA E 166 17.39 -43.33 5.76
CA ALA E 166 18.63 -42.56 5.69
C ALA E 166 19.29 -42.69 4.30
N PRO E 167 19.67 -41.56 3.69
CA PRO E 167 20.16 -41.65 2.31
C PRO E 167 21.66 -41.92 2.18
N LEU E 168 22.42 -41.69 3.26
CA LEU E 168 23.87 -41.73 3.18
C LEU E 168 24.55 -42.53 4.28
N ASN E 169 25.80 -42.88 4.04
CA ASN E 169 26.62 -43.57 5.04
C ASN E 169 26.98 -42.57 6.13
N LEU E 170 27.26 -43.08 7.32
CA LEU E 170 27.74 -42.22 8.41
C LEU E 170 28.99 -41.46 7.99
N GLU E 171 28.96 -40.15 8.15
CA GLU E 171 30.03 -39.29 7.68
C GLU E 171 31.34 -39.55 8.43
N ILE E 172 32.45 -39.45 7.71
CA ILE E 172 33.77 -39.60 8.32
C ILE E 172 34.39 -38.21 8.49
N PRO E 173 34.72 -37.85 9.74
CA PRO E 173 35.40 -36.58 10.02
C PRO E 173 36.88 -36.69 9.67
N ALA E 174 37.56 -35.55 9.57
CA ALA E 174 39.00 -35.51 9.35
C ALA E 174 39.74 -35.94 10.61
N TYR E 175 40.74 -36.79 10.43
CA TYR E 175 41.57 -37.25 11.55
C TYR E 175 42.94 -37.77 11.11
N GLU E 176 43.93 -37.60 11.98
CA GLU E 176 45.27 -38.15 11.75
C GLU E 176 45.67 -38.97 12.98
N PHE E 177 46.63 -39.87 12.79
CA PHE E 177 47.14 -40.67 13.89
C PHE E 177 48.45 -40.10 14.42
N ASP E 178 48.73 -40.36 15.70
CA ASP E 178 49.98 -39.98 16.33
C ASP E 178 50.37 -41.11 17.28
N GLY E 179 50.75 -42.25 16.70
CA GLY E 179 51.13 -43.40 17.50
C GLY E 179 49.97 -44.09 18.19
N ASP E 180 49.87 -43.90 19.50
CA ASP E 180 48.85 -44.57 20.31
C ASP E 180 47.54 -43.78 20.39
N LYS E 181 47.50 -42.61 19.76
CA LYS E 181 46.33 -41.74 19.85
C LYS E 181 45.96 -41.09 18.52
N VAL E 182 44.65 -40.99 18.29
CA VAL E 182 44.11 -40.32 17.11
C VAL E 182 43.62 -38.92 17.48
N ILE E 183 43.76 -37.98 16.56
CA ILE E 183 43.35 -36.60 16.81
C ILE E 183 42.27 -36.18 15.81
N VAL E 184 41.03 -36.21 16.28
CA VAL E 184 39.85 -35.91 15.46
C VAL E 184 39.61 -34.41 15.34
N GLY E 185 39.49 -33.93 14.11
CA GLY E 185 39.24 -32.52 13.89
C GLY E 185 39.92 -31.99 12.64
N VAL F 1 60.57 12.38 27.43
CA VAL F 1 60.35 13.85 27.46
C VAL F 1 59.54 14.24 28.70
N THR F 2 59.22 15.53 28.82
CA THR F 2 58.35 16.00 29.88
C THR F 2 56.88 15.87 29.45
N ASP F 3 56.02 15.50 30.41
CA ASP F 3 54.60 15.30 30.14
C ASP F 3 53.94 16.52 29.51
N GLN F 4 53.15 16.28 28.46
CA GLN F 4 52.62 17.34 27.61
C GLN F 4 51.52 18.14 28.29
N LEU F 5 50.78 17.49 29.19
CA LEU F 5 49.73 18.14 29.96
C LEU F 5 50.34 19.01 31.06
N GLU F 6 51.30 18.45 31.80
CA GLU F 6 52.04 19.19 32.82
C GLU F 6 52.69 20.44 32.24
N ASP F 7 53.17 20.33 31.00
CA ASP F 7 53.77 21.43 30.28
C ASP F 7 52.76 22.55 30.03
N LEU F 8 51.62 22.19 29.44
CA LEU F 8 50.58 23.15 29.10
C LEU F 8 49.91 23.77 30.33
N ARG F 9 49.86 23.01 31.42
CA ARG F 9 49.34 23.54 32.67
C ARG F 9 50.27 24.59 33.26
N GLU F 10 51.56 24.25 33.36
CA GLU F 10 52.58 25.18 33.82
C GLU F 10 52.58 26.46 32.98
N HIS F 11 52.51 26.31 31.67
CA HIS F 11 52.43 27.44 30.76
C HIS F 11 51.26 28.37 31.09
N PHE F 12 50.08 27.80 31.39
CA PHE F 12 48.87 28.59 31.59
C PHE F 12 48.69 29.12 33.01
N LYS F 13 49.33 28.46 33.97
CA LYS F 13 49.45 29.02 35.32
C LYS F 13 50.15 30.38 35.32
N ASN F 14 50.93 30.66 34.26
CA ASN F 14 51.73 31.87 34.20
C ASN F 14 51.25 32.86 33.14
N THR F 15 49.97 32.81 32.83
CA THR F 15 49.32 33.90 32.10
C THR F 15 48.76 34.88 33.14
N GLU F 16 48.27 36.03 32.68
CA GLU F 16 47.70 37.01 33.61
C GLU F 16 46.55 36.40 34.40
N GLU F 17 45.66 35.70 33.70
CA GLU F 17 44.47 35.10 34.30
C GLU F 17 44.85 33.96 35.24
N GLY F 18 45.86 33.18 34.84
CA GLY F 18 46.32 32.07 35.66
C GLY F 18 46.99 32.53 36.94
N LYS F 19 47.74 33.64 36.85
CA LYS F 19 48.40 34.22 38.01
C LYS F 19 47.40 34.76 39.02
N ALA F 20 46.38 35.45 38.52
CA ALA F 20 45.28 35.95 39.33
C ALA F 20 44.55 34.83 40.09
N LEU F 21 44.39 33.69 39.42
CA LEU F 21 43.67 32.54 39.99
C LEU F 21 44.48 31.81 41.05
N VAL F 22 45.79 31.69 40.84
CA VAL F 22 46.64 31.04 41.84
C VAL F 22 46.85 31.96 43.04
N HIS F 23 46.80 33.27 42.78
CA HIS F 23 46.85 34.27 43.84
C HIS F 23 45.66 34.07 44.79
N HIS F 24 44.46 34.03 44.24
CA HIS F 24 43.25 33.86 45.05
C HIS F 24 43.22 32.52 45.78
N TYR F 25 43.79 31.48 45.16
CA TYR F 25 43.91 30.19 45.81
C TYR F 25 44.95 30.27 46.93
N GLU F 26 46.03 31.00 46.68
CA GLU F 26 47.12 31.14 47.63
C GLU F 26 46.69 31.95 48.85
N GLU F 27 45.98 33.05 48.60
CA GLU F 27 45.42 33.87 49.66
C GLU F 27 44.45 33.07 50.54
N CYS F 28 43.80 32.06 49.95
CA CYS F 28 42.95 31.16 50.70
C CYS F 28 43.78 30.20 51.55
N ALA F 29 44.82 29.63 50.95
CA ALA F 29 45.68 28.65 51.61
C ALA F 29 46.39 29.23 52.84
N GLU F 30 46.82 30.49 52.72
CA GLU F 30 47.40 31.24 53.83
C GLU F 30 46.41 31.35 54.97
N ARG F 31 45.21 31.83 54.65
CA ARG F 31 44.14 32.04 55.62
C ARG F 31 43.81 30.76 56.39
N VAL F 32 43.99 29.61 55.75
CA VAL F 32 43.64 28.33 56.34
C VAL F 32 44.68 27.81 57.33
N LYS F 33 45.95 27.87 56.96
CA LYS F 33 47.02 27.35 57.82
C LYS F 33 47.16 28.18 59.10
N ILE F 34 46.73 29.44 59.03
CA ILE F 34 46.67 30.31 60.20
C ILE F 34 45.57 29.85 61.15
N GLN F 35 44.44 29.42 60.58
CA GLN F 35 43.32 28.94 61.37
C GLN F 35 43.63 27.63 62.09
N GLN F 36 44.54 26.84 61.52
CA GLN F 36 44.88 25.53 62.06
C GLN F 36 45.81 25.63 63.27
N GLN F 37 46.53 26.75 63.37
CA GLN F 37 47.47 26.99 64.47
C GLN F 37 46.90 27.94 65.51
N GLN F 38 45.58 27.95 65.64
CA GLN F 38 44.90 28.72 66.69
C GLN F 38 43.90 27.83 67.39
N PRO F 39 43.94 27.78 68.73
CA PRO F 39 43.41 26.66 69.52
C PRO F 39 41.91 26.42 69.31
N GLY F 40 41.52 25.16 69.36
CA GLY F 40 40.12 24.80 69.15
C GLY F 40 39.78 24.52 67.71
N TYR F 41 40.79 24.15 66.92
CA TYR F 41 40.59 23.83 65.51
C TYR F 41 39.93 22.47 65.35
N ALA F 42 40.36 21.50 66.15
CA ALA F 42 39.79 20.16 66.14
C ALA F 42 38.38 20.13 66.73
N ASP F 43 37.89 21.31 67.11
CA ASP F 43 36.54 21.47 67.65
C ASP F 43 35.97 22.82 67.22
N LEU F 44 35.59 22.92 65.96
CA LEU F 44 35.12 24.19 65.41
C LEU F 44 33.85 24.07 64.57
N GLU F 45 33.60 22.88 64.04
CA GLU F 45 32.49 22.62 63.09
C GLU F 45 32.24 23.75 62.08
N HIS F 46 33.32 24.39 61.64
CA HIS F 46 33.23 25.52 60.72
C HIS F 46 34.58 25.74 60.03
N LYS F 47 35.26 24.65 59.71
CA LYS F 47 36.58 24.69 59.09
C LYS F 47 36.49 25.04 57.60
N GLU F 48 37.21 26.07 57.20
CA GLU F 48 37.23 26.49 55.80
C GLU F 48 38.27 25.69 55.04
N ASP F 49 37.91 25.29 53.81
CA ASP F 49 38.86 24.70 52.88
C ASP F 49 38.94 25.55 51.62
N CYS F 50 39.82 25.17 50.70
CA CYS F 50 40.05 25.98 49.51
C CYS F 50 39.77 25.22 48.22
N VAL F 51 38.83 24.28 48.30
CA VAL F 51 38.39 23.50 47.14
C VAL F 51 37.81 24.40 46.06
N GLU F 52 36.97 25.33 46.48
CA GLU F 52 36.32 26.25 45.56
C GLU F 52 37.33 27.03 44.74
N GLU F 53 38.29 27.67 45.43
CA GLU F 53 39.35 28.43 44.77
C GLU F 53 40.24 27.52 43.94
N PHE F 54 40.49 26.32 44.43
CA PHE F 54 41.21 25.32 43.64
C PHE F 54 40.46 24.94 42.35
N PHE F 55 39.15 24.74 42.46
CA PHE F 55 38.32 24.37 41.32
C PHE F 55 38.31 25.46 40.25
N HIS F 56 38.33 26.72 40.67
CA HIS F 56 38.39 27.84 39.72
C HIS F 56 39.70 27.81 38.94
N LEU F 57 40.78 27.49 39.63
CA LEU F 57 42.09 27.37 39.02
C LEU F 57 42.05 26.25 38.00
N GLN F 58 41.71 25.06 38.49
CA GLN F 58 41.67 23.85 37.67
C GLN F 58 40.73 23.99 36.47
N HIS F 59 39.61 24.68 36.67
CA HIS F 59 38.65 24.89 35.60
C HIS F 59 39.25 25.74 34.48
N TYR F 60 39.90 26.84 34.86
CA TYR F 60 40.59 27.70 33.91
C TYR F 60 41.64 26.92 33.11
N LEU F 61 42.43 26.12 33.81
CA LEU F 61 43.47 25.32 33.18
C LEU F 61 42.89 24.27 32.23
N ASP F 62 41.82 23.60 32.66
CA ASP F 62 41.11 22.64 31.82
C ASP F 62 40.61 23.29 30.53
N THR F 63 39.99 24.46 30.67
CA THR F 63 39.41 25.18 29.54
C THR F 63 40.49 25.57 28.51
N ALA F 64 41.72 25.76 28.97
CA ALA F 64 42.80 26.18 28.10
C ALA F 64 43.62 25.01 27.56
N THR F 65 43.78 23.97 28.35
CA THR F 65 44.61 22.83 27.98
C THR F 65 43.88 21.78 27.14
N ALA F 66 42.59 21.62 27.38
CA ALA F 66 41.80 20.56 26.75
C ALA F 66 41.72 20.62 25.23
N PRO F 67 41.56 21.84 24.65
CA PRO F 67 41.49 21.91 23.18
C PRO F 67 42.84 21.76 22.47
N ARG F 68 43.91 21.65 23.24
CA ARG F 68 45.26 21.74 22.68
C ARG F 68 46.10 20.49 22.92
N LEU F 69 45.80 19.79 24.01
CA LEU F 69 46.66 18.69 24.46
C LEU F 69 46.87 17.58 23.42
N PHE F 70 45.85 17.25 22.65
CA PHE F 70 45.89 16.08 21.78
C PHE F 70 46.60 16.34 20.44
N ASP F 71 46.74 17.60 20.05
CA ASP F 71 47.61 17.96 18.93
C ASP F 71 49.08 17.72 19.28
N LYS F 72 49.39 17.60 20.56
CA LYS F 72 50.74 17.31 21.00
C LYS F 72 50.95 15.81 21.28
N LEU F 73 49.86 15.06 21.35
CA LEU F 73 49.93 13.62 21.56
C LEU F 73 49.88 12.87 20.23
N LYS F 74 50.30 11.60 20.27
CA LYS F 74 50.22 10.73 19.11
C LYS F 74 48.99 9.82 19.25
N GLN G 1 -21.84 23.87 29.42
CA GLN G 1 -22.62 25.10 29.81
C GLN G 1 -23.69 25.39 28.77
N SER G 2 -24.92 25.54 29.24
CA SER G 2 -26.06 25.80 28.36
C SER G 2 -26.04 27.22 27.81
N PHE G 3 -26.65 27.40 26.64
CA PHE G 3 -26.81 28.74 26.10
C PHE G 3 -27.80 29.59 26.89
N THR G 4 -28.72 28.95 27.60
CA THR G 4 -29.63 29.67 28.49
C THR G 4 -28.82 30.37 29.58
N SER G 5 -27.81 29.68 30.08
CA SER G 5 -26.94 30.22 31.12
C SER G 5 -25.98 31.29 30.62
N ILE G 6 -25.43 31.09 29.41
CA ILE G 6 -24.55 32.09 28.82
C ILE G 6 -25.37 33.37 28.56
N ALA G 7 -26.63 33.21 28.17
CA ALA G 7 -27.51 34.34 27.86
C ALA G 7 -27.87 35.12 29.13
N ARG G 8 -28.17 34.39 30.20
CA ARG G 8 -28.42 34.97 31.52
C ARG G 8 -27.28 35.91 31.93
N ILE G 9 -26.08 35.37 32.08
CA ILE G 9 -24.89 36.14 32.45
C ILE G 9 -24.61 37.28 31.46
N GLY G 10 -24.70 36.98 30.17
CA GLY G 10 -24.36 37.95 29.15
C GLY G 10 -25.32 39.13 29.11
N ASP G 11 -26.60 38.87 29.27
CA ASP G 11 -27.62 39.92 29.21
C ASP G 11 -27.55 40.83 30.44
N TYR G 12 -27.26 40.25 31.60
CA TYR G 12 -27.05 41.00 32.83
C TYR G 12 -25.92 42.02 32.65
N ILE G 13 -24.85 41.59 32.01
CA ILE G 13 -23.71 42.46 31.74
C ILE G 13 -24.09 43.53 30.72
N LEU G 14 -24.86 43.13 29.72
CA LEU G 14 -25.18 44.00 28.59
C LEU G 14 -26.12 45.15 28.96
N LYS G 15 -26.93 44.94 30.00
CA LYS G 15 -27.91 45.93 30.43
C LYS G 15 -27.31 46.95 31.40
N SER G 16 -26.69 46.46 32.47
CA SER G 16 -26.02 47.30 33.45
C SER G 16 -24.84 48.05 32.81
N PRO G 17 -24.97 49.38 32.66
CA PRO G 17 -24.05 50.19 31.84
C PRO G 17 -22.69 50.40 32.50
N VAL G 18 -22.56 49.94 33.74
CA VAL G 18 -21.27 49.83 34.41
C VAL G 18 -20.44 48.75 33.70
N LEU G 19 -20.96 47.52 33.72
CA LEU G 19 -20.29 46.38 33.11
C LEU G 19 -20.27 46.46 31.60
N SER G 20 -21.38 46.90 31.02
CA SER G 20 -21.54 46.99 29.58
C SER G 20 -20.44 47.81 28.89
N LYS G 21 -20.01 48.89 29.53
CA LYS G 21 -18.98 49.75 28.96
C LYS G 21 -17.58 49.22 29.27
N LEU G 22 -17.50 48.38 30.30
CA LEU G 22 -16.24 47.80 30.75
C LEU G 22 -15.85 46.55 29.96
N CYS G 23 -16.83 45.68 29.70
CA CYS G 23 -16.58 44.34 29.18
C CYS G 23 -16.63 44.23 27.66
N VAL G 24 -17.65 44.82 27.05
CA VAL G 24 -17.88 44.69 25.62
C VAL G 24 -16.65 45.03 24.77
N PRO G 25 -15.92 46.11 25.11
CA PRO G 25 -14.64 46.34 24.43
C PRO G 25 -13.62 45.20 24.60
N VAL G 26 -13.53 44.63 25.80
CA VAL G 26 -12.70 43.44 26.00
C VAL G 26 -13.18 42.30 25.10
N ALA G 27 -14.48 42.04 25.13
CA ALA G 27 -15.09 40.99 24.33
C ALA G 27 -14.90 41.20 22.82
N ASN G 28 -15.02 42.45 22.38
CA ASN G 28 -14.85 42.79 20.97
C ASN G 28 -13.44 42.45 20.49
N GLN G 29 -12.48 42.69 21.36
CA GLN G 29 -11.07 42.50 21.03
C GLN G 29 -10.72 41.00 21.08
N PHE G 30 -11.34 40.28 22.00
CA PHE G 30 -11.21 38.83 22.07
C PHE G 30 -11.71 38.18 20.77
N ILE G 31 -12.84 38.66 20.27
CA ILE G 31 -13.44 38.10 19.05
C ILE G 31 -12.57 38.33 17.82
N ASN G 32 -11.88 39.47 17.76
CA ASN G 32 -11.00 39.76 16.63
C ASN G 32 -9.73 38.93 16.67
N LEU G 33 -9.22 38.69 17.88
CA LEU G 33 -8.03 37.86 18.07
C LEU G 33 -8.31 36.38 17.79
N ALA G 34 -9.54 35.96 18.07
CA ALA G 34 -9.99 34.59 17.80
C ALA G 34 -9.71 34.19 16.35
N GLY G 35 -10.06 35.06 15.41
CA GLY G 35 -9.60 34.89 14.03
C GLY G 35 -10.55 34.16 13.11
N TYR G 36 -11.65 33.64 13.64
CA TYR G 36 -12.56 32.82 12.85
C TYR G 36 -13.21 33.58 11.68
N LYS G 37 -13.30 34.90 11.81
CA LYS G 37 -13.86 35.75 10.77
C LYS G 37 -12.96 35.82 9.54
N LYS G 38 -11.66 35.64 9.74
CA LYS G 38 -10.70 35.61 8.64
C LYS G 38 -10.78 34.31 7.80
N LEU G 39 -11.45 33.29 8.35
CA LEU G 39 -11.71 32.05 7.64
C LEU G 39 -13.09 32.06 6.99
N GLY G 40 -13.87 33.11 7.26
CA GLY G 40 -15.17 33.24 6.64
C GLY G 40 -16.28 32.64 7.47
N LEU G 41 -16.02 32.45 8.75
CA LEU G 41 -16.99 31.84 9.65
C LEU G 41 -17.70 32.88 10.50
N LYS G 42 -18.92 32.53 10.90
CA LYS G 42 -19.64 33.26 11.93
C LYS G 42 -19.52 32.43 13.18
N PHE G 43 -19.57 33.07 14.35
CA PHE G 43 -19.38 32.33 15.58
C PHE G 43 -20.30 31.13 15.69
N ASP G 44 -21.57 31.31 15.33
CA ASP G 44 -22.55 30.25 15.48
C ASP G 44 -22.22 29.02 14.62
N ASP G 45 -21.40 29.20 13.58
CA ASP G 45 -20.88 28.07 12.80
C ASP G 45 -19.93 27.19 13.61
N LEU G 46 -19.37 27.77 14.68
CA LEU G 46 -18.36 27.13 15.50
C LEU G 46 -18.91 26.24 16.63
N ILE G 47 -20.20 26.35 16.91
CA ILE G 47 -20.78 25.62 18.02
C ILE G 47 -20.72 24.09 17.77
N ALA G 48 -20.17 23.33 18.72
CA ALA G 48 -20.16 21.87 18.61
C ALA G 48 -21.58 21.32 18.45
N GLU G 49 -21.78 20.52 17.40
CA GLU G 49 -23.12 20.12 16.98
C GLU G 49 -23.53 18.69 17.35
N GLU G 50 -22.62 17.92 17.93
CA GLU G 50 -22.89 16.50 18.19
C GLU G 50 -23.61 16.26 19.51
N ASN G 51 -24.83 16.82 19.60
CA ASN G 51 -25.71 16.62 20.76
C ASN G 51 -27.15 16.92 20.30
N PRO G 52 -28.15 16.44 21.06
CA PRO G 52 -29.54 16.55 20.60
C PRO G 52 -30.10 17.98 20.46
N ILE G 53 -29.66 18.90 21.32
CA ILE G 53 -30.10 20.30 21.24
C ILE G 53 -29.67 20.91 19.91
N MET G 54 -28.38 20.79 19.60
CA MET G 54 -27.88 21.36 18.36
C MET G 54 -28.41 20.66 17.10
N GLN G 55 -28.84 19.41 17.22
CA GLN G 55 -29.38 18.70 16.06
C GLN G 55 -30.83 19.14 15.81
N THR G 56 -31.58 19.29 16.90
CA THR G 56 -32.88 19.91 16.86
C THR G 56 -32.79 21.31 16.24
N ALA G 57 -31.84 22.10 16.71
CA ALA G 57 -31.71 23.48 16.26
C ALA G 57 -31.39 23.58 14.77
N LEU G 58 -30.42 22.80 14.32
CA LEU G 58 -30.00 22.79 12.91
C LEU G 58 -31.11 22.26 11.99
N ARG G 59 -31.94 21.38 12.54
CA ARG G 59 -33.05 20.80 11.80
C ARG G 59 -34.08 21.89 11.49
N ARG G 60 -34.21 22.83 12.42
CA ARG G 60 -35.23 23.86 12.38
C ARG G 60 -34.80 25.12 11.63
N LEU G 61 -33.52 25.21 11.32
CA LEU G 61 -32.97 26.30 10.53
C LEU G 61 -33.63 26.37 9.14
N PRO G 62 -34.10 27.56 8.74
CA PRO G 62 -34.60 27.75 7.36
C PRO G 62 -33.56 27.35 6.31
N GLU G 63 -34.06 26.82 5.20
CA GLU G 63 -33.25 26.30 4.09
C GLU G 63 -32.06 27.17 3.70
N ASP G 64 -32.32 28.46 3.53
CA ASP G 64 -31.34 29.36 2.94
C ASP G 64 -30.16 29.64 3.86
N GLU G 65 -30.43 29.70 5.15
CA GLU G 65 -29.38 29.79 6.15
C GLU G 65 -28.60 28.48 6.24
N SER G 66 -29.31 27.36 6.09
CA SER G 66 -28.67 26.05 6.11
C SER G 66 -27.66 25.85 4.99
N TYR G 67 -28.03 26.22 3.77
CA TYR G 67 -27.13 26.12 2.63
C TYR G 67 -25.93 27.06 2.81
N ALA G 68 -26.18 28.21 3.43
CA ALA G 68 -25.14 29.20 3.66
C ALA G 68 -24.11 28.73 4.70
N ARG G 69 -24.60 28.17 5.82
CA ARG G 69 -23.73 27.56 6.81
C ARG G 69 -22.85 26.48 6.19
N ALA G 70 -23.45 25.67 5.31
CA ALA G 70 -22.75 24.58 4.64
C ALA G 70 -21.59 25.08 3.79
N TYR G 71 -21.83 26.16 3.05
CA TYR G 71 -20.78 26.78 2.23
C TYR G 71 -19.67 27.37 3.08
N ARG G 72 -20.03 28.06 4.16
CA ARG G 72 -19.05 28.72 5.01
C ARG G 72 -18.14 27.70 5.69
N ILE G 73 -18.73 26.58 6.11
CA ILE G 73 -17.96 25.48 6.71
C ILE G 73 -17.02 24.79 5.72
N ILE G 74 -17.53 24.50 4.51
CA ILE G 74 -16.70 23.89 3.49
C ILE G 74 -15.56 24.82 3.08
N ARG G 75 -15.89 26.10 2.91
CA ARG G 75 -14.88 27.10 2.55
C ARG G 75 -13.81 27.27 3.63
N ALA G 76 -14.23 27.18 4.90
CA ALA G 76 -13.28 27.24 6.01
C ALA G 76 -12.30 26.06 6.02
N HIS G 77 -12.80 24.84 5.76
CA HIS G 77 -11.92 23.67 5.72
C HIS G 77 -10.91 23.73 4.59
N GLN G 78 -11.35 24.16 3.42
CA GLN G 78 -10.47 24.31 2.27
C GLN G 78 -9.38 25.35 2.50
N THR G 79 -9.74 26.47 3.12
CA THR G 79 -8.75 27.50 3.42
C THR G 79 -7.79 27.03 4.50
N GLU G 80 -8.33 26.39 5.54
CA GLU G 80 -7.48 25.82 6.58
C GLU G 80 -6.41 24.88 6.01
N LEU G 81 -6.82 24.00 5.10
CA LEU G 81 -5.89 23.01 4.54
C LEU G 81 -4.85 23.62 3.60
N THR G 82 -5.10 24.83 3.09
CA THR G 82 -4.11 25.49 2.25
C THR G 82 -3.20 26.39 3.07
N HIS G 83 -3.42 26.43 4.39
CA HIS G 83 -2.67 27.27 5.32
C HIS G 83 -2.68 28.74 4.94
N HIS G 84 -3.82 29.20 4.43
CA HIS G 84 -4.04 30.61 4.12
C HIS G 84 -5.20 31.14 4.94
N LEU G 85 -5.39 32.45 4.87
CA LEU G 85 -6.67 33.05 5.23
C LEU G 85 -7.30 33.51 3.93
N LEU G 86 -8.58 33.86 4.00
CA LEU G 86 -9.26 34.40 2.83
C LEU G 86 -8.74 35.80 2.53
N PRO G 87 -8.88 36.26 1.27
CA PRO G 87 -8.82 37.70 0.96
C PRO G 87 -9.70 38.51 1.90
N ARG G 88 -9.16 39.64 2.37
CA ARG G 88 -9.79 40.40 3.45
C ARG G 88 -11.20 40.86 3.10
N ASN G 89 -11.46 41.07 1.82
CA ASN G 89 -12.77 41.48 1.35
C ASN G 89 -13.79 40.36 1.46
N GLU G 90 -13.30 39.15 1.75
CA GLU G 90 -14.18 37.99 1.93
C GLU G 90 -14.43 37.66 3.41
N TRP G 91 -13.69 38.30 4.31
CA TRP G 91 -13.88 38.09 5.75
C TRP G 91 -15.31 38.39 6.15
N ILE G 92 -15.77 37.75 7.23
CA ILE G 92 -17.07 38.09 7.79
C ILE G 92 -16.94 39.41 8.54
N LYS G 93 -17.84 40.34 8.24
CA LYS G 93 -17.87 41.61 8.95
C LYS G 93 -18.72 41.49 10.21
N ALA G 94 -18.45 42.35 11.18
CA ALA G 94 -19.11 42.29 12.48
C ALA G 94 -20.63 42.41 12.35
N GLN G 95 -21.09 43.13 11.33
CA GLN G 95 -22.52 43.30 11.10
C GLN G 95 -23.15 41.97 10.67
N GLU G 96 -22.36 41.15 9.99
CA GLU G 96 -22.80 39.83 9.54
C GLU G 96 -22.68 38.76 10.61
N ASP G 97 -21.78 38.96 11.57
CA ASP G 97 -21.53 37.97 12.62
C ASP G 97 -22.65 37.92 13.65
N VAL G 98 -23.85 37.59 13.17
CA VAL G 98 -25.08 37.59 13.96
C VAL G 98 -25.28 36.23 14.63
N PRO G 99 -25.90 36.19 15.82
CA PRO G 99 -26.33 34.91 16.38
C PRO G 99 -27.58 34.33 15.72
N TYR G 100 -27.41 33.81 14.49
CA TYR G 100 -28.51 33.27 13.70
C TYR G 100 -29.08 31.94 14.21
N LEU G 101 -28.28 31.15 14.90
CA LEU G 101 -28.73 29.86 15.40
C LEU G 101 -29.18 29.94 16.86
N LEU G 102 -28.74 30.97 17.55
CA LEU G 102 -29.04 31.15 18.98
C LEU G 102 -30.53 31.02 19.35
N PRO G 103 -31.43 31.67 18.60
CA PRO G 103 -32.86 31.58 18.98
C PRO G 103 -33.43 30.16 18.91
N TYR G 104 -33.01 29.40 17.91
CA TYR G 104 -33.38 27.99 17.80
C TYR G 104 -32.83 27.13 18.93
N ILE G 105 -31.59 27.40 19.32
CA ILE G 105 -30.96 26.71 20.46
C ILE G 105 -31.67 26.98 21.78
N LEU G 106 -31.91 28.26 22.07
CA LEU G 106 -32.59 28.66 23.29
C LEU G 106 -33.99 28.09 23.38
N GLU G 107 -34.69 28.09 22.26
CA GLU G 107 -36.03 27.50 22.18
C GLU G 107 -35.99 26.00 22.51
N ALA G 108 -35.06 25.27 21.90
CA ALA G 108 -34.90 23.85 22.17
C ALA G 108 -34.48 23.54 23.61
N GLU G 109 -33.61 24.36 24.19
CA GLU G 109 -33.23 24.15 25.60
C GLU G 109 -34.41 24.32 26.56
N ALA G 110 -35.26 25.30 26.28
CA ALA G 110 -36.43 25.56 27.11
C ALA G 110 -37.41 24.39 27.02
N ALA G 111 -37.67 23.95 25.78
CA ALA G 111 -38.54 22.78 25.58
C ALA G 111 -38.01 21.55 26.34
N ALA G 112 -36.71 21.33 26.25
CA ALA G 112 -36.07 20.21 26.94
C ALA G 112 -36.14 20.35 28.45
N LYS G 113 -35.86 21.55 28.96
CA LYS G 113 -35.92 21.81 30.39
C LYS G 113 -37.33 21.60 30.96
N GLU G 114 -38.35 22.01 30.22
CA GLU G 114 -39.73 21.78 30.63
C GLU G 114 -40.09 20.28 30.72
N LYS G 115 -39.65 19.51 29.71
CA LYS G 115 -39.90 18.08 29.72
C LYS G 115 -39.26 17.42 30.94
N ASP G 116 -38.05 17.85 31.25
CA ASP G 116 -37.34 17.31 32.40
C ASP G 116 -38.07 17.69 33.70
N GLU G 117 -38.64 18.90 33.71
CA GLU G 117 -39.41 19.38 34.85
C GLU G 117 -40.70 18.60 35.03
N LEU G 118 -41.42 18.43 33.92
CA LEU G 118 -42.69 17.71 33.94
C LEU G 118 -42.55 16.20 34.19
N ASP G 119 -41.47 15.58 33.71
CA ASP G 119 -41.22 14.15 33.98
C ASP G 119 -40.94 13.91 35.47
N ASN G 120 -40.59 14.98 36.19
CA ASN G 120 -40.18 14.82 37.58
C ASN G 120 -41.03 15.60 38.58
N ILE G 121 -42.18 16.12 38.14
CA ILE G 121 -43.06 16.87 39.03
C ILE G 121 -43.55 16.03 40.21
N GLU G 122 -43.43 16.57 41.42
CA GLU G 122 -44.05 15.97 42.59
C GLU G 122 -45.48 16.47 42.74
N VAL G 123 -46.26 15.77 43.56
CA VAL G 123 -47.66 16.15 43.80
C VAL G 123 -47.92 16.25 45.31
N SER G 124 -48.70 17.26 45.69
CA SER G 124 -49.07 17.45 47.10
C SER G 124 -50.58 17.45 47.29
N LYS G 125 -51.04 16.66 48.25
CA LYS G 125 -52.46 16.59 48.60
C LYS G 125 -52.71 17.26 49.96
N GLY H 1 -28.74 -6.54 9.56
CA GLY H 1 -27.96 -7.56 10.33
C GLY H 1 -28.21 -7.42 11.81
N PRO H 2 -27.16 -7.63 12.65
CA PRO H 2 -27.17 -7.10 14.02
C PRO H 2 -27.35 -5.59 13.98
N PRO H 3 -28.21 -5.04 14.86
CA PRO H 3 -28.56 -3.61 14.81
C PRO H 3 -27.34 -2.68 14.94
N SER H 4 -27.58 -1.43 15.32
CA SER H 4 -26.51 -0.42 15.31
C SER H 4 -26.90 0.86 16.04
N GLY H 5 -26.01 1.33 16.92
CA GLY H 5 -26.18 2.64 17.55
C GLY H 5 -26.04 3.79 16.56
N LYS H 6 -26.95 4.76 16.65
CA LYS H 6 -26.86 5.97 15.83
C LYS H 6 -25.65 6.81 16.24
N THR H 7 -24.92 7.27 15.24
CA THR H 7 -23.69 8.03 15.45
C THR H 7 -23.79 9.42 14.80
N TYR H 8 -22.66 10.12 14.72
CA TYR H 8 -22.63 11.43 14.09
C TYR H 8 -21.79 11.41 12.81
N MET H 9 -21.44 10.22 12.34
CA MET H 9 -20.81 10.03 11.04
C MET H 9 -21.41 8.80 10.34
N GLY H 10 -21.76 8.95 9.06
CA GLY H 10 -22.18 7.81 8.27
C GLY H 10 -21.09 7.36 7.33
N TRP H 11 -21.43 7.14 6.07
CA TRP H 11 -20.46 6.71 5.06
C TRP H 11 -20.79 7.38 3.75
N TRP H 12 -19.93 7.18 2.76
CA TRP H 12 -20.13 7.77 1.42
C TRP H 12 -21.56 7.60 0.89
N GLY H 13 -22.20 8.74 0.63
CA GLY H 13 -23.58 8.72 0.20
C GLY H 13 -24.58 9.02 1.31
N HIS H 14 -24.15 8.84 2.57
CA HIS H 14 -24.98 9.20 3.71
C HIS H 14 -24.11 9.63 4.91
N MET H 15 -23.30 10.65 4.70
CA MET H 15 -22.30 11.04 5.69
C MET H 15 -22.92 11.61 6.94
N GLY H 16 -24.15 12.13 6.81
CA GLY H 16 -24.85 12.70 7.95
C GLY H 16 -24.76 14.21 8.02
N GLY H 17 -24.15 14.81 6.99
CA GLY H 17 -24.17 16.26 6.87
C GLY H 17 -25.53 16.78 6.50
N PRO H 18 -25.70 18.11 6.45
CA PRO H 18 -26.93 18.73 5.94
C PRO H 18 -26.98 18.59 4.42
N LYS H 19 -28.19 18.75 3.86
CA LYS H 19 -28.35 18.74 2.41
C LYS H 19 -27.62 19.90 1.75
N GLN H 20 -26.78 19.60 0.76
CA GLN H 20 -25.97 20.63 0.10
C GLN H 20 -26.59 20.99 -1.24
N LYS H 21 -26.72 22.29 -1.48
CA LYS H 21 -27.26 22.80 -2.74
C LYS H 21 -26.64 24.16 -3.01
N GLY H 22 -26.27 24.41 -4.26
CA GLY H 22 -25.75 25.71 -4.64
C GLY H 22 -24.25 25.81 -4.68
N ILE H 23 -23.56 24.88 -4.00
CA ILE H 23 -22.09 24.88 -4.00
C ILE H 23 -21.58 24.06 -5.19
N THR H 24 -20.67 24.66 -5.95
CA THR H 24 -20.08 24.01 -7.11
C THR H 24 -18.56 24.02 -6.94
N SER H 25 -17.93 22.86 -7.08
CA SER H 25 -16.47 22.80 -6.90
C SER H 25 -15.76 22.48 -8.20
N TYR H 26 -14.50 22.92 -8.30
CA TYR H 26 -13.70 22.71 -9.49
C TYR H 26 -12.33 22.24 -9.06
N ALA H 27 -11.71 21.38 -9.88
CA ALA H 27 -10.34 20.97 -9.63
C ALA H 27 -9.66 20.57 -10.94
N VAL H 28 -8.34 20.40 -10.87
CA VAL H 28 -7.54 20.11 -12.05
C VAL H 28 -6.53 19.02 -11.71
N SER H 29 -6.37 18.05 -12.61
CA SER H 29 -5.48 16.93 -12.41
C SER H 29 -4.09 17.39 -11.97
N PRO H 30 -3.53 16.74 -10.93
CA PRO H 30 -2.12 16.88 -10.55
C PRO H 30 -1.19 16.69 -11.73
N TYR H 31 -1.60 15.85 -12.68
CA TYR H 31 -0.78 15.56 -13.85
C TYR H 31 -0.63 16.80 -14.74
N ALA H 32 -1.67 17.62 -14.78
CA ALA H 32 -1.71 18.81 -15.62
C ALA H 32 -1.08 20.02 -14.94
N GLN H 33 -0.65 19.86 -13.70
CA GLN H 33 -0.16 20.98 -12.91
C GLN H 33 1.35 21.07 -12.94
N LYS H 34 1.86 22.26 -12.65
CA LYS H 34 3.29 22.53 -12.67
C LYS H 34 4.01 21.58 -11.71
N PRO H 35 4.96 20.78 -12.23
CA PRO H 35 5.94 20.07 -11.41
C PRO H 35 6.47 20.96 -10.29
N LEU H 36 6.73 20.35 -9.14
CA LEU H 36 6.93 21.09 -7.90
C LEU H 36 8.23 21.89 -7.84
N GLN H 37 8.30 22.93 -8.66
CA GLN H 37 9.31 23.98 -8.53
C GLN H 37 8.60 25.33 -8.42
N GLY H 38 7.31 25.28 -8.09
CA GLY H 38 6.51 26.49 -7.99
C GLY H 38 6.67 27.20 -6.67
N ILE H 39 6.19 26.57 -5.60
CA ILE H 39 6.26 27.13 -4.24
C ILE H 39 7.66 27.69 -3.94
N PHE H 40 7.66 28.87 -3.32
CA PHE H 40 8.72 29.90 -3.45
C PHE H 40 8.27 30.87 -4.55
N HIS H 41 8.71 32.13 -4.44
CA HIS H 41 8.29 33.19 -5.36
C HIS H 41 6.81 33.55 -5.13
N ASN H 42 5.97 32.53 -5.04
CA ASN H 42 4.54 32.72 -4.78
C ASN H 42 4.18 32.34 -3.34
N ALA H 43 4.94 31.43 -2.74
CA ALA H 43 4.58 30.89 -1.44
C ALA H 43 5.78 30.60 -0.54
N VAL H 44 6.37 31.66 0.01
CA VAL H 44 7.28 31.54 1.15
C VAL H 44 7.24 32.83 1.97
N PHE H 45 6.84 33.92 1.31
CA PHE H 45 6.42 35.13 2.02
C PHE H 45 4.98 34.94 2.50
N ASN H 46 4.28 34.02 1.85
CA ASN H 46 2.92 33.63 2.23
C ASN H 46 2.93 32.99 3.61
N SER H 47 3.41 31.75 3.69
CA SER H 47 3.58 31.07 4.96
C SER H 47 4.77 31.68 5.69
N PHE H 48 5.10 31.13 6.86
CA PHE H 48 5.79 31.88 7.92
C PHE H 48 4.87 32.98 8.43
N ARG H 49 3.60 32.89 8.05
CA ARG H 49 2.55 33.75 8.60
C ARG H 49 2.01 33.12 9.88
N ARG H 50 1.55 31.87 9.77
CA ARG H 50 0.90 31.19 10.89
C ARG H 50 1.89 30.79 11.99
N PHE H 51 2.32 31.81 12.73
CA PHE H 51 3.27 31.70 13.84
C PHE H 51 3.65 33.14 14.20
N LYS H 52 3.11 34.08 13.44
CA LYS H 52 3.03 35.49 13.81
C LYS H 52 1.85 35.64 14.75
N SER H 53 0.78 34.92 14.44
CA SER H 53 -0.41 34.84 15.27
C SER H 53 -0.09 34.06 16.54
N GLN H 54 0.76 33.05 16.41
CA GLN H 54 0.90 32.03 17.43
C GLN H 54 2.08 32.22 18.37
N PHE H 55 3.17 32.83 17.90
CA PHE H 55 4.43 32.78 18.62
C PHE H 55 4.36 33.38 20.02
N LEU H 56 3.42 34.30 20.23
CA LEU H 56 3.25 34.93 21.54
C LEU H 56 2.61 33.98 22.54
N TYR H 57 1.66 33.17 22.08
CA TYR H 57 1.04 32.15 22.91
C TYR H 57 2.04 31.12 23.39
N VAL H 58 3.04 30.82 22.55
CA VAL H 58 4.10 29.90 22.93
C VAL H 58 5.21 30.61 23.70
N LEU H 59 5.68 31.75 23.18
CA LEU H 59 6.87 32.43 23.70
C LEU H 59 6.73 33.00 25.11
N ILE H 60 5.58 33.59 25.40
CA ILE H 60 5.37 34.24 26.70
C ILE H 60 5.28 33.25 27.88
N PRO H 61 4.53 32.14 27.72
CA PRO H 61 4.62 31.06 28.71
C PRO H 61 6.01 30.43 28.78
N ALA H 62 6.66 30.29 27.63
CA ALA H 62 8.04 29.77 27.59
C ALA H 62 8.99 30.70 28.34
N GLY H 63 8.90 32.00 28.05
CA GLY H 63 9.69 33.00 28.74
C GLY H 63 9.52 33.00 30.25
N ILE H 64 8.27 33.02 30.70
CA ILE H 64 7.95 32.95 32.12
C ILE H 64 8.63 31.76 32.79
N TYR H 65 8.56 30.59 32.15
CA TYR H 65 9.08 29.36 32.73
C TYR H 65 10.60 29.24 32.64
N TRP H 66 11.19 29.79 31.58
CA TRP H 66 12.63 29.79 31.45
C TRP H 66 13.28 30.74 32.46
N TYR H 67 12.70 31.93 32.60
CA TYR H 67 13.15 32.89 33.60
C TYR H 67 13.08 32.28 35.00
N TRP H 68 11.93 31.69 35.31
CA TRP H 68 11.70 31.09 36.62
C TRP H 68 12.69 29.97 36.90
N TRP H 69 13.04 29.22 35.86
CA TRP H 69 13.99 28.13 36.00
C TRP H 69 15.41 28.65 36.22
N LYS H 70 15.84 29.60 35.39
CA LYS H 70 17.18 30.17 35.47
C LYS H 70 17.43 30.81 36.83
N ASN H 71 16.41 31.47 37.35
CA ASN H 71 16.49 32.15 38.63
C ASN H 71 16.70 31.16 39.78
N GLY H 72 15.87 30.12 39.82
CA GLY H 72 15.96 29.14 40.90
C GLY H 72 17.28 28.40 40.90
N ASN H 73 17.85 28.25 39.70
CA ASN H 73 19.10 27.51 39.55
C ASN H 73 20.29 28.32 40.04
N GLU H 74 20.33 29.58 39.62
CA GLU H 74 21.38 30.50 40.03
C GLU H 74 21.35 30.74 41.53
N TYR H 75 20.15 30.65 42.12
CA TYR H 75 20.01 30.79 43.56
C TYR H 75 20.57 29.57 44.28
N ASN H 76 20.36 28.39 43.71
CA ASN H 76 20.84 27.14 44.30
C ASN H 76 22.37 27.11 44.25
N GLU H 77 22.92 27.65 43.16
CA GLU H 77 24.36 27.73 42.96
C GLU H 77 24.99 28.63 44.03
N PHE H 78 24.39 29.80 44.23
CA PHE H 78 24.83 30.70 45.29
C PHE H 78 24.79 30.01 46.65
N LEU H 79 23.67 29.35 46.97
CA LEU H 79 23.51 28.72 48.28
C LEU H 79 24.62 27.72 48.63
N TYR H 80 25.17 27.04 47.62
CA TYR H 80 26.14 25.98 47.85
C TYR H 80 27.57 26.41 47.56
N SER H 81 27.76 27.69 47.25
CA SER H 81 29.09 28.30 47.22
C SER H 81 29.47 28.79 48.62
N LYS H 82 30.72 29.21 48.78
CA LYS H 82 31.23 29.73 50.04
C LYS H 82 30.42 30.93 50.50
N ALA H 83 30.23 31.88 49.59
CA ALA H 83 29.54 33.14 49.88
C ALA H 83 28.15 32.95 50.49
N GLY H 84 27.53 31.82 50.18
CA GLY H 84 26.14 31.63 50.52
C GLY H 84 25.85 30.64 51.64
N ARG H 85 26.90 30.10 52.25
CA ARG H 85 26.73 29.05 53.25
C ARG H 85 26.04 29.54 54.51
N GLU H 86 26.00 30.87 54.66
CA GLU H 86 25.32 31.49 55.79
C GLU H 86 23.82 31.54 55.51
N GLU H 87 23.46 32.00 54.31
CA GLU H 87 22.08 31.94 53.84
C GLU H 87 21.56 30.50 53.74
N LEU H 88 22.44 29.57 53.34
CA LEU H 88 22.09 28.15 53.27
C LEU H 88 21.63 27.63 54.63
N GLU H 89 22.36 27.98 55.69
CA GLU H 89 22.01 27.57 57.04
C GLU H 89 20.64 28.11 57.46
N ARG H 90 20.31 29.29 56.94
CA ARG H 90 19.07 29.97 57.27
C ARG H 90 17.86 29.34 56.58
N VAL H 91 17.95 29.15 55.27
CA VAL H 91 16.80 28.70 54.47
C VAL H 91 16.57 27.18 54.49
N ASN H 92 17.58 26.42 54.89
CA ASN H 92 17.54 24.96 54.81
C ASN H 92 16.37 24.35 55.59
N VAL H 93 16.64 23.87 56.80
CA VAL H 93 15.62 23.23 57.62
C VAL H 93 14.70 24.28 58.28
N SER I 1 10.95 15.88 -18.38
CA SER I 1 12.25 15.30 -18.84
C SER I 1 12.00 14.22 -19.88
N SER I 2 12.90 14.13 -20.87
CA SER I 2 12.78 13.14 -21.93
C SER I 2 13.72 11.95 -21.70
N LEU I 3 14.50 12.00 -20.63
CA LEU I 3 15.32 10.86 -20.22
C LEU I 3 14.43 9.74 -19.70
N TYR I 4 13.30 10.12 -19.10
CA TYR I 4 12.33 9.15 -18.61
C TYR I 4 11.61 8.46 -19.77
N LYS I 5 11.20 9.24 -20.77
CA LYS I 5 10.41 8.74 -21.89
C LYS I 5 11.19 7.86 -22.87
N THR I 6 12.48 7.68 -22.62
CA THR I 6 13.29 6.77 -23.43
C THR I 6 13.28 5.36 -22.85
N PHE I 7 13.39 5.28 -21.52
CA PHE I 7 13.43 4.00 -20.81
C PHE I 7 12.04 3.44 -20.54
N PHE I 8 11.19 4.27 -19.93
CA PHE I 8 9.92 3.79 -19.38
C PHE I 8 8.71 4.35 -20.14
N LYS I 9 8.94 5.38 -20.94
CA LYS I 9 7.98 5.87 -21.93
C LYS I 9 6.60 6.16 -21.36
N ARG I 10 6.49 7.22 -20.56
CA ARG I 10 5.22 7.69 -19.99
C ARG I 10 4.50 6.69 -19.05
N ASN I 11 5.03 5.49 -18.95
CA ASN I 11 4.54 4.51 -17.98
C ASN I 11 5.36 4.55 -16.70
N ALA I 12 4.75 4.18 -15.58
CA ALA I 12 5.45 4.05 -14.32
C ALA I 12 6.44 2.88 -14.36
N VAL I 13 7.45 2.94 -13.49
CA VAL I 13 8.39 1.84 -13.35
C VAL I 13 7.73 0.67 -12.61
N PHE I 14 7.92 -0.53 -13.14
CA PHE I 14 7.22 -1.72 -12.65
C PHE I 14 8.02 -2.43 -11.57
N VAL I 15 7.31 -3.10 -10.66
CA VAL I 15 7.92 -3.75 -9.49
C VAL I 15 9.15 -4.59 -9.80
N GLY I 16 9.08 -5.37 -10.88
CA GLY I 16 10.17 -6.24 -11.27
C GLY I 16 11.46 -5.47 -11.52
N THR I 17 11.33 -4.34 -12.23
CA THR I 17 12.46 -3.45 -12.48
C THR I 17 12.94 -2.76 -11.19
N ILE I 18 11.99 -2.44 -10.31
CA ILE I 18 12.28 -1.83 -9.02
C ILE I 18 13.07 -2.81 -8.15
N PHE I 19 12.58 -4.04 -8.04
CA PHE I 19 13.24 -5.08 -7.25
C PHE I 19 14.63 -5.34 -7.77
N ALA I 20 14.76 -5.42 -9.09
CA ALA I 20 16.04 -5.68 -9.75
C ALA I 20 17.04 -4.55 -9.53
N GLY I 21 16.55 -3.31 -9.67
CA GLY I 21 17.37 -2.15 -9.40
C GLY I 21 17.85 -2.08 -7.96
N ALA I 22 17.02 -2.59 -7.04
CA ALA I 22 17.34 -2.56 -5.61
C ALA I 22 18.51 -3.48 -5.25
N PHE I 23 18.55 -4.66 -5.86
CA PHE I 23 19.65 -5.60 -5.66
C PHE I 23 20.97 -5.02 -6.16
N VAL I 24 20.90 -4.30 -7.28
CA VAL I 24 22.06 -3.63 -7.85
C VAL I 24 22.53 -2.51 -6.93
N PHE I 25 21.58 -1.68 -6.50
CA PHE I 25 21.84 -0.56 -5.61
C PHE I 25 22.58 -1.02 -4.35
N GLN I 26 22.05 -2.06 -3.72
CA GLN I 26 22.57 -2.55 -2.46
C GLN I 26 24.08 -2.77 -2.50
N THR I 27 24.56 -3.41 -3.56
CA THR I 27 25.98 -3.73 -3.69
C THR I 27 26.83 -2.50 -4.04
N VAL I 28 26.37 -1.73 -5.02
CA VAL I 28 27.08 -0.53 -5.47
C VAL I 28 27.22 0.47 -4.32
N PHE I 29 26.09 0.74 -3.66
CA PHE I 29 26.04 1.71 -2.58
C PHE I 29 26.95 1.33 -1.40
N ASP I 30 26.96 0.05 -1.06
CA ASP I 30 27.78 -0.44 0.04
C ASP I 30 29.26 -0.25 -0.22
N THR I 31 29.69 -0.52 -1.46
CA THR I 31 31.11 -0.39 -1.82
C THR I 31 31.51 1.09 -1.84
N ALA I 32 30.66 1.93 -2.40
CA ALA I 32 30.90 3.37 -2.41
C ALA I 32 31.09 3.95 -1.01
N ILE I 33 30.28 3.48 -0.05
CA ILE I 33 30.30 4.00 1.31
C ILE I 33 31.49 3.44 2.09
N THR I 34 31.72 2.13 2.00
CA THR I 34 32.88 1.53 2.65
C THR I 34 34.18 2.17 2.16
N SER I 35 34.25 2.47 0.86
CA SER I 35 35.44 3.09 0.28
C SER I 35 35.68 4.46 0.86
N TRP I 36 34.67 5.32 0.81
CA TRP I 36 34.76 6.65 1.38
C TRP I 36 35.14 6.58 2.86
N TYR I 37 34.50 5.67 3.59
CA TYR I 37 34.67 5.56 5.03
C TYR I 37 36.09 5.16 5.40
N GLU I 38 36.59 4.10 4.77
CA GLU I 38 37.95 3.61 5.05
C GLU I 38 39.02 4.62 4.64
N ASN I 39 38.76 5.34 3.55
CA ASN I 39 39.65 6.39 3.08
C ASN I 39 39.68 7.58 4.06
N HIS I 40 38.49 8.06 4.44
CA HIS I 40 38.37 9.14 5.42
C HIS I 40 39.11 8.81 6.72
N ASN I 41 39.21 7.53 7.05
CA ASN I 41 39.86 7.12 8.29
C ASN I 41 41.25 6.49 8.09
N LYS I 42 41.89 6.84 6.98
CA LYS I 42 43.24 6.37 6.66
C LYS I 42 44.23 6.73 7.78
N GLY I 43 45.02 5.75 8.18
CA GLY I 43 45.94 5.95 9.29
C GLY I 43 45.48 5.28 10.56
N LYS I 44 44.17 5.30 10.80
CA LYS I 44 43.59 4.86 12.06
C LYS I 44 43.18 3.39 12.05
N LEU I 45 42.90 2.87 10.86
CA LEU I 45 42.42 1.49 10.68
C LEU I 45 43.45 0.44 11.10
N TRP I 46 42.96 -0.76 11.38
CA TRP I 46 43.84 -1.91 11.60
C TRP I 46 44.63 -2.27 10.33
N LYS I 47 44.00 -2.13 9.17
CA LYS I 47 44.67 -2.29 7.86
C LYS I 47 45.98 -1.52 7.85
N ASP I 48 45.93 -0.27 8.31
CA ASP I 48 47.05 0.65 8.23
C ASP I 48 48.08 0.38 9.31
N VAL I 49 47.62 -0.09 10.47
CA VAL I 49 48.51 -0.38 11.59
C VAL I 49 49.30 -1.66 11.35
N LYS I 50 48.68 -2.63 10.67
CA LYS I 50 49.32 -3.91 10.39
C LYS I 50 50.49 -3.77 9.42
N ALA I 51 50.45 -2.70 8.62
CA ALA I 51 51.52 -2.40 7.67
C ALA I 51 52.78 -1.90 8.36
N ARG I 52 52.68 -1.64 9.66
CA ARG I 52 53.82 -1.12 10.43
C ARG I 52 54.24 -2.09 11.54
N ILE I 53 53.77 -3.33 11.44
CA ILE I 53 54.11 -4.40 12.39
C ILE I 53 54.50 -5.65 11.60
N ALA I 54 55.45 -6.42 12.13
CA ALA I 54 55.85 -7.68 11.51
C ALA I 54 56.59 -8.59 12.50
N ALA I 55 55.94 -9.72 12.84
CA ALA I 55 56.51 -10.71 13.76
C ALA I 55 55.69 -12.01 13.74
N GLU J 1 30.37 -64.02 0.86
CA GLU J 1 31.82 -64.35 0.77
C GLU J 1 32.31 -64.44 -0.68
N VAL J 2 33.58 -64.08 -0.88
CA VAL J 2 34.16 -63.99 -2.21
C VAL J 2 34.84 -65.28 -2.64
N LYS J 3 34.68 -65.64 -3.91
CA LYS J 3 35.27 -66.86 -4.47
C LYS J 3 36.01 -66.58 -5.77
N LEU J 4 37.24 -67.06 -5.86
CA LEU J 4 38.01 -67.00 -7.10
C LEU J 4 38.19 -68.41 -7.68
N GLN J 5 37.68 -68.62 -8.89
CA GLN J 5 37.82 -69.90 -9.58
C GLN J 5 38.60 -69.74 -10.88
N GLU J 6 39.67 -70.50 -11.01
CA GLU J 6 40.55 -70.41 -12.17
C GLU J 6 40.32 -71.54 -13.17
N SER J 7 40.40 -71.19 -14.45
CA SER J 7 40.29 -72.17 -15.53
C SER J 7 41.24 -71.81 -16.67
N GLY J 8 41.48 -72.77 -17.57
CA GLY J 8 42.34 -72.51 -18.71
C GLY J 8 43.24 -73.68 -19.06
N ALA J 9 44.11 -73.46 -20.05
CA ALA J 9 44.99 -74.51 -20.57
C ALA J 9 46.09 -74.90 -19.59
N GLY J 10 46.06 -76.16 -19.15
CA GLY J 10 47.08 -76.65 -18.25
C GLY J 10 48.31 -77.19 -18.97
N LEU J 11 48.44 -76.85 -20.26
CA LEU J 11 49.56 -77.32 -21.07
C LEU J 11 49.64 -76.55 -22.39
N VAL J 12 50.65 -75.69 -22.53
CA VAL J 12 50.93 -75.02 -23.80
C VAL J 12 52.29 -75.40 -24.34
N GLN J 13 52.45 -75.27 -25.65
CA GLN J 13 53.70 -75.55 -26.32
C GLN J 13 54.54 -74.27 -26.39
N PRO J 14 55.88 -74.40 -26.30
CA PRO J 14 56.78 -73.24 -26.39
C PRO J 14 56.48 -72.34 -27.59
N SER J 15 56.73 -71.05 -27.42
CA SER J 15 56.52 -70.03 -28.45
C SER J 15 55.04 -69.68 -28.69
N GLN J 16 54.16 -70.26 -27.87
CA GLN J 16 52.73 -69.95 -27.93
C GLN J 16 52.28 -69.03 -26.78
N SER J 17 51.00 -68.69 -26.76
CA SER J 17 50.44 -67.84 -25.73
C SER J 17 49.68 -68.63 -24.66
N LEU J 18 50.07 -68.44 -23.40
CA LEU J 18 49.37 -69.01 -22.25
C LEU J 18 48.19 -68.13 -21.86
N SER J 19 47.01 -68.72 -21.73
CA SER J 19 45.80 -67.98 -21.40
C SER J 19 45.05 -68.58 -20.22
N LEU J 20 44.93 -67.80 -19.15
CA LEU J 20 44.22 -68.22 -17.94
C LEU J 20 43.12 -67.24 -17.57
N THR J 21 41.95 -67.78 -17.23
CA THR J 21 40.82 -66.95 -16.79
C THR J 21 40.55 -67.15 -15.29
N CYS J 22 40.32 -66.04 -14.60
CA CYS J 22 40.00 -66.05 -13.17
C CYS J 22 38.58 -65.53 -12.95
N SER J 23 37.66 -66.44 -12.64
CA SER J 23 36.25 -66.12 -12.43
C SER J 23 35.95 -65.75 -10.98
N VAL J 24 35.37 -64.57 -10.77
CA VAL J 24 35.07 -64.09 -9.43
C VAL J 24 33.56 -64.07 -9.20
N THR J 25 33.11 -64.69 -8.10
CA THR J 25 31.72 -64.60 -7.68
C THR J 25 31.62 -64.10 -6.24
N GLY J 26 30.60 -63.29 -5.98
CA GLY J 26 30.37 -62.78 -4.63
C GLY J 26 30.88 -61.37 -4.44
N TYR J 27 31.33 -60.74 -5.52
CA TYR J 27 31.96 -59.42 -5.47
C TYR J 27 32.38 -59.03 -6.89
N SER J 28 32.09 -57.78 -7.29
CA SER J 28 32.42 -57.32 -8.63
C SER J 28 33.85 -56.82 -8.75
N ILE J 29 34.44 -57.06 -9.92
CA ILE J 29 35.79 -56.58 -10.25
C ILE J 29 35.81 -55.06 -10.28
N THR J 30 34.70 -54.47 -10.71
CA THR J 30 34.56 -53.03 -10.88
C THR J 30 34.27 -52.32 -9.56
N SER J 31 33.82 -53.08 -8.56
CA SER J 31 33.45 -52.54 -7.26
C SER J 31 34.62 -51.99 -6.46
N GLY J 32 35.69 -52.77 -6.38
CA GLY J 32 36.64 -52.59 -5.30
C GLY J 32 38.09 -52.33 -5.64
N TYR J 33 38.92 -53.36 -5.46
CA TYR J 33 40.34 -53.15 -5.20
C TYR J 33 41.24 -53.58 -6.37
N TYR J 34 42.27 -54.38 -6.07
CA TYR J 34 43.24 -54.79 -7.08
C TYR J 34 43.21 -56.29 -7.38
N TRP J 35 43.33 -56.64 -8.65
CA TRP J 35 43.17 -58.02 -9.10
C TRP J 35 44.44 -58.59 -9.72
N ASN J 36 45.08 -59.49 -8.98
CA ASN J 36 46.46 -59.86 -9.25
C ASN J 36 46.63 -61.27 -9.82
N TRP J 37 47.69 -61.44 -10.61
CA TRP J 37 48.19 -62.76 -11.00
C TRP J 37 49.57 -62.96 -10.40
N ILE J 38 49.79 -64.11 -9.77
CA ILE J 38 51.14 -64.53 -9.39
C ILE J 38 51.39 -65.99 -9.79
N ARG J 39 52.66 -66.38 -9.83
CA ARG J 39 53.02 -67.75 -10.19
C ARG J 39 53.97 -68.39 -9.18
N LEU J 40 53.79 -69.68 -8.92
CA LEU J 40 54.69 -70.43 -8.06
C LEU J 40 55.54 -71.42 -8.86
N PHE J 41 56.84 -71.16 -8.90
CA PHE J 41 57.81 -72.05 -9.53
C PHE J 41 58.09 -73.27 -8.65
N PRO J 42 58.45 -74.42 -9.28
CA PRO J 42 58.81 -75.65 -8.56
C PRO J 42 59.97 -75.47 -7.58
N GLY J 43 60.84 -74.50 -7.85
CA GLY J 43 61.90 -74.14 -6.92
C GLY J 43 61.40 -73.31 -5.74
N ASN J 44 60.08 -73.22 -5.61
CA ASN J 44 59.42 -72.52 -4.51
C ASN J 44 59.86 -71.06 -4.34
N LYS J 45 59.81 -70.32 -5.43
CA LYS J 45 59.99 -68.87 -5.41
C LYS J 45 58.79 -68.19 -6.04
N LEU J 46 57.97 -67.56 -5.19
CA LEU J 46 56.77 -66.88 -5.68
C LEU J 46 57.13 -65.59 -6.40
N GLU J 47 56.47 -65.35 -7.53
CA GLU J 47 56.68 -64.13 -8.30
C GLU J 47 55.36 -63.43 -8.59
N TRP J 48 55.32 -62.13 -8.30
CA TRP J 48 54.16 -61.31 -8.61
C TRP J 48 54.21 -60.92 -10.09
N VAL J 49 53.11 -61.20 -10.79
CA VAL J 49 53.06 -61.02 -12.24
C VAL J 49 52.48 -59.68 -12.64
N GLY J 50 51.39 -59.28 -11.99
CA GLY J 50 50.72 -58.04 -12.35
C GLY J 50 49.30 -57.93 -11.82
N TYR J 51 48.67 -56.78 -12.04
CA TYR J 51 47.26 -56.62 -11.72
C TYR J 51 46.48 -55.78 -12.72
N ILE J 52 45.16 -55.89 -12.66
CA ILE J 52 44.26 -54.88 -13.21
C ILE J 52 43.37 -54.36 -12.08
N SER J 53 43.18 -53.05 -12.03
CA SER J 53 42.37 -52.44 -10.98
C SER J 53 40.88 -52.45 -11.32
N ASN J 54 40.08 -51.96 -10.38
CA ASN J 54 38.64 -51.85 -10.58
C ASN J 54 38.31 -50.78 -11.64
N VAL J 55 39.27 -49.89 -11.86
CA VAL J 55 39.15 -48.84 -12.88
C VAL J 55 39.57 -49.38 -14.25
N GLY J 56 40.45 -50.38 -14.25
CA GLY J 56 40.96 -50.93 -15.50
C GLY J 56 42.39 -50.51 -15.79
N ASP J 57 43.10 -50.08 -14.75
CA ASP J 57 44.50 -49.69 -14.88
C ASP J 57 45.40 -50.91 -14.69
N ASN J 58 46.36 -51.07 -15.60
CA ASN J 58 47.28 -52.20 -15.56
C ASN J 58 48.57 -51.85 -14.84
N ASN J 59 49.19 -52.86 -14.23
CA ASN J 59 50.45 -52.68 -13.54
C ASN J 59 51.17 -54.03 -13.49
N TYR J 60 52.29 -54.11 -14.21
CA TYR J 60 52.98 -55.38 -14.42
C TYR J 60 54.38 -55.38 -13.82
N ASN J 61 54.84 -56.56 -13.41
CA ASN J 61 56.24 -56.79 -13.08
C ASN J 61 57.11 -56.49 -14.30
N PRO J 62 58.15 -55.65 -14.14
CA PRO J 62 59.05 -55.29 -15.25
C PRO J 62 59.81 -56.48 -15.82
N SER J 63 59.94 -57.54 -15.02
CA SER J 63 60.53 -58.79 -15.46
C SER J 63 59.77 -59.40 -16.65
N LEU J 64 58.45 -59.26 -16.64
CA LEU J 64 57.60 -59.88 -17.66
C LEU J 64 56.76 -58.86 -18.43
N LYS J 65 57.08 -57.58 -18.26
CA LYS J 65 56.17 -56.49 -18.63
C LYS J 65 55.85 -56.37 -20.12
N ASP J 66 56.75 -56.86 -20.97
CA ASP J 66 56.63 -56.68 -22.41
C ASP J 66 55.84 -57.80 -23.09
N ARG J 67 55.51 -58.84 -22.33
CA ARG J 67 54.87 -60.03 -22.88
C ARG J 67 53.40 -60.14 -22.51
N LEU J 68 53.09 -60.00 -21.23
CA LEU J 68 51.74 -60.26 -20.75
C LEU J 68 50.76 -59.11 -20.96
N SER J 69 49.48 -59.47 -21.02
CA SER J 69 48.39 -58.51 -21.06
C SER J 69 47.26 -59.01 -20.19
N ILE J 70 46.97 -58.27 -19.12
CA ILE J 70 45.92 -58.64 -18.19
C ILE J 70 44.62 -57.89 -18.50
N THR J 71 43.64 -58.61 -19.04
CA THR J 71 42.37 -58.04 -19.43
C THR J 71 41.25 -58.43 -18.47
N ARG J 72 40.07 -57.87 -18.67
CA ARG J 72 38.90 -58.23 -17.88
C ARG J 72 37.62 -58.20 -18.73
N ASP J 73 36.58 -58.87 -18.22
CA ASP J 73 35.25 -58.75 -18.81
C ASP J 73 34.23 -58.51 -17.69
N THR J 74 33.78 -57.25 -17.59
CA THR J 74 32.85 -56.81 -16.54
C THR J 74 31.55 -57.60 -16.54
N SER J 75 31.05 -57.93 -17.73
CA SER J 75 29.78 -58.64 -17.88
C SER J 75 29.77 -60.01 -17.21
N LYS J 76 30.87 -60.74 -17.35
CA LYS J 76 30.96 -62.10 -16.83
C LYS J 76 31.74 -62.17 -15.51
N ASN J 77 32.35 -61.06 -15.14
CA ASN J 77 33.08 -60.91 -13.87
C ASN J 77 34.29 -61.83 -13.77
N GLN J 78 35.25 -61.63 -14.67
CA GLN J 78 36.46 -62.42 -14.70
C GLN J 78 37.60 -61.64 -15.35
N PHE J 79 38.80 -61.78 -14.80
CA PHE J 79 39.99 -61.21 -15.43
C PHE J 79 40.94 -62.31 -15.94
N PHE J 80 41.84 -61.94 -16.85
CA PHE J 80 42.62 -62.90 -17.62
C PHE J 80 44.12 -62.59 -17.59
N LEU J 81 44.93 -63.64 -17.57
CA LEU J 81 46.36 -63.53 -17.88
C LEU J 81 46.64 -64.05 -19.30
N LYS J 82 47.49 -63.33 -20.03
CA LYS J 82 47.98 -63.79 -21.33
C LYS J 82 49.48 -63.59 -21.45
N LEU J 83 50.23 -64.65 -21.16
CA LEU J 83 51.70 -64.64 -21.23
C LEU J 83 52.17 -65.12 -22.61
N ASN J 84 52.75 -64.20 -23.39
CA ASN J 84 53.11 -64.47 -24.78
C ASN J 84 54.44 -65.18 -24.94
N SER J 85 54.58 -65.90 -26.07
CA SER J 85 55.78 -66.64 -26.44
C SER J 85 56.48 -67.31 -25.26
N VAL J 86 55.86 -68.36 -24.75
CA VAL J 86 56.31 -68.99 -23.52
C VAL J 86 57.55 -69.86 -23.68
N THR J 87 58.33 -69.96 -22.61
CA THR J 87 59.52 -70.80 -22.57
C THR J 87 59.29 -71.88 -21.53
N THR J 88 60.24 -72.80 -21.38
CA THR J 88 60.22 -73.75 -20.26
C THR J 88 60.43 -73.00 -18.94
N GLU J 89 60.85 -71.74 -19.04
CA GLU J 89 60.89 -70.81 -17.93
C GLU J 89 59.52 -70.68 -17.26
N ASP J 90 58.48 -70.52 -18.08
CA ASP J 90 57.13 -70.24 -17.62
C ASP J 90 56.37 -71.48 -17.16
N THR J 91 57.09 -72.46 -16.64
CA THR J 91 56.45 -73.65 -16.07
C THR J 91 56.23 -73.41 -14.58
N ALA J 92 54.99 -73.07 -14.24
CA ALA J 92 54.63 -72.78 -12.86
C ALA J 92 53.15 -73.03 -12.63
N THR J 93 52.76 -73.12 -11.36
CA THR J 93 51.35 -73.04 -10.99
C THR J 93 50.98 -71.57 -10.80
N TYR J 94 49.96 -71.12 -11.53
CA TYR J 94 49.57 -69.71 -11.51
C TYR J 94 48.36 -69.48 -10.60
N TYR J 95 48.42 -68.38 -9.84
CA TYR J 95 47.34 -67.99 -8.93
C TYR J 95 46.82 -66.60 -9.28
N CYS J 96 45.50 -66.45 -9.28
CA CYS J 96 44.89 -65.12 -9.25
C CYS J 96 44.46 -64.80 -7.82
N ALA J 97 44.62 -63.54 -7.42
CA ALA J 97 44.24 -63.11 -6.08
C ALA J 97 43.82 -61.64 -6.01
N ARG J 98 42.90 -61.35 -5.09
CA ARG J 98 42.55 -59.96 -4.78
C ARG J 98 43.46 -59.41 -3.69
N SER J 99 43.92 -58.18 -3.87
CA SER J 99 44.54 -57.43 -2.79
C SER J 99 43.74 -56.18 -2.45
N GLU J 100 43.57 -55.92 -1.16
CA GLU J 100 43.03 -54.65 -0.70
C GLU J 100 44.14 -53.61 -0.62
N TYR J 101 43.75 -52.35 -0.44
CA TYR J 101 44.69 -51.30 -0.12
C TYR J 101 44.05 -50.32 0.85
N TYR J 102 44.59 -50.29 2.07
CA TYR J 102 44.27 -49.25 3.05
C TYR J 102 45.49 -48.34 3.16
N SER J 103 45.26 -47.03 3.27
CA SER J 103 46.34 -46.04 3.19
C SER J 103 47.40 -46.18 4.29
N VAL J 104 47.04 -46.79 5.41
CA VAL J 104 47.99 -47.05 6.49
C VAL J 104 48.69 -48.39 6.30
N THR J 105 47.92 -49.48 6.22
CA THR J 105 48.47 -50.83 6.21
C THR J 105 49.00 -51.30 4.84
N GLY J 106 48.69 -50.54 3.79
CA GLY J 106 49.10 -50.93 2.44
C GLY J 106 48.32 -52.09 1.87
N TYR J 107 48.92 -52.77 0.89
CA TYR J 107 48.30 -53.88 0.18
C TYR J 107 48.37 -55.19 0.94
N ALA J 108 47.44 -56.09 0.62
CA ALA J 108 47.38 -57.42 1.24
C ALA J 108 46.44 -58.29 0.42
N MET J 109 46.97 -59.41 -0.09
CA MET J 109 46.17 -60.32 -0.90
C MET J 109 45.38 -61.30 -0.04
N ASP J 110 44.06 -61.11 -0.03
CA ASP J 110 43.20 -61.70 0.99
C ASP J 110 42.31 -62.82 0.45
N TYR J 111 42.08 -62.82 -0.85
CA TYR J 111 41.28 -63.86 -1.49
C TYR J 111 42.05 -64.48 -2.65
N TRP J 112 42.24 -65.80 -2.57
CA TRP J 112 43.10 -66.52 -3.51
C TRP J 112 42.34 -67.50 -4.37
N GLY J 113 42.77 -67.62 -5.62
CA GLY J 113 42.27 -68.68 -6.49
C GLY J 113 42.81 -70.05 -6.11
N GLN J 114 42.28 -71.09 -6.78
CA GLN J 114 42.60 -72.48 -6.48
C GLN J 114 44.02 -72.87 -6.88
N GLY J 115 44.51 -72.23 -7.94
CA GLY J 115 45.81 -72.57 -8.49
C GLY J 115 45.69 -73.44 -9.72
N THR J 116 46.12 -72.92 -10.87
CA THR J 116 46.17 -73.70 -12.10
C THR J 116 47.62 -74.01 -12.52
N THR J 117 47.97 -75.29 -12.50
CA THR J 117 49.31 -75.74 -12.89
C THR J 117 49.47 -75.80 -14.41
N VAL J 118 50.37 -74.98 -14.95
CA VAL J 118 50.69 -75.04 -16.38
C VAL J 118 52.09 -75.60 -16.64
N THR J 119 52.17 -76.46 -17.66
CA THR J 119 53.45 -77.01 -18.10
C THR J 119 53.70 -76.63 -19.55
N VAL J 120 54.87 -76.04 -19.79
CA VAL J 120 55.31 -75.74 -21.14
C VAL J 120 56.04 -76.96 -21.69
N SER J 121 55.30 -77.75 -22.47
CA SER J 121 55.79 -79.03 -22.98
C SER J 121 55.51 -79.09 -24.47
N SER J 122 56.25 -79.93 -25.18
CA SER J 122 56.06 -80.08 -26.63
C SER J 122 55.04 -81.16 -26.97
N ALA J 123 54.48 -81.80 -25.94
CA ALA J 123 53.56 -82.90 -26.10
C ALA J 123 52.22 -82.49 -26.72
N TRP J 124 51.44 -83.48 -27.14
CA TRP J 124 50.12 -83.26 -27.70
C TRP J 124 49.06 -83.62 -26.65
N ARG J 125 48.08 -82.73 -26.47
CA ARG J 125 46.97 -82.95 -25.55
C ARG J 125 45.69 -83.27 -26.34
N HIS J 126 44.54 -82.96 -25.76
CA HIS J 126 43.28 -83.09 -26.50
C HIS J 126 42.32 -81.96 -26.13
N PRO J 127 42.31 -80.88 -26.93
CA PRO J 127 41.61 -79.63 -26.58
C PRO J 127 40.09 -79.76 -26.45
N ASP K 1 65.06 -53.06 -7.00
CA ASP K 1 64.31 -54.31 -6.70
C ASP K 1 64.78 -54.93 -5.39
N ILE K 2 63.88 -55.00 -4.42
CA ILE K 2 64.17 -55.61 -3.12
C ILE K 2 64.02 -57.13 -3.22
N GLU K 3 64.80 -57.84 -2.40
CA GLU K 3 64.64 -59.29 -2.29
C GLU K 3 64.72 -59.74 -0.84
N LEU K 4 63.85 -60.67 -0.47
CA LEU K 4 63.78 -61.15 0.90
C LEU K 4 64.48 -62.50 1.06
N THR K 5 65.02 -62.74 2.25
CA THR K 5 65.77 -63.96 2.54
C THR K 5 65.14 -64.70 3.72
N GLN K 6 64.38 -65.75 3.42
CA GLN K 6 63.66 -66.49 4.44
C GLN K 6 64.52 -67.52 5.14
N THR K 7 64.88 -67.22 6.39
CA THR K 7 65.71 -68.09 7.20
C THR K 7 65.04 -68.35 8.56
N PRO K 8 65.06 -69.62 9.03
CA PRO K 8 65.71 -70.77 8.40
C PRO K 8 64.95 -71.33 7.21
N VAL K 9 65.66 -71.96 6.29
CA VAL K 9 65.05 -72.58 5.13
C VAL K 9 64.65 -74.02 5.46
N SER K 10 63.34 -74.24 5.57
CA SER K 10 62.77 -75.59 5.68
C SER K 10 63.21 -76.36 6.93
N LEU K 11 63.21 -75.68 8.08
CA LEU K 11 63.55 -76.32 9.35
C LEU K 11 62.30 -76.95 9.99
N ALA K 12 62.50 -78.05 10.70
CA ALA K 12 61.40 -78.81 11.27
C ALA K 12 61.37 -78.75 12.80
N ALA K 13 60.27 -79.21 13.39
CA ALA K 13 60.11 -79.23 14.84
C ALA K 13 59.18 -80.36 15.26
N SER K 14 58.68 -80.30 16.50
CA SER K 14 57.87 -81.38 17.08
C SER K 14 56.37 -81.10 17.03
N LEU K 15 55.62 -81.80 17.88
CA LEU K 15 54.16 -81.86 17.78
C LEU K 15 53.42 -80.86 18.68
N GLY K 16 54.09 -79.75 19.02
CA GLY K 16 53.43 -78.73 19.81
C GLY K 16 54.37 -77.83 20.60
N ASP K 17 55.16 -77.03 19.88
CA ASP K 17 56.08 -76.09 20.51
C ASP K 17 56.43 -74.92 19.59
N ARG K 18 56.93 -73.84 20.17
CA ARG K 18 57.17 -72.58 19.45
C ARG K 18 58.24 -72.67 18.36
N VAL K 19 58.20 -71.72 17.43
CA VAL K 19 59.12 -71.67 16.30
C VAL K 19 59.15 -70.26 15.69
N THR K 20 60.33 -69.80 15.30
CA THR K 20 60.52 -68.43 14.87
C THR K 20 61.22 -68.33 13.50
N ILE K 21 60.43 -68.17 12.45
CA ILE K 21 60.95 -67.88 11.11
C ILE K 21 61.25 -66.38 11.01
N SER K 22 62.00 -65.97 9.99
CA SER K 22 62.31 -64.55 9.79
C SER K 22 62.42 -64.17 8.32
N CYS K 23 62.29 -62.88 8.05
CA CYS K 23 62.47 -62.34 6.70
C CYS K 23 63.31 -61.07 6.74
N ARG K 24 64.41 -61.05 5.98
CA ARG K 24 65.28 -59.89 5.88
C ARG K 24 65.30 -59.36 4.45
N ALA K 25 65.10 -58.05 4.29
CA ALA K 25 65.06 -57.43 2.97
C ALA K 25 66.32 -56.61 2.69
N SER K 26 66.67 -56.49 1.41
CA SER K 26 67.86 -55.76 0.99
C SER K 26 67.74 -54.27 1.29
N GLN K 27 66.63 -53.67 0.85
CA GLN K 27 66.35 -52.27 1.15
C GLN K 27 65.44 -52.18 2.39
N ASP K 28 65.26 -50.97 2.91
CA ASP K 28 64.44 -50.76 4.09
C ASP K 28 62.97 -50.57 3.72
N ILE K 29 62.18 -51.62 3.96
CA ILE K 29 60.73 -51.54 3.92
C ILE K 29 60.23 -51.05 5.28
N ASN K 30 59.07 -50.37 5.30
CA ASN K 30 58.58 -49.76 6.53
C ASN K 30 58.15 -50.82 7.54
N ASN K 31 56.88 -51.19 7.48
CA ASN K 31 56.40 -52.39 8.16
C ASN K 31 55.49 -53.14 7.20
N PHE K 32 55.59 -52.79 5.92
CA PHE K 32 54.75 -53.34 4.86
C PHE K 32 55.17 -54.76 4.51
N LEU K 33 54.89 -55.70 5.41
CA LEU K 33 55.31 -57.09 5.23
C LEU K 33 54.19 -58.05 5.57
N ASN K 34 53.77 -58.83 4.57
CA ASN K 34 52.72 -59.82 4.76
C ASN K 34 53.30 -61.22 4.84
N TRP K 35 52.54 -62.13 5.45
CA TRP K 35 52.94 -63.53 5.58
C TRP K 35 51.84 -64.43 5.03
N TYR K 36 52.20 -65.30 4.09
CA TYR K 36 51.24 -66.20 3.49
C TYR K 36 51.50 -67.65 3.88
N GLN K 37 50.48 -68.50 3.70
CA GLN K 37 50.56 -69.89 4.13
C GLN K 37 50.07 -70.81 3.01
N GLN K 38 51.01 -71.44 2.31
CA GLN K 38 50.69 -72.42 1.28
C GLN K 38 50.63 -73.83 1.86
N LYS K 39 49.43 -74.39 1.89
CA LYS K 39 49.21 -75.75 2.37
C LYS K 39 49.82 -76.78 1.40
N PRO K 40 50.07 -78.01 1.89
CA PRO K 40 50.47 -79.14 1.04
C PRO K 40 49.53 -79.39 -0.15
N ASP K 41 48.26 -79.01 0.02
CA ASP K 41 47.25 -79.20 -1.02
C ASP K 41 47.25 -78.08 -2.05
N GLY K 42 48.18 -77.13 -1.90
CA GLY K 42 48.26 -76.01 -2.83
C GLY K 42 47.37 -74.85 -2.48
N THR K 43 46.62 -75.00 -1.38
CA THR K 43 45.74 -73.94 -0.87
C THR K 43 46.57 -72.87 -0.18
N ILE K 44 46.50 -71.65 -0.71
CA ILE K 44 47.31 -70.55 -0.20
C ILE K 44 46.44 -69.48 0.50
N LYS K 45 46.88 -69.07 1.69
CA LYS K 45 46.11 -68.21 2.58
C LYS K 45 46.92 -67.00 3.07
N LEU K 46 46.21 -65.92 3.41
CA LEU K 46 46.82 -64.79 4.10
C LEU K 46 46.79 -65.02 5.61
N LEU K 47 47.91 -64.71 6.27
CA LEU K 47 48.04 -64.93 7.71
C LEU K 47 48.26 -63.63 8.47
N ILE K 48 49.14 -62.78 7.93
CA ILE K 48 49.57 -61.55 8.60
C ILE K 48 49.80 -60.44 7.58
N TYR K 49 49.31 -59.24 7.88
CA TYR K 49 49.62 -58.04 7.10
C TYR K 49 50.11 -56.93 8.03
N TYR K 50 50.93 -56.03 7.50
CA TYR K 50 51.59 -54.99 8.29
C TYR K 50 52.36 -55.58 9.48
N THR K 51 52.93 -56.77 9.25
CA THR K 51 53.77 -57.51 10.21
C THR K 51 53.34 -57.52 11.68
N SER K 52 52.04 -57.67 11.93
CA SER K 52 51.52 -57.91 13.27
C SER K 52 50.02 -58.17 13.25
N ARG K 53 49.37 -57.70 12.19
CA ARG K 53 47.91 -57.77 12.05
C ARG K 53 47.41 -59.14 11.59
N LEU K 54 46.60 -59.78 12.42
CA LEU K 54 45.98 -61.05 12.08
C LEU K 54 44.86 -60.87 11.06
N HIS K 55 44.83 -61.76 10.07
CA HIS K 55 43.71 -61.83 9.13
C HIS K 55 42.55 -62.61 9.75
N ALA K 56 41.39 -62.57 9.10
CA ALA K 56 40.21 -63.25 9.60
C ALA K 56 40.36 -64.76 9.58
N GLY K 57 40.22 -65.38 10.74
CA GLY K 57 40.23 -66.83 10.83
C GLY K 57 41.53 -67.44 11.33
N VAL K 58 42.63 -66.70 11.22
CA VAL K 58 43.93 -67.21 11.64
C VAL K 58 44.08 -67.12 13.15
N PRO K 59 44.41 -68.26 13.80
CA PRO K 59 44.25 -68.42 15.26
C PRO K 59 45.19 -67.54 16.08
N SER K 60 44.87 -67.41 17.37
CA SER K 60 45.58 -66.50 18.27
C SER K 60 47.06 -66.84 18.46
N ARG K 61 47.41 -68.10 18.25
CA ARG K 61 48.77 -68.59 18.48
C ARG K 61 49.79 -68.11 17.44
N PHE K 62 49.34 -67.29 16.49
CA PHE K 62 50.23 -66.67 15.53
C PHE K 62 50.59 -65.25 15.94
N SER K 63 51.87 -64.92 15.91
CA SER K 63 52.34 -63.56 16.19
C SER K 63 52.87 -62.92 14.92
N GLY K 64 53.86 -62.04 15.07
CA GLY K 64 54.42 -61.33 13.93
C GLY K 64 54.96 -59.99 14.38
N SER K 65 56.27 -59.81 14.29
CA SER K 65 56.91 -58.61 14.83
C SER K 65 58.05 -58.12 13.96
N GLY K 66 58.77 -57.12 14.45
CA GLY K 66 59.91 -56.58 13.74
C GLY K 66 59.63 -55.24 13.08
N SER K 67 60.65 -54.68 12.44
CA SER K 67 60.56 -53.40 11.75
C SER K 67 61.80 -53.18 10.91
N GLY K 68 61.79 -52.14 10.09
CA GLY K 68 62.97 -51.75 9.34
C GLY K 68 63.37 -52.73 8.24
N THR K 69 64.03 -53.81 8.63
CA THR K 69 64.54 -54.79 7.66
C THR K 69 64.49 -56.22 8.21
N ASP K 70 64.30 -56.36 9.51
CA ASP K 70 64.21 -57.67 10.17
C ASP K 70 62.79 -57.95 10.68
N TYR K 71 62.27 -59.13 10.34
CA TYR K 71 60.90 -59.49 10.69
C TYR K 71 60.80 -60.89 11.27
N SER K 72 59.58 -61.31 11.63
CA SER K 72 59.37 -62.53 12.40
C SER K 72 57.99 -63.14 12.18
N LEU K 73 57.88 -64.43 12.50
CA LEU K 73 56.60 -65.15 12.53
C LEU K 73 56.71 -66.23 13.59
N THR K 74 56.08 -66.00 14.74
CA THR K 74 56.18 -66.91 15.88
C THR K 74 54.88 -67.70 16.07
N ILE K 75 55.00 -68.93 16.57
CA ILE K 75 53.85 -69.76 16.86
C ILE K 75 53.88 -70.25 18.31
N SER K 76 52.72 -70.61 18.85
CA SER K 76 52.62 -71.16 20.20
C SER K 76 52.81 -72.68 20.18
N ASN K 77 51.78 -73.39 19.75
CA ASN K 77 51.88 -74.83 19.50
C ASN K 77 51.56 -75.13 18.04
N LEU K 78 52.09 -76.25 17.54
CA LEU K 78 51.92 -76.62 16.13
C LEU K 78 50.78 -77.60 15.91
N GLU K 79 49.88 -77.69 16.89
CA GLU K 79 48.79 -78.65 16.89
C GLU K 79 47.75 -78.35 15.79
N PRO K 80 47.43 -79.36 14.96
CA PRO K 80 48.42 -80.15 14.22
C PRO K 80 48.58 -79.73 12.76
N GLU K 81 47.69 -78.87 12.28
CA GLU K 81 47.63 -78.51 10.86
C GLU K 81 48.42 -77.25 10.52
N ASP K 82 49.51 -77.00 11.25
CA ASP K 82 50.39 -75.88 10.99
C ASP K 82 51.48 -76.23 9.98
N ILE K 83 51.38 -77.43 9.42
CA ILE K 83 52.38 -77.95 8.49
C ILE K 83 52.15 -77.43 7.07
N ALA K 84 52.98 -76.49 6.66
CA ALA K 84 52.83 -75.82 5.38
C ALA K 84 54.09 -75.03 5.04
N THR K 85 54.08 -74.39 3.87
CA THR K 85 55.18 -73.52 3.46
C THR K 85 54.76 -72.07 3.68
N TYR K 86 55.60 -71.31 4.39
CA TYR K 86 55.29 -69.94 4.76
C TYR K 86 56.12 -68.94 3.97
N PHE K 87 55.44 -67.95 3.39
CA PHE K 87 56.11 -66.95 2.56
C PHE K 87 56.03 -65.57 3.20
N CYS K 88 56.68 -64.59 2.57
CA CYS K 88 56.59 -63.20 3.01
C CYS K 88 56.87 -62.22 1.88
N GLN K 89 55.98 -61.25 1.72
CA GLN K 89 56.12 -60.23 0.69
C GLN K 89 56.24 -58.83 1.27
N HIS K 90 56.84 -57.93 0.50
CA HIS K 90 56.81 -56.50 0.80
C HIS K 90 55.91 -55.81 -0.21
N HIS K 91 55.43 -54.62 0.11
CA HIS K 91 54.60 -53.86 -0.81
C HIS K 91 54.79 -52.35 -0.70
N ILE K 92 56.01 -51.93 -0.40
CA ILE K 92 56.32 -50.51 -0.30
C ILE K 92 56.58 -49.89 -1.68
N LYS K 93 56.87 -50.74 -2.65
CA LYS K 93 57.09 -50.30 -4.03
C LYS K 93 56.89 -51.46 -4.99
N PHE K 94 56.52 -51.15 -6.23
CA PHE K 94 56.38 -52.15 -7.28
C PHE K 94 57.74 -52.41 -7.94
N PRO K 95 58.12 -53.69 -8.08
CA PRO K 95 57.24 -54.87 -7.95
C PRO K 95 57.33 -55.55 -6.58
N TRP K 96 56.23 -56.17 -6.17
CA TRP K 96 56.19 -56.96 -4.95
C TRP K 96 57.08 -58.19 -5.12
N THR K 97 57.84 -58.51 -4.07
CA THR K 97 58.73 -59.67 -4.10
C THR K 97 58.48 -60.51 -2.86
N PHE K 98 58.57 -61.82 -3.02
CA PHE K 98 58.36 -62.75 -1.91
C PHE K 98 59.69 -63.29 -1.36
N GLY K 99 59.60 -64.07 -0.28
CA GLY K 99 60.77 -64.72 0.25
C GLY K 99 61.09 -66.02 -0.46
N ALA K 100 62.14 -66.69 0.00
CA ALA K 100 62.59 -67.95 -0.59
C ALA K 100 61.65 -69.11 -0.24
N GLY K 101 60.84 -68.91 0.80
CA GLY K 101 59.99 -69.98 1.29
C GLY K 101 60.58 -70.62 2.53
N THR K 102 59.71 -71.18 3.37
CA THR K 102 60.13 -71.88 4.57
C THR K 102 59.18 -73.04 4.87
N LYS K 103 59.59 -74.25 4.53
CA LYS K 103 58.79 -75.43 4.81
C LYS K 103 58.84 -75.77 6.30
N LEU K 104 57.74 -76.33 6.80
CA LEU K 104 57.67 -76.74 8.20
C LEU K 104 57.30 -78.22 8.27
N GLU K 105 58.25 -79.03 8.74
CA GLU K 105 58.06 -80.47 8.78
C GLU K 105 57.99 -80.98 10.22
N ILE K 106 57.42 -82.17 10.39
CA ILE K 106 57.27 -82.79 11.71
C ILE K 106 58.01 -84.12 11.84
N LYS K 107 58.90 -84.20 12.81
CA LYS K 107 59.65 -85.43 13.07
C LYS K 107 58.96 -86.28 14.14
#